data_9U74
#
_entry.id   9U74
#
_cell.length_a   1.00
_cell.length_b   1.00
_cell.length_c   1.00
_cell.angle_alpha   90.00
_cell.angle_beta   90.00
_cell.angle_gamma   90.00
#
_symmetry.space_group_name_H-M   'P 1'
#
loop_
_entity.id
_entity.type
_entity.pdbx_description
1 polymer 'Fusion glycoprotein F2'
2 polymer 'Fusion glycoprotein F1'
3 polymer 'PR306007 Light chain protein'
4 polymer 'PR306007 Hight chain protein'
#
loop_
_entity_poly.entity_id
_entity_poly.type
_entity_poly.pdbx_seq_one_letter_code
_entity_poly.pdbx_strand_id
1 'polypeptide(L)' QNITEEFYQSTCSAVSKGYLSALRTGWYTSVITIELSNIKENKCNGTDAKVKLIKQELDKYKNAVTELQLLMQSTPAT A,C,E
2 'polypeptide(L)'
;FLGFLLGVGSAIASGVAVCKVLHLEGEVNKIKSALLSTNKAVVSLSNGVSVLTFKVLDLKNYIDKQLLPILNKQSCSISN
IETVIEFQQKNNRLLEITREFSVNAGVTTPVSTYMLTNSELLSLINDMPITNDQKKLMSNNVQIVRQQSYSIMCIIKEEV
LAYVVQLPLYGVIDTPCWKLHTSPLCTTNTKEGSNICLTRTDRGWYCDNAGSVSFFPQAETCKVQSNRVFCDTMNSLTLP
SEVNLCNVDIFNPKYDCKIMTSKTDVSSSVITSLGAIVSCYGKTKCTASNKNRGIIKTFSNGCDYVSNKGVDTVSVGNTL
YYVNKQEGKSLYVKGEPIINFYDPLVFPSDEFDASISQVNEKINQSLAFIRKSDELLSAIGGYIPEAPRDGQAYVRKDGE
WVLLSTFL
;
B,D,F
3 'polypeptide(L)'
;IQLTQSPSTLSASVNDRVTLTCRASQSISSWLAWYQQKPGKAPKLLIYQASSLQSGVPSRFTGSGSGTEFTLTISSLQPD
DFATYYCQQFNSYWTFGQGTKVEI
;
G
4 'polypeptide(L)'
;VQLVQSGAEVKKPGASVKVSCKASGYTFTSYDINWVRQATGQGLEWMGWMNPNSGNTGYAQKFQGRVTMTRQTSRSTAYM
ELSSLRSEDTAVYYCAREDWGSAAFDSWGQGTMVTVSSA
;
H
#
# COMPACT_ATOMS: atom_id res chain seq x y z
N GLN A 1 22.27 -16.60 -4.83
CA GLN A 1 22.97 -15.36 -5.15
C GLN A 1 23.48 -15.39 -6.58
N ASN A 2 22.65 -15.87 -7.49
CA ASN A 2 22.97 -15.92 -8.92
C ASN A 2 21.84 -15.20 -9.65
N ILE A 3 21.98 -13.87 -9.79
CA ILE A 3 20.96 -13.03 -10.39
C ILE A 3 21.43 -12.61 -11.78
N THR A 4 20.59 -12.82 -12.78
CA THR A 4 20.95 -12.53 -14.15
C THR A 4 19.81 -11.81 -14.85
N GLU A 5 20.15 -11.15 -15.95
CA GLU A 5 19.19 -10.41 -16.75
C GLU A 5 19.33 -10.79 -18.22
N GLU A 6 18.20 -10.84 -18.91
CA GLU A 6 18.16 -11.05 -20.35
C GLU A 6 17.32 -9.94 -20.97
N PHE A 7 17.87 -9.29 -21.99
CA PHE A 7 17.22 -8.16 -22.64
C PHE A 7 16.81 -8.55 -24.05
N TYR A 8 15.53 -8.36 -24.36
CA TYR A 8 14.99 -8.64 -25.68
C TYR A 8 14.77 -7.31 -26.38
N GLN A 9 15.57 -7.05 -27.42
CA GLN A 9 15.44 -5.83 -28.19
C GLN A 9 14.21 -5.86 -29.10
N SER A 10 13.76 -7.05 -29.50
CA SER A 10 12.58 -7.13 -30.34
C SER A 10 11.34 -6.61 -29.66
N THR A 11 11.35 -6.53 -28.33
CA THR A 11 10.24 -5.95 -27.58
C THR A 11 10.68 -4.85 -26.63
N CYS A 12 11.97 -4.50 -26.60
CA CYS A 12 12.52 -3.51 -25.67
C CYS A 12 12.15 -3.86 -24.24
N SER A 13 12.36 -5.12 -23.87
CA SER A 13 11.95 -5.62 -22.58
C SER A 13 13.13 -6.27 -21.87
N ALA A 14 13.01 -6.37 -20.55
CA ALA A 14 14.05 -6.96 -19.71
C ALA A 14 13.43 -7.98 -18.78
N VAL A 15 14.13 -9.09 -18.56
CA VAL A 15 13.65 -10.18 -17.73
C VAL A 15 14.75 -10.58 -16.77
N SER A 16 14.46 -10.56 -15.48
CA SER A 16 15.40 -11.04 -14.48
C SER A 16 15.09 -12.51 -14.17
N LYS A 17 15.88 -13.10 -13.29
CA LYS A 17 15.69 -14.49 -12.88
C LYS A 17 16.50 -14.75 -11.62
N GLY A 18 16.37 -15.96 -11.09
CA GLY A 18 17.15 -16.38 -9.95
C GLY A 18 16.55 -16.06 -8.60
N TYR A 19 15.53 -15.20 -8.55
CA TYR A 19 14.91 -14.86 -7.28
C TYR A 19 14.10 -16.04 -6.75
N LEU A 20 14.15 -16.23 -5.44
CA LEU A 20 13.37 -17.27 -4.79
C LEU A 20 11.99 -16.76 -4.43
N SER A 21 11.16 -17.65 -3.89
CA SER A 21 9.77 -17.35 -3.62
C SER A 21 9.45 -17.49 -2.14
N ALA A 22 8.50 -16.68 -1.69
CA ALA A 22 7.93 -16.81 -0.35
C ALA A 22 6.55 -16.17 -0.39
N LEU A 23 5.51 -16.99 -0.45
CA LEU A 23 4.15 -16.52 -0.62
C LEU A 23 3.38 -16.54 0.70
N ARG A 24 2.27 -15.81 0.72
CA ARG A 24 1.37 -15.77 1.86
C ARG A 24 0.03 -16.33 1.46
N THR A 25 -0.51 -17.26 2.25
CA THR A 25 -1.78 -17.89 1.94
C THR A 25 -2.73 -18.01 3.12
N GLY A 26 -2.24 -18.00 4.37
CA GLY A 26 -3.09 -18.20 5.52
C GLY A 26 -2.83 -17.15 6.60
N TRP A 27 -3.74 -17.13 7.57
CA TRP A 27 -3.65 -16.20 8.69
C TRP A 27 -3.88 -16.97 9.99
N TYR A 28 -3.08 -16.63 11.01
CA TYR A 28 -3.23 -17.22 12.33
C TYR A 28 -3.72 -16.14 13.28
N THR A 29 -4.84 -16.42 13.96
CA THR A 29 -5.46 -15.46 14.87
C THR A 29 -5.14 -15.86 16.30
N SER A 30 -4.01 -15.37 16.80
CA SER A 30 -3.59 -15.62 18.16
C SER A 30 -3.89 -14.40 19.01
N VAL A 31 -4.63 -14.59 20.09
CA VAL A 31 -5.05 -13.50 20.94
C VAL A 31 -3.94 -13.13 21.90
N ILE A 32 -3.93 -11.86 22.31
CA ILE A 32 -2.96 -11.35 23.27
C ILE A 32 -3.75 -10.70 24.39
N THR A 33 -3.30 -10.88 25.63
CA THR A 33 -4.01 -10.37 26.79
C THR A 33 -3.06 -9.63 27.72
N ILE A 34 -3.64 -8.71 28.48
CA ILE A 34 -2.91 -7.93 29.49
C ILE A 34 -3.75 -7.91 30.76
N GLU A 35 -3.14 -8.32 31.87
CA GLU A 35 -3.83 -8.26 33.15
C GLU A 35 -4.05 -6.81 33.57
N LEU A 36 -5.13 -6.58 34.31
CA LEU A 36 -5.48 -5.22 34.74
C LEU A 36 -6.04 -5.27 36.15
N SER A 37 -6.07 -4.09 36.80
CA SER A 37 -6.61 -4.01 38.18
C SER A 37 -7.77 -3.02 38.23
N ASN A 38 -8.71 -3.20 39.16
CA ASN A 38 -9.88 -2.29 39.30
C ASN A 38 -9.38 -0.88 39.63
N ILE A 39 -8.37 -0.78 40.50
CA ILE A 39 -7.77 0.53 40.91
C ILE A 39 -8.71 1.24 41.91
N LYS A 40 -8.31 1.31 43.18
CA LYS A 40 -9.12 2.02 44.20
C LYS A 40 -8.93 3.55 44.02
N GLU A 41 -9.93 4.34 44.40
CA GLU A 41 -9.86 5.81 44.23
C GLU A 41 -9.65 6.48 45.60
N ASN A 42 -9.11 5.73 46.58
CA ASN A 42 -8.89 6.28 47.95
C ASN A 42 -8.01 7.53 47.87
N LYS A 43 -8.33 8.56 48.65
CA LYS A 43 -7.53 9.82 48.65
C LYS A 43 -6.67 9.88 49.92
N CYS A 44 -5.45 10.43 49.80
CA CYS A 44 -4.54 10.53 50.97
C CYS A 44 -4.65 11.92 51.59
N ASN A 45 -4.61 12.01 52.92
CA ASN A 45 -4.67 13.32 53.62
C ASN A 45 -3.84 14.35 52.84
N GLY A 46 -2.55 14.07 52.67
CA GLY A 46 -1.69 15.01 51.96
C GLY A 46 -0.61 14.36 51.13
N THR A 47 -0.54 14.73 49.85
CA THR A 47 0.45 14.18 48.93
C THR A 47 1.56 15.19 48.63
N ASP A 48 1.68 16.25 49.44
CA ASP A 48 2.68 17.27 49.22
C ASP A 48 4.10 16.75 49.34
N ALA A 49 4.29 15.56 49.93
CA ALA A 49 5.59 14.96 50.05
C ALA A 49 5.97 14.31 48.70
N LYS A 50 7.00 13.48 48.72
CA LYS A 50 7.51 12.84 47.51
C LYS A 50 6.49 11.86 46.91
N VAL A 51 5.31 11.75 47.53
CA VAL A 51 4.26 10.89 47.01
C VAL A 51 3.35 11.71 46.09
N LYS A 52 3.80 12.90 45.71
CA LYS A 52 3.04 13.71 44.76
C LYS A 52 2.89 12.99 43.42
N LEU A 53 3.94 12.29 42.97
CA LEU A 53 3.85 11.55 41.72
C LEU A 53 2.78 10.47 41.79
N ILE A 54 2.72 9.75 42.92
CA ILE A 54 1.75 8.67 43.06
C ILE A 54 0.32 9.17 43.00
N LYS A 55 0.06 10.38 43.46
CA LYS A 55 -1.28 10.94 43.40
C LYS A 55 -1.66 11.42 42.01
N GLN A 56 -0.68 11.91 41.24
CA GLN A 56 -0.98 12.42 39.90
C GLN A 56 -1.02 11.30 38.87
N GLU A 57 0.07 10.54 38.74
CA GLU A 57 0.15 9.52 37.70
C GLU A 57 -0.57 8.24 38.13
N LEU A 58 -1.78 8.37 38.64
CA LEU A 58 -2.70 7.26 38.80
C LEU A 58 -4.02 7.68 38.16
N ASP A 59 -4.31 8.97 38.24
CA ASP A 59 -5.41 9.53 37.48
C ASP A 59 -5.17 9.34 35.98
N LYS A 60 -3.92 9.40 35.54
CA LYS A 60 -3.62 9.15 34.14
C LYS A 60 -3.99 7.72 33.74
N TYR A 61 -3.67 6.76 34.60
CA TYR A 61 -4.05 5.37 34.33
C TYR A 61 -5.57 5.22 34.34
N LYS A 62 -6.25 5.90 35.27
CA LYS A 62 -7.70 5.85 35.30
C LYS A 62 -8.31 6.40 34.01
N ASN A 63 -7.80 7.54 33.54
CA ASN A 63 -8.31 8.09 32.29
C ASN A 63 -7.98 7.20 31.10
N ALA A 64 -6.81 6.56 31.10
CA ALA A 64 -6.48 5.66 30.00
C ALA A 64 -7.45 4.48 29.96
N VAL A 65 -7.73 3.86 31.10
CA VAL A 65 -8.64 2.72 31.10
C VAL A 65 -10.05 3.18 30.77
N THR A 66 -10.43 4.39 31.19
CA THR A 66 -11.73 4.92 30.80
C THR A 66 -11.83 5.14 29.30
N GLU A 67 -10.77 5.67 28.69
CA GLU A 67 -10.76 5.86 27.24
C GLU A 67 -10.85 4.53 26.52
N LEU A 68 -10.14 3.51 27.02
CA LEU A 68 -10.25 2.19 26.43
C LEU A 68 -11.66 1.64 26.56
N GLN A 69 -12.30 1.90 27.71
CA GLN A 69 -13.71 1.54 27.87
C GLN A 69 -14.58 2.24 26.83
N LEU A 70 -14.25 3.49 26.50
CA LEU A 70 -15.07 4.26 25.57
C LEU A 70 -15.14 3.59 24.21
N LEU A 71 -14.00 3.17 23.66
CA LEU A 71 -13.94 2.55 22.35
C LEU A 71 -14.12 1.04 22.40
N MET A 72 -14.63 0.51 23.51
CA MET A 72 -14.83 -0.92 23.64
C MET A 72 -15.93 -1.45 22.73
N GLN A 73 -16.72 -0.57 22.11
CA GLN A 73 -17.82 -0.97 21.23
C GLN A 73 -17.35 -1.26 19.82
N SER A 74 -16.07 -1.58 19.63
CA SER A 74 -15.54 -1.88 18.30
C SER A 74 -15.91 -3.28 17.85
N PHE B 1 -0.27 -1.33 -14.85
CA PHE B 1 -1.44 -0.76 -15.51
C PHE B 1 -2.62 -1.72 -15.47
N LEU B 2 -2.39 -2.91 -14.90
CA LEU B 2 -3.41 -3.95 -14.81
C LEU B 2 -4.08 -4.00 -13.45
N GLY B 3 -4.18 -2.85 -12.76
CA GLY B 3 -4.74 -2.84 -11.42
C GLY B 3 -6.23 -3.05 -11.36
N PHE B 4 -6.95 -2.77 -12.44
CA PHE B 4 -8.40 -2.87 -12.40
C PHE B 4 -8.88 -4.32 -12.47
N LEU B 5 -8.12 -5.20 -13.11
CA LEU B 5 -8.53 -6.60 -13.23
C LEU B 5 -8.46 -7.36 -11.91
N LEU B 6 -7.86 -6.78 -10.88
CA LEU B 6 -7.74 -7.47 -9.60
C LEU B 6 -9.10 -7.61 -8.94
N GLY B 7 -9.20 -8.60 -8.07
CA GLY B 7 -10.35 -8.72 -7.19
C GLY B 7 -10.20 -7.85 -5.97
N VAL B 8 -11.34 -7.61 -5.31
CA VAL B 8 -11.38 -6.81 -4.10
C VAL B 8 -11.93 -7.68 -2.98
N GLY B 9 -11.19 -7.77 -1.88
CA GLY B 9 -11.63 -8.57 -0.76
C GLY B 9 -11.36 -7.90 0.57
N SER B 10 -11.59 -8.61 1.66
CA SER B 10 -11.39 -8.09 3.00
C SER B 10 -10.14 -8.71 3.61
N ALA B 11 -9.49 -7.95 4.48
CA ALA B 11 -8.24 -8.39 5.09
C ALA B 11 -8.38 -8.81 6.54
N ILE B 12 -9.24 -8.14 7.30
CA ILE B 12 -9.36 -8.39 8.73
C ILE B 12 -10.60 -9.23 9.06
N ALA B 13 -11.10 -10.00 8.09
CA ALA B 13 -12.31 -10.77 8.33
C ALA B 13 -12.10 -11.80 9.44
N SER B 14 -10.96 -12.50 9.44
CA SER B 14 -10.74 -13.55 10.42
C SER B 14 -10.64 -13.00 11.83
N GLY B 15 -9.92 -11.89 12.00
CA GLY B 15 -9.83 -11.28 13.32
C GLY B 15 -11.18 -10.81 13.83
N VAL B 16 -11.99 -10.23 12.94
CA VAL B 16 -13.33 -9.80 13.32
C VAL B 16 -14.17 -11.01 13.73
N ALA B 17 -14.04 -12.12 13.00
CA ALA B 17 -14.78 -13.32 13.36
C ALA B 17 -14.39 -13.82 14.74
N VAL B 18 -13.09 -13.87 15.02
CA VAL B 18 -12.64 -14.32 16.34
C VAL B 18 -13.14 -13.37 17.43
N CYS B 19 -13.08 -12.07 17.16
CA CYS B 19 -13.57 -11.10 18.15
C CYS B 19 -15.05 -11.28 18.42
N LYS B 20 -15.84 -11.53 17.37
CA LYS B 20 -17.26 -11.76 17.55
C LYS B 20 -17.52 -13.02 18.36
N VAL B 21 -16.74 -14.07 18.11
CA VAL B 21 -16.88 -15.33 18.90
C VAL B 21 -16.52 -15.03 20.36
N LEU B 22 -15.65 -14.03 20.60
CA LEU B 22 -15.19 -13.73 21.99
C LEU B 22 -16.22 -12.87 22.73
N HIS B 23 -17.51 -12.97 22.40
CA HIS B 23 -18.51 -12.20 23.13
C HIS B 23 -19.67 -13.07 23.59
N LEU B 24 -19.36 -14.25 24.12
CA LEU B 24 -20.39 -15.19 24.54
C LEU B 24 -20.62 -15.20 26.05
N GLU B 25 -20.06 -14.22 26.76
CA GLU B 25 -20.24 -13.98 28.20
C GLU B 25 -19.64 -15.07 29.08
N GLY B 26 -19.07 -16.13 28.51
CA GLY B 26 -18.43 -17.16 29.29
C GLY B 26 -17.00 -17.42 28.87
N GLU B 27 -16.68 -17.07 27.62
CA GLU B 27 -15.37 -17.39 27.06
C GLU B 27 -14.25 -16.68 27.80
N VAL B 28 -14.47 -15.40 28.13
CA VAL B 28 -13.41 -14.61 28.77
C VAL B 28 -13.07 -15.16 30.15
N ASN B 29 -14.10 -15.56 30.91
CA ASN B 29 -13.83 -16.18 32.20
C ASN B 29 -13.10 -17.51 32.04
N LYS B 30 -13.44 -18.26 30.98
CA LYS B 30 -12.73 -19.50 30.71
C LYS B 30 -11.25 -19.25 30.42
N ILE B 31 -10.95 -18.20 29.65
CA ILE B 31 -9.55 -17.86 29.37
C ILE B 31 -8.83 -17.47 30.64
N LYS B 32 -9.48 -16.63 31.46
CA LYS B 32 -8.86 -16.18 32.70
C LYS B 32 -8.57 -17.37 33.61
N SER B 33 -9.50 -18.32 33.70
CA SER B 33 -9.27 -19.50 34.53
C SER B 33 -8.16 -20.38 33.95
N ALA B 34 -8.16 -20.60 32.63
CA ALA B 34 -7.19 -21.46 31.99
C ALA B 34 -5.80 -20.86 31.95
N LEU B 35 -5.65 -19.56 32.22
CA LEU B 35 -4.34 -18.95 32.27
C LEU B 35 -4.15 -18.42 33.69
N LEU B 36 -4.51 -19.22 34.68
CA LEU B 36 -4.49 -18.77 36.07
C LEU B 36 -3.06 -18.55 36.56
N SER B 37 -2.17 -19.52 36.33
CA SER B 37 -0.82 -19.44 36.86
C SER B 37 0.22 -19.90 35.84
N THR B 38 -0.07 -19.73 34.55
CA THR B 38 0.85 -20.12 33.51
C THR B 38 0.64 -19.25 32.28
N ASN B 39 1.60 -19.29 31.37
CA ASN B 39 1.58 -18.48 30.17
C ASN B 39 1.42 -19.36 28.93
N LYS B 40 0.87 -18.76 27.88
CA LYS B 40 0.84 -19.33 26.54
C LYS B 40 0.12 -20.68 26.52
N ALA B 41 -1.16 -20.64 26.83
CA ALA B 41 -2.01 -21.82 26.80
C ALA B 41 -2.71 -21.94 25.45
N VAL B 42 -3.33 -23.10 25.22
CA VAL B 42 -4.11 -23.37 24.03
C VAL B 42 -5.55 -23.60 24.46
N VAL B 43 -6.47 -22.86 23.85
CA VAL B 43 -7.87 -22.89 24.28
C VAL B 43 -8.77 -23.21 23.11
N SER B 44 -9.97 -23.69 23.44
CA SER B 44 -11.00 -23.99 22.47
C SER B 44 -12.25 -23.22 22.85
N LEU B 45 -12.75 -22.41 21.92
CA LEU B 45 -13.92 -21.59 22.16
C LEU B 45 -15.18 -22.36 21.80
N SER B 46 -16.34 -21.73 22.04
CA SER B 46 -17.60 -22.38 21.73
C SER B 46 -17.79 -22.59 20.24
N ASN B 47 -17.07 -21.82 19.42
CA ASN B 47 -17.15 -22.00 17.97
C ASN B 47 -16.56 -23.34 17.53
N GLY B 48 -15.76 -23.98 18.38
CA GLY B 48 -15.21 -25.27 18.06
C GLY B 48 -13.85 -25.20 17.38
N VAL B 49 -13.13 -24.10 17.59
CA VAL B 49 -11.80 -23.93 17.03
C VAL B 49 -10.78 -24.01 18.17
N SER B 50 -9.50 -24.00 17.79
CA SER B 50 -8.40 -24.09 18.76
C SER B 50 -7.45 -22.93 18.49
N VAL B 51 -7.42 -21.96 19.40
CA VAL B 51 -6.57 -20.80 19.27
C VAL B 51 -5.56 -20.77 20.41
N LEU B 52 -4.62 -19.85 20.31
CA LEU B 52 -3.50 -19.75 21.24
C LEU B 52 -3.55 -18.41 21.94
N THR B 53 -3.55 -18.44 23.27
CA THR B 53 -3.54 -17.24 24.08
C THR B 53 -2.12 -16.93 24.54
N PHE B 54 -1.94 -15.72 25.08
CA PHE B 54 -0.62 -15.26 25.49
C PHE B 54 -0.74 -14.03 26.39
N LYS B 55 -0.10 -14.06 27.56
CA LYS B 55 -0.06 -12.93 28.46
C LYS B 55 1.34 -12.32 28.42
N VAL B 56 1.41 -11.02 28.14
CA VAL B 56 2.68 -10.35 27.93
C VAL B 56 3.00 -9.39 29.08
N LEU B 57 2.02 -8.68 29.61
CA LEU B 57 2.24 -7.72 30.68
C LEU B 57 1.28 -8.01 31.82
N ASP B 58 1.81 -8.06 33.04
CA ASP B 58 1.03 -8.32 34.23
C ASP B 58 1.11 -7.10 35.15
N LEU B 59 -0.05 -6.59 35.55
CA LEU B 59 -0.13 -5.46 36.46
C LEU B 59 -0.98 -5.70 37.69
N LYS B 60 -1.88 -6.68 37.68
CA LYS B 60 -2.72 -6.92 38.84
C LYS B 60 -1.89 -7.30 40.06
N ASN B 61 -0.91 -8.18 39.88
CA ASN B 61 -0.10 -8.63 41.00
C ASN B 61 0.73 -7.49 41.57
N TYR B 62 1.41 -6.73 40.70
CA TYR B 62 2.27 -5.65 41.19
C TYR B 62 1.45 -4.55 41.85
N ILE B 63 0.31 -4.19 41.26
CA ILE B 63 -0.54 -3.16 41.85
C ILE B 63 -1.08 -3.63 43.19
N ASP B 64 -1.53 -4.89 43.27
CA ASP B 64 -2.05 -5.40 44.53
C ASP B 64 -0.97 -5.41 45.60
N LYS B 65 0.28 -5.72 45.22
CA LYS B 65 1.36 -5.75 46.19
C LYS B 65 1.77 -4.36 46.64
N GLN B 66 1.82 -3.39 45.72
CA GLN B 66 2.37 -2.08 46.01
C GLN B 66 1.33 -1.00 46.29
N LEU B 67 0.03 -1.35 46.32
CA LEU B 67 -0.97 -0.35 46.61
C LEU B 67 -1.33 -0.30 48.09
N LEU B 68 -1.19 -1.42 48.80
CA LEU B 68 -1.50 -1.44 50.23
C LEU B 68 -0.70 -0.40 51.01
N PRO B 69 0.62 -0.28 50.86
CA PRO B 69 1.33 0.80 51.58
C PRO B 69 0.93 2.19 51.13
N ILE B 70 0.33 2.35 49.96
CA ILE B 70 -0.04 3.67 49.48
C ILE B 70 -1.52 3.97 49.71
N LEU B 71 -2.40 2.98 49.57
CA LEU B 71 -3.83 3.19 49.74
C LEU B 71 -4.27 3.15 51.19
N ASN B 72 -3.63 2.30 52.00
CA ASN B 72 -4.04 2.15 53.43
C ASN B 72 -3.82 3.46 54.18
N LYS B 73 -4.33 3.56 55.41
CA LYS B 73 -4.22 4.80 56.20
C LYS B 73 -2.77 4.97 56.71
N GLN B 74 -1.80 5.00 55.79
CA GLN B 74 -0.38 5.20 56.18
C GLN B 74 0.00 6.66 55.90
N SER B 75 -1.01 7.51 55.64
CA SER B 75 -0.75 8.94 55.33
C SER B 75 0.22 9.05 54.15
N CYS B 76 0.07 8.18 53.14
CA CYS B 76 0.97 8.19 51.97
C CYS B 76 2.42 8.37 52.46
N SER B 77 2.87 7.49 53.36
CA SER B 77 4.23 7.65 53.95
C SER B 77 5.32 7.28 52.94
N ILE B 78 5.85 8.27 52.21
CA ILE B 78 6.99 8.00 51.28
C ILE B 78 8.03 7.14 52.04
N SER B 79 8.52 6.07 51.40
CA SER B 79 9.51 5.21 52.04
C SER B 79 10.87 5.30 51.36
N ASN B 80 10.91 5.10 50.05
CA ASN B 80 12.15 5.01 49.29
C ASN B 80 11.78 5.11 47.82
N ILE B 81 12.76 4.94 46.94
CA ILE B 81 12.54 4.86 45.51
C ILE B 81 12.68 3.38 45.16
N GLU B 82 12.37 3.01 43.92
CA GLU B 82 12.03 1.68 43.39
C GLU B 82 10.53 1.44 43.57
N THR B 83 9.82 2.37 44.20
CA THR B 83 8.37 2.47 44.06
C THR B 83 7.99 3.35 42.87
N VAL B 84 8.66 4.48 42.71
CA VAL B 84 8.49 5.29 41.50
C VAL B 84 9.07 4.57 40.30
N ILE B 85 10.20 3.88 40.49
CA ILE B 85 10.82 3.17 39.37
C ILE B 85 9.89 2.07 38.85
N GLU B 86 9.39 1.23 39.74
CA GLU B 86 8.61 0.07 39.33
C GLU B 86 7.22 0.43 38.82
N PHE B 87 6.80 1.68 38.96
CA PHE B 87 5.47 2.10 38.55
C PHE B 87 5.50 3.07 37.36
N GLN B 88 6.29 4.13 37.46
CA GLN B 88 6.36 5.11 36.38
C GLN B 88 6.86 4.48 35.09
N GLN B 89 7.79 3.54 35.20
CA GLN B 89 8.32 2.89 33.99
C GLN B 89 7.33 1.89 33.41
N LYS B 90 6.34 1.45 34.20
CA LYS B 90 5.44 0.40 33.75
C LYS B 90 4.28 0.97 32.93
N ASN B 91 3.59 1.98 33.47
CA ASN B 91 2.35 2.45 32.86
C ASN B 91 2.55 3.13 31.51
N ASN B 92 3.80 3.45 31.14
CA ASN B 92 4.04 4.09 29.85
C ASN B 92 3.61 3.20 28.69
N ARG B 93 3.82 1.89 28.81
CA ARG B 93 3.43 0.99 27.73
C ARG B 93 1.93 1.00 27.52
N LEU B 94 1.15 0.94 28.61
CA LEU B 94 -0.30 1.00 28.47
C LEU B 94 -0.73 2.35 27.92
N LEU B 95 -0.07 3.42 28.35
CA LEU B 95 -0.38 4.74 27.82
C LEU B 95 -0.18 4.78 26.31
N GLU B 96 0.92 4.20 25.83
CA GLU B 96 1.18 4.22 24.39
C GLU B 96 0.25 3.28 23.64
N ILE B 97 -0.19 2.19 24.26
CA ILE B 97 -1.19 1.33 23.63
C ILE B 97 -2.47 2.10 23.40
N THR B 98 -2.94 2.80 24.43
CA THR B 98 -4.12 3.65 24.26
C THR B 98 -3.86 4.74 23.22
N ARG B 99 -2.65 5.30 23.23
CA ARG B 99 -2.24 6.28 22.23
C ARG B 99 -2.53 5.78 20.82
N GLU B 100 -1.88 4.68 20.45
CA GLU B 100 -1.98 4.18 19.09
C GLU B 100 -3.40 3.75 18.74
N PHE B 101 -4.09 3.08 19.67
CA PHE B 101 -5.41 2.58 19.34
C PHE B 101 -6.45 3.69 19.29
N SER B 102 -6.17 4.83 19.92
CA SER B 102 -7.08 5.97 19.78
C SER B 102 -6.80 6.74 18.50
N VAL B 103 -5.52 6.89 18.14
CA VAL B 103 -5.20 7.61 16.91
C VAL B 103 -5.70 6.84 15.70
N ASN B 104 -5.45 5.53 15.67
CA ASN B 104 -5.79 4.74 14.49
C ASN B 104 -7.24 4.27 14.47
N ALA B 105 -7.97 4.42 15.58
CA ALA B 105 -9.39 4.07 15.65
C ALA B 105 -9.62 2.58 15.39
N GLY B 106 -9.04 1.74 16.25
CA GLY B 106 -9.22 0.28 16.11
C GLY B 106 -8.02 -0.38 15.48
N VAL B 107 -8.15 -0.87 14.25
CA VAL B 107 -7.03 -1.54 13.55
C VAL B 107 -5.85 -0.56 13.46
N THR B 108 -4.64 -1.02 13.80
CA THR B 108 -3.47 -0.13 13.82
C THR B 108 -2.49 -0.56 12.74
N THR B 109 -1.61 0.36 12.31
CA THR B 109 -0.58 0.03 11.30
C THR B 109 0.25 -1.14 11.79
N PRO B 110 1.01 -1.85 10.93
CA PRO B 110 1.86 -2.94 11.35
C PRO B 110 2.21 -2.95 12.84
N VAL B 111 1.85 -4.03 13.54
CA VAL B 111 2.09 -4.13 15.02
C VAL B 111 3.32 -3.31 15.40
N SER B 112 3.12 -2.26 16.22
CA SER B 112 4.24 -1.39 16.66
C SER B 112 5.09 -2.12 17.71
N THR B 113 6.34 -1.69 17.89
CA THR B 113 7.24 -2.31 18.88
C THR B 113 6.61 -2.24 20.25
N TYR B 114 5.66 -1.33 20.45
CA TYR B 114 5.05 -1.17 21.77
C TYR B 114 3.92 -2.17 21.98
N MET B 115 3.25 -2.59 20.90
CA MET B 115 2.24 -3.63 21.03
C MET B 115 2.87 -4.99 21.27
N LEU B 116 4.02 -5.25 20.65
CA LEU B 116 4.70 -6.53 20.77
C LEU B 116 6.21 -6.31 20.68
N THR B 117 6.94 -6.85 21.64
CA THR B 117 8.39 -6.74 21.66
C THR B 117 9.02 -7.92 20.94
N ASN B 118 10.30 -7.75 20.57
CA ASN B 118 10.98 -8.78 19.79
C ASN B 118 11.06 -10.10 20.53
N SER B 119 11.39 -10.07 21.81
CA SER B 119 11.41 -11.30 22.60
C SER B 119 10.01 -11.90 22.66
N GLU B 120 8.99 -11.06 22.85
CA GLU B 120 7.62 -11.56 22.86
C GLU B 120 7.25 -12.16 21.51
N LEU B 121 7.62 -11.49 20.41
CA LEU B 121 7.28 -12.03 19.10
C LEU B 121 7.96 -13.36 18.84
N LEU B 122 9.23 -13.49 19.20
CA LEU B 122 9.92 -14.76 18.99
C LEU B 122 9.35 -15.86 19.87
N SER B 123 9.05 -15.56 21.14
CA SER B 123 8.42 -16.55 21.99
C SER B 123 7.05 -16.93 21.48
N LEU B 124 6.37 -16.03 20.77
CA LEU B 124 5.09 -16.38 20.15
C LEU B 124 5.31 -17.25 18.92
N ILE B 125 6.39 -17.02 18.19
CA ILE B 125 6.66 -17.81 16.99
C ILE B 125 6.82 -19.26 17.36
N ASN B 126 7.53 -19.53 18.46
CA ASN B 126 7.72 -20.90 18.93
C ASN B 126 6.37 -21.48 19.35
N ASP B 127 5.57 -20.65 20.01
CA ASP B 127 4.24 -21.04 20.49
C ASP B 127 3.29 -21.38 19.36
N MET B 128 3.36 -20.61 18.27
CA MET B 128 2.48 -20.83 17.12
C MET B 128 2.72 -22.20 16.51
N PRO B 129 1.63 -22.86 16.09
CA PRO B 129 1.68 -24.20 15.48
C PRO B 129 1.86 -24.17 13.97
N ILE B 130 2.82 -24.97 13.49
CA ILE B 130 3.11 -25.06 12.07
C ILE B 130 4.32 -25.95 11.91
N THR B 131 4.61 -26.32 10.66
CA THR B 131 5.73 -27.20 10.37
C THR B 131 7.04 -26.54 10.76
N ASN B 132 8.05 -27.38 11.03
CA ASN B 132 9.36 -26.87 11.40
C ASN B 132 10.01 -26.11 10.26
N ASP B 133 9.53 -26.31 9.03
CA ASP B 133 10.17 -25.65 7.89
C ASP B 133 10.04 -24.14 7.97
N GLN B 134 8.90 -23.64 8.40
CA GLN B 134 8.65 -22.20 8.41
C GLN B 134 9.11 -21.55 9.71
N LYS B 135 10.34 -21.84 10.13
CA LYS B 135 10.95 -21.14 11.25
C LYS B 135 12.03 -20.19 10.79
N LYS B 136 13.06 -20.70 10.11
CA LYS B 136 14.12 -19.84 9.62
C LYS B 136 13.65 -18.92 8.50
N LEU B 137 12.53 -19.25 7.85
CA LEU B 137 12.04 -18.36 6.80
C LEU B 137 11.52 -17.06 7.38
N MET B 138 10.88 -17.11 8.54
CA MET B 138 10.28 -15.91 9.12
C MET B 138 10.71 -15.70 10.58
N SER B 139 11.86 -16.24 10.98
CA SER B 139 12.47 -15.82 12.23
C SER B 139 13.62 -14.85 12.00
N ASN B 140 14.25 -14.92 10.83
CA ASN B 140 15.28 -13.96 10.44
C ASN B 140 14.70 -12.74 9.74
N ASN B 141 13.40 -12.70 9.52
CA ASN B 141 12.75 -11.63 8.77
C ASN B 141 11.58 -11.07 9.55
N VAL B 142 11.79 -10.79 10.83
CA VAL B 142 10.74 -10.21 11.65
C VAL B 142 10.42 -8.80 11.18
N GLN B 143 11.44 -8.06 10.71
CA GLN B 143 11.21 -6.69 10.28
C GLN B 143 10.26 -6.62 9.09
N ILE B 144 10.12 -7.70 8.32
CA ILE B 144 9.18 -7.71 7.22
C ILE B 144 7.90 -8.46 7.56
N VAL B 145 7.94 -9.36 8.55
CA VAL B 145 6.71 -9.96 9.03
C VAL B 145 5.85 -8.93 9.75
N ARG B 146 6.49 -8.00 10.47
CA ARG B 146 5.75 -6.96 11.17
C ARG B 146 4.93 -6.12 10.20
N GLN B 147 5.40 -5.93 8.98
CA GLN B 147 4.65 -5.14 8.01
C GLN B 147 3.52 -5.90 7.34
N GLN B 148 3.39 -7.19 7.61
CA GLN B 148 2.35 -8.01 6.99
C GLN B 148 1.36 -8.56 8.02
N SER B 149 1.17 -7.85 9.13
CA SER B 149 0.29 -8.31 10.19
C SER B 149 -0.52 -7.15 10.73
N TYR B 150 -1.81 -7.40 10.97
CA TYR B 150 -2.70 -6.37 11.50
C TYR B 150 -2.79 -6.50 13.02
N SER B 151 -3.71 -5.75 13.62
CA SER B 151 -3.95 -5.79 15.06
C SER B 151 -5.28 -5.15 15.37
N ILE B 152 -6.17 -5.87 16.07
CA ILE B 152 -7.55 -5.43 16.26
C ILE B 152 -7.88 -5.43 17.74
N MET B 153 -8.38 -4.30 18.24
CA MET B 153 -8.95 -4.28 19.58
C MET B 153 -10.24 -5.10 19.61
N CYS B 154 -10.40 -5.89 20.66
CA CYS B 154 -11.53 -6.80 20.76
C CYS B 154 -12.49 -6.46 21.89
N ILE B 155 -12.02 -6.45 23.14
CA ILE B 155 -12.93 -6.30 24.26
C ILE B 155 -12.18 -5.97 25.55
N ILE B 156 -12.85 -5.28 26.46
CA ILE B 156 -12.40 -5.09 27.83
C ILE B 156 -13.46 -5.67 28.74
N LYS B 157 -13.03 -6.31 29.82
CA LYS B 157 -13.92 -7.04 30.71
C LYS B 157 -13.49 -6.75 32.14
N GLU B 158 -13.91 -7.63 33.07
CA GLU B 158 -13.69 -7.43 34.49
C GLU B 158 -12.30 -6.92 34.83
N GLU B 159 -11.27 -7.72 34.52
CA GLU B 159 -9.90 -7.29 34.80
C GLU B 159 -8.95 -7.68 33.68
N VAL B 160 -9.44 -7.82 32.46
CA VAL B 160 -8.67 -8.36 31.35
C VAL B 160 -8.85 -7.48 30.12
N LEU B 161 -7.74 -7.17 29.45
CA LEU B 161 -7.76 -6.48 28.17
C LEU B 161 -7.14 -7.41 27.13
N ALA B 162 -7.87 -7.66 26.05
CA ALA B 162 -7.44 -8.61 25.04
C ALA B 162 -7.68 -8.04 23.65
N TYR B 163 -6.64 -8.11 22.81
CA TYR B 163 -6.75 -7.70 21.42
C TYR B 163 -6.17 -8.79 20.52
N VAL B 164 -6.83 -9.01 19.39
CA VAL B 164 -6.42 -10.07 18.46
C VAL B 164 -5.28 -9.56 17.59
N VAL B 165 -4.31 -10.43 17.32
CA VAL B 165 -3.17 -10.10 16.49
C VAL B 165 -3.15 -11.08 15.32
N GLN B 166 -3.22 -10.54 14.11
CA GLN B 166 -3.07 -11.34 12.90
C GLN B 166 -1.60 -11.69 12.69
N LEU B 167 -1.36 -12.80 12.01
CA LEU B 167 0.00 -13.16 11.64
C LEU B 167 -0.01 -13.91 10.32
N PRO B 168 0.76 -13.47 9.33
CA PRO B 168 0.75 -14.14 8.03
C PRO B 168 1.31 -15.54 8.13
N LEU B 169 0.74 -16.43 7.33
CA LEU B 169 1.14 -17.84 7.28
C LEU B 169 1.62 -18.16 5.88
N TYR B 170 2.83 -18.73 5.79
CA TYR B 170 3.51 -18.94 4.52
C TYR B 170 3.29 -20.38 4.08
N GLY B 171 2.85 -20.57 2.83
CA GLY B 171 2.54 -21.89 2.33
C GLY B 171 3.45 -22.41 1.24
N VAL B 172 3.95 -21.53 0.38
CA VAL B 172 4.75 -21.92 -0.78
C VAL B 172 6.12 -21.28 -0.66
N ILE B 173 7.16 -22.09 -0.82
CA ILE B 173 8.54 -21.64 -0.62
C ILE B 173 9.42 -22.21 -1.74
N ASP B 174 10.33 -21.37 -2.23
CA ASP B 174 11.48 -21.75 -3.05
C ASP B 174 11.15 -22.04 -4.51
N THR B 175 9.97 -21.67 -4.98
CA THR B 175 9.75 -21.80 -6.42
C THR B 175 10.44 -20.65 -7.16
N PRO B 176 10.78 -20.85 -8.43
CA PRO B 176 11.44 -19.76 -9.18
C PRO B 176 10.49 -18.62 -9.45
N CYS B 177 11.01 -17.40 -9.32
CA CYS B 177 10.25 -16.18 -9.57
C CYS B 177 11.08 -15.23 -10.41
N TRP B 178 10.40 -14.35 -11.15
CA TRP B 178 11.12 -13.41 -12.00
C TRP B 178 10.33 -12.13 -12.19
N LYS B 179 11.05 -11.03 -12.30
CA LYS B 179 10.47 -9.71 -12.54
C LYS B 179 10.50 -9.40 -14.01
N LEU B 180 9.48 -8.67 -14.47
CA LEU B 180 9.37 -8.29 -15.88
C LEU B 180 9.16 -6.79 -15.99
N HIS B 181 10.01 -6.14 -16.77
CA HIS B 181 9.96 -4.70 -17.00
C HIS B 181 9.64 -4.45 -18.47
N THR B 182 9.18 -3.23 -18.76
CA THR B 182 8.89 -2.82 -20.12
C THR B 182 9.35 -1.39 -20.35
N SER B 183 9.33 -0.98 -21.61
CA SER B 183 9.78 0.35 -22.01
C SER B 183 9.05 0.74 -23.29
N PRO B 184 8.84 2.04 -23.51
CA PRO B 184 8.20 2.47 -24.75
C PRO B 184 9.06 2.14 -25.96
N LEU B 185 8.37 1.88 -27.08
CA LEU B 185 9.01 1.57 -28.34
C LEU B 185 8.25 2.27 -29.47
N CYS B 186 8.97 2.98 -30.32
CA CYS B 186 8.36 3.76 -31.39
C CYS B 186 9.27 3.74 -32.60
N THR B 187 8.73 4.22 -33.73
CA THR B 187 9.50 4.41 -34.94
C THR B 187 10.24 5.75 -34.86
N THR B 188 10.83 6.18 -35.97
CA THR B 188 11.63 7.40 -35.99
C THR B 188 11.34 8.21 -37.25
N ASN B 189 10.06 8.32 -37.62
CA ASN B 189 9.69 9.11 -38.78
C ASN B 189 10.08 10.56 -38.59
N THR B 190 10.50 11.20 -39.68
CA THR B 190 11.00 12.57 -39.60
C THR B 190 9.91 13.54 -39.18
N LYS B 191 8.70 13.37 -39.72
CA LYS B 191 7.60 14.26 -39.37
C LYS B 191 7.16 13.99 -37.94
N GLU B 192 7.17 15.04 -37.12
CA GLU B 192 6.83 14.89 -35.70
C GLU B 192 5.36 14.54 -35.55
N GLY B 193 5.07 13.57 -34.69
CA GLY B 193 3.71 13.17 -34.41
C GLY B 193 3.25 12.00 -35.26
N SER B 194 3.80 11.87 -36.46
CA SER B 194 3.37 10.83 -37.38
C SER B 194 3.81 9.43 -36.95
N ASN B 195 4.67 9.33 -35.95
CA ASN B 195 5.16 8.03 -35.53
C ASN B 195 4.06 7.22 -34.83
N ILE B 196 4.38 5.96 -34.52
CA ILE B 196 3.47 5.05 -33.85
C ILE B 196 4.22 4.35 -32.73
N CYS B 197 3.55 4.16 -31.59
CA CYS B 197 4.18 3.60 -30.41
C CYS B 197 3.35 2.47 -29.84
N LEU B 198 4.04 1.44 -29.34
CA LEU B 198 3.40 0.33 -28.65
C LEU B 198 4.22 -0.03 -27.43
N THR B 199 3.56 -0.63 -26.44
CA THR B 199 4.20 -1.05 -25.21
C THR B 199 3.58 -2.36 -24.74
N ARG B 200 4.32 -3.07 -23.88
CA ARG B 200 3.81 -4.24 -23.21
C ARG B 200 3.43 -3.88 -21.78
N THR B 201 2.32 -4.42 -21.30
CA THR B 201 1.77 -4.06 -20.00
C THR B 201 1.91 -5.16 -18.96
N ASP B 202 2.61 -6.25 -19.27
CA ASP B 202 2.69 -7.39 -18.37
C ASP B 202 3.75 -7.21 -17.29
N ARG B 203 4.22 -5.99 -17.06
CA ARG B 203 5.27 -5.77 -16.09
C ARG B 203 4.79 -6.10 -14.67
N GLY B 204 5.71 -6.61 -13.87
CA GLY B 204 5.36 -7.02 -12.52
C GLY B 204 6.18 -8.23 -12.10
N TRP B 205 5.59 -9.03 -11.22
CA TRP B 205 6.24 -10.23 -10.69
C TRP B 205 5.54 -11.48 -11.19
N TYR B 206 6.32 -12.51 -11.49
CA TYR B 206 5.78 -13.82 -11.84
C TYR B 206 6.37 -14.85 -10.89
N CYS B 207 5.52 -15.78 -10.44
CA CYS B 207 5.98 -16.83 -9.54
C CYS B 207 5.27 -18.13 -9.87
N ASP B 208 6.05 -19.19 -10.13
CA ASP B 208 5.46 -20.50 -10.36
C ASP B 208 4.85 -21.06 -9.08
N ASN B 209 3.69 -21.71 -9.22
CA ASN B 209 2.98 -22.21 -8.05
C ASN B 209 1.97 -23.26 -8.50
N ALA B 210 2.15 -24.49 -8.04
CA ALA B 210 1.18 -25.57 -8.23
C ALA B 210 0.85 -25.79 -9.70
N GLY B 211 1.84 -25.63 -10.56
CA GLY B 211 1.67 -25.85 -11.98
C GLY B 211 1.17 -24.64 -12.76
N SER B 212 0.65 -23.63 -12.07
CA SER B 212 0.24 -22.38 -12.70
C SER B 212 1.25 -21.30 -12.36
N VAL B 213 0.98 -20.06 -12.77
CA VAL B 213 1.82 -18.94 -12.41
C VAL B 213 0.97 -17.86 -11.79
N SER B 214 1.40 -17.36 -10.63
CA SER B 214 0.80 -16.21 -10.00
C SER B 214 1.49 -14.95 -10.50
N PHE B 215 0.70 -14.00 -11.00
CA PHE B 215 1.20 -12.78 -11.58
C PHE B 215 0.73 -11.62 -10.71
N PHE B 216 1.69 -10.85 -10.19
CA PHE B 216 1.40 -9.67 -9.38
C PHE B 216 1.68 -8.42 -10.20
N PRO B 217 0.66 -7.61 -10.50
CA PRO B 217 0.87 -6.42 -11.34
C PRO B 217 1.13 -5.12 -10.58
N GLN B 218 1.16 -5.14 -9.26
CA GLN B 218 1.46 -3.95 -8.47
C GLN B 218 2.85 -4.17 -7.86
N ALA B 219 3.88 -3.78 -8.61
CA ALA B 219 5.25 -4.01 -8.18
C ALA B 219 5.62 -3.22 -6.94
N GLU B 220 4.84 -2.20 -6.59
CA GLU B 220 5.11 -1.44 -5.38
C GLU B 220 4.69 -2.17 -4.12
N THR B 221 3.96 -3.28 -4.23
CA THR B 221 3.51 -4.05 -3.08
C THR B 221 4.08 -5.47 -3.11
N CYS B 222 5.36 -5.59 -3.47
CA CYS B 222 6.09 -6.84 -3.35
C CYS B 222 7.50 -6.51 -2.90
N LYS B 223 7.86 -6.95 -1.71
CA LYS B 223 9.13 -6.57 -1.09
C LYS B 223 10.24 -7.53 -1.47
N VAL B 224 11.47 -7.04 -1.42
CA VAL B 224 12.65 -7.79 -1.81
C VAL B 224 13.66 -7.74 -0.68
N GLN B 225 14.20 -8.91 -0.31
CA GLN B 225 15.26 -8.99 0.69
C GLN B 225 16.31 -9.98 0.20
N SER B 226 17.53 -9.49 -0.03
CA SER B 226 18.61 -10.28 -0.59
C SER B 226 18.23 -10.82 -1.97
N ASN B 227 17.73 -12.05 -2.02
CA ASN B 227 17.26 -12.63 -3.28
C ASN B 227 15.90 -13.30 -3.11
N ARG B 228 15.13 -12.86 -2.12
CA ARG B 228 13.84 -13.46 -1.81
C ARG B 228 12.75 -12.40 -1.91
N VAL B 229 11.64 -12.76 -2.56
CA VAL B 229 10.50 -11.86 -2.69
C VAL B 229 9.51 -12.15 -1.58
N PHE B 230 8.61 -11.19 -1.35
CA PHE B 230 7.69 -11.26 -0.22
C PHE B 230 6.46 -10.44 -0.58
N CYS B 231 5.38 -11.11 -0.98
CA CYS B 231 4.09 -10.44 -1.10
C CYS B 231 2.98 -11.48 -1.21
N ASP B 232 1.79 -11.06 -0.80
CA ASP B 232 0.64 -11.95 -0.66
C ASP B 232 0.01 -12.25 -2.01
N THR B 233 -0.83 -13.29 -2.03
CA THR B 233 -1.59 -13.65 -3.21
C THR B 233 -2.88 -12.85 -3.36
N MET B 234 -3.18 -11.98 -2.40
CA MET B 234 -4.37 -11.15 -2.49
C MET B 234 -4.38 -10.31 -3.75
N ASN B 235 -3.19 -9.99 -4.28
CA ASN B 235 -3.08 -9.13 -5.45
C ASN B 235 -2.53 -9.92 -6.63
N SER B 236 -3.04 -11.12 -6.84
CA SER B 236 -2.47 -12.04 -7.82
C SER B 236 -3.51 -12.48 -8.82
N LEU B 237 -3.06 -12.74 -10.04
CA LEU B 237 -3.87 -13.36 -11.06
C LEU B 237 -3.26 -14.72 -11.41
N THR B 238 -4.12 -15.70 -11.63
CA THR B 238 -3.69 -17.06 -11.95
C THR B 238 -3.64 -17.25 -13.45
N LEU B 239 -2.48 -17.64 -13.97
CA LEU B 239 -2.31 -17.80 -15.41
C LEU B 239 -1.73 -19.17 -15.72
N PRO B 240 -2.01 -19.68 -16.91
CA PRO B 240 -1.37 -20.94 -17.33
C PRO B 240 0.12 -20.76 -17.55
N SER B 241 0.86 -21.84 -17.37
CA SER B 241 2.31 -21.79 -17.45
C SER B 241 2.82 -21.39 -18.81
N GLU B 242 2.03 -21.57 -19.88
CA GLU B 242 2.50 -21.28 -21.22
C GLU B 242 2.73 -19.79 -21.47
N VAL B 243 2.23 -18.92 -20.60
CA VAL B 243 2.37 -17.48 -20.82
C VAL B 243 3.84 -17.07 -20.85
N ASN B 244 4.71 -17.84 -20.19
CA ASN B 244 6.14 -17.55 -20.21
C ASN B 244 6.70 -17.55 -21.63
N LEU B 245 6.03 -18.21 -22.58
CA LEU B 245 6.50 -18.19 -23.96
C LEU B 245 6.54 -16.77 -24.51
N CYS B 246 5.66 -15.90 -24.04
CA CYS B 246 5.68 -14.51 -24.51
C CYS B 246 7.05 -13.86 -24.24
N ASN B 247 7.77 -14.35 -23.24
CA ASN B 247 9.10 -13.81 -22.96
C ASN B 247 10.06 -14.09 -24.11
N VAL B 248 10.01 -15.27 -24.69
CA VAL B 248 10.99 -15.70 -25.68
C VAL B 248 10.51 -15.43 -27.10
N ASP B 249 9.21 -15.58 -27.35
CA ASP B 249 8.64 -15.35 -28.67
C ASP B 249 7.43 -14.44 -28.54
N ILE B 250 7.20 -13.62 -29.56
CA ILE B 250 6.14 -12.62 -29.51
C ILE B 250 4.97 -12.97 -30.43
N PHE B 251 5.06 -14.04 -31.21
CA PHE B 251 3.98 -14.44 -32.10
C PHE B 251 3.62 -15.91 -31.94
N ASN B 252 3.82 -16.46 -30.74
CA ASN B 252 3.50 -17.86 -30.52
C ASN B 252 1.99 -18.05 -30.51
N PRO B 253 1.49 -19.19 -31.01
CA PRO B 253 0.04 -19.43 -31.04
C PRO B 253 -0.51 -19.97 -29.73
N LYS B 254 0.35 -20.44 -28.82
CA LYS B 254 -0.14 -21.01 -27.57
C LYS B 254 -0.84 -19.97 -26.70
N TYR B 255 -0.28 -18.76 -26.64
CA TYR B 255 -0.85 -17.69 -25.83
C TYR B 255 -0.70 -16.37 -26.57
N ASP B 256 -1.50 -15.40 -26.17
CA ASP B 256 -1.49 -14.06 -26.76
C ASP B 256 -0.94 -13.07 -25.75
N CYS B 257 0.10 -12.34 -26.15
CA CYS B 257 0.71 -11.36 -25.27
C CYS B 257 -0.13 -10.10 -25.18
N LYS B 258 -0.01 -9.40 -24.06
CA LYS B 258 -0.78 -8.18 -23.80
C LYS B 258 0.04 -6.96 -24.18
N ILE B 259 -0.52 -6.09 -25.02
CA ILE B 259 0.12 -4.87 -25.47
C ILE B 259 -0.88 -3.74 -25.45
N MET B 260 -0.37 -2.52 -25.62
CA MET B 260 -1.20 -1.34 -25.82
C MET B 260 -0.50 -0.43 -26.82
N THR B 261 -1.28 0.45 -27.44
CA THR B 261 -0.78 1.31 -28.49
C THR B 261 -1.14 2.77 -28.21
N SER B 262 -0.33 3.67 -28.77
CA SER B 262 -0.55 5.09 -28.63
C SER B 262 0.27 5.82 -29.70
N LYS B 263 -0.06 7.09 -29.90
CA LYS B 263 0.57 7.91 -30.93
C LYS B 263 1.41 9.04 -30.35
N THR B 264 1.76 8.97 -29.07
CA THR B 264 2.60 9.97 -28.42
C THR B 264 3.95 9.35 -28.08
N ASP B 265 5.03 10.01 -28.52
CA ASP B 265 6.38 9.51 -28.33
C ASP B 265 7.14 10.42 -27.38
N VAL B 266 7.69 9.84 -26.32
CA VAL B 266 8.48 10.58 -25.34
C VAL B 266 9.69 9.75 -24.97
N SER B 267 10.72 10.42 -24.46
CA SER B 267 11.96 9.77 -24.06
C SER B 267 11.96 9.56 -22.55
N SER B 268 12.29 8.34 -22.13
CA SER B 268 12.29 8.01 -20.71
C SER B 268 13.21 6.81 -20.47
N SER B 269 13.15 6.25 -19.27
CA SER B 269 14.04 5.16 -18.91
C SER B 269 13.43 4.36 -17.76
N VAL B 270 13.93 3.15 -17.60
CA VAL B 270 13.58 2.27 -16.49
C VAL B 270 14.87 1.70 -15.92
N ILE B 271 14.90 1.54 -14.60
CA ILE B 271 16.09 1.08 -13.88
C ILE B 271 15.84 -0.36 -13.46
N THR B 272 16.48 -1.30 -14.15
CA THR B 272 16.32 -2.71 -13.82
C THR B 272 17.16 -3.05 -12.59
N SER B 273 17.17 -4.34 -12.24
CA SER B 273 17.98 -4.78 -11.11
C SER B 273 19.46 -4.65 -11.41
N LEU B 274 19.88 -5.01 -12.62
CA LEU B 274 21.30 -5.04 -12.98
C LEU B 274 21.68 -4.06 -14.08
N GLY B 275 20.74 -3.29 -14.62
CA GLY B 275 21.09 -2.38 -15.68
C GLY B 275 20.04 -1.30 -15.83
N ALA B 276 20.19 -0.50 -16.87
CA ALA B 276 19.27 0.59 -17.17
C ALA B 276 18.85 0.52 -18.63
N ILE B 277 17.55 0.57 -18.87
CA ILE B 277 16.99 0.58 -20.22
C ILE B 277 16.52 2.01 -20.51
N VAL B 278 16.86 2.51 -21.70
CA VAL B 278 16.59 3.89 -22.06
C VAL B 278 15.93 3.93 -23.43
N SER B 279 14.80 4.64 -23.51
CA SER B 279 14.14 4.91 -24.78
C SER B 279 14.32 6.39 -25.09
N CYS B 280 15.19 6.69 -26.06
CA CYS B 280 15.55 8.06 -26.38
C CYS B 280 14.94 8.43 -27.73
N TYR B 281 14.14 9.49 -27.75
CA TYR B 281 13.43 9.88 -28.95
C TYR B 281 13.49 11.39 -29.11
N GLY B 282 13.28 11.84 -30.35
CA GLY B 282 13.31 13.27 -30.62
C GLY B 282 14.72 13.83 -30.56
N LYS B 283 14.82 15.11 -30.20
CA LYS B 283 16.09 15.80 -30.12
C LYS B 283 16.65 15.88 -28.70
N THR B 284 16.02 15.21 -27.74
CA THR B 284 16.49 15.27 -26.36
C THR B 284 17.81 14.53 -26.22
N LYS B 285 18.69 15.05 -25.36
CA LYS B 285 20.00 14.46 -25.15
C LYS B 285 19.93 13.30 -24.17
N CYS B 286 20.66 12.23 -24.47
CA CYS B 286 20.77 11.06 -23.61
C CYS B 286 22.24 10.75 -23.40
N THR B 287 22.60 10.39 -22.17
CA THR B 287 24.02 10.19 -21.85
C THR B 287 24.16 9.32 -20.62
N ALA B 288 24.90 8.23 -20.74
CA ALA B 288 25.29 7.40 -19.60
C ALA B 288 26.73 7.73 -19.23
N SER B 289 26.95 8.11 -17.98
CA SER B 289 28.25 8.59 -17.55
C SER B 289 28.74 7.81 -16.34
N ASN B 290 30.02 7.49 -16.35
CA ASN B 290 30.69 6.87 -15.22
C ASN B 290 30.99 7.92 -14.15
N LYS B 291 31.18 7.44 -12.92
CA LYS B 291 31.50 8.33 -11.82
C LYS B 291 32.94 8.85 -11.88
N ASN B 292 33.79 8.25 -12.71
CA ASN B 292 35.19 8.62 -12.78
C ASN B 292 35.64 9.08 -14.15
N ARG B 293 35.21 8.40 -15.22
CA ARG B 293 35.67 8.69 -16.57
C ARG B 293 34.74 9.65 -17.31
N GLY B 294 33.72 10.19 -16.64
CA GLY B 294 32.83 11.11 -17.31
C GLY B 294 31.94 10.40 -18.33
N ILE B 295 31.56 11.14 -19.36
CA ILE B 295 30.70 10.58 -20.40
C ILE B 295 31.43 9.48 -21.14
N ILE B 296 30.72 8.39 -21.43
CA ILE B 296 31.30 7.27 -22.16
C ILE B 296 30.54 6.90 -23.42
N LYS B 297 29.25 7.25 -23.55
CA LYS B 297 28.48 6.81 -24.71
C LYS B 297 27.28 7.73 -24.88
N THR B 298 26.89 7.93 -26.13
CA THR B 298 25.68 8.67 -26.49
C THR B 298 24.74 7.73 -27.23
N PHE B 299 23.51 7.61 -26.72
CA PHE B 299 22.54 6.71 -27.33
C PHE B 299 21.93 7.34 -28.57
N SER B 300 21.74 6.53 -29.60
CA SER B 300 21.03 6.97 -30.79
C SER B 300 19.52 6.93 -30.54
N ASN B 301 18.76 7.38 -31.52
CA ASN B 301 17.32 7.39 -31.41
C ASN B 301 16.78 5.96 -31.44
N GLY B 302 16.02 5.60 -30.41
CA GLY B 302 15.41 4.30 -30.31
C GLY B 302 15.52 3.77 -28.89
N CYS B 303 15.37 2.45 -28.77
CA CYS B 303 15.49 1.76 -27.50
C CYS B 303 16.88 1.18 -27.35
N ASP B 304 17.40 1.20 -26.12
CA ASP B 304 18.73 0.69 -25.87
C ASP B 304 18.83 0.25 -24.42
N TYR B 305 19.82 -0.60 -24.15
CA TYR B 305 20.04 -1.15 -22.82
C TYR B 305 21.51 -1.05 -22.45
N VAL B 306 21.77 -0.79 -21.18
CA VAL B 306 23.13 -0.74 -20.64
C VAL B 306 23.19 -1.61 -19.40
N SER B 307 24.27 -2.39 -19.28
CA SER B 307 24.53 -3.14 -18.07
C SER B 307 25.28 -2.27 -17.08
N ASN B 308 25.11 -2.57 -15.78
CA ASN B 308 25.69 -1.74 -14.74
C ASN B 308 27.20 -1.84 -14.68
N LYS B 309 27.83 -2.78 -15.39
CA LYS B 309 29.27 -2.93 -15.36
C LYS B 309 29.96 -1.69 -15.89
N GLY B 310 30.65 -0.96 -14.99
CA GLY B 310 31.30 0.27 -15.40
C GLY B 310 30.37 1.43 -15.64
N VAL B 311 29.19 1.42 -15.04
CA VAL B 311 28.19 2.48 -15.22
C VAL B 311 27.73 2.98 -13.86
N ASP B 312 27.66 4.29 -13.70
CA ASP B 312 27.27 4.89 -12.43
C ASP B 312 26.02 5.75 -12.54
N THR B 313 25.90 6.57 -13.57
CA THR B 313 24.76 7.48 -13.70
C THR B 313 24.22 7.46 -15.13
N VAL B 314 22.92 7.73 -15.25
CA VAL B 314 22.25 7.85 -16.53
C VAL B 314 21.48 9.16 -16.52
N SER B 315 21.48 9.86 -17.66
CA SER B 315 20.81 11.15 -17.78
C SER B 315 20.02 11.18 -19.07
N VAL B 316 18.74 11.54 -18.97
CA VAL B 316 17.89 11.75 -20.13
C VAL B 316 17.26 13.13 -19.99
N GLY B 317 17.52 14.01 -20.93
CA GLY B 317 17.02 15.37 -20.85
C GLY B 317 17.63 16.14 -19.70
N ASN B 318 16.84 16.41 -18.67
CA ASN B 318 17.31 17.14 -17.50
C ASN B 318 17.31 16.29 -16.23
N THR B 319 16.80 15.07 -16.29
CA THR B 319 16.71 14.22 -15.11
C THR B 319 18.06 13.57 -14.83
N LEU B 320 18.09 12.70 -13.82
CA LEU B 320 19.28 11.93 -13.49
C LEU B 320 18.85 10.73 -12.67
N TYR B 321 19.04 9.53 -13.21
CA TYR B 321 18.68 8.28 -12.54
C TYR B 321 19.94 7.50 -12.23
N TYR B 322 20.11 7.13 -10.97
CA TYR B 322 21.24 6.28 -10.60
C TYR B 322 20.91 4.83 -10.95
N VAL B 323 21.91 3.96 -10.80
CA VAL B 323 21.76 2.56 -11.15
C VAL B 323 22.19 1.69 -9.98
N ASN B 324 21.61 0.50 -9.90
CA ASN B 324 21.96 -0.43 -8.83
C ASN B 324 23.37 -0.97 -9.03
N LYS B 325 23.96 -1.44 -7.92
CA LYS B 325 25.32 -1.96 -7.94
C LYS B 325 25.37 -3.43 -7.51
N GLN B 326 24.31 -4.18 -7.79
CA GLN B 326 24.34 -5.62 -7.51
C GLN B 326 25.31 -6.32 -8.43
N GLU B 327 25.90 -7.41 -7.95
CA GLU B 327 26.86 -8.18 -8.71
C GLU B 327 26.14 -9.29 -9.46
N GLY B 328 26.13 -9.19 -10.79
CA GLY B 328 25.44 -10.18 -11.59
C GLY B 328 25.91 -10.11 -13.03
N LYS B 329 25.40 -11.02 -13.83
CA LYS B 329 25.75 -11.14 -15.24
C LYS B 329 24.53 -10.88 -16.10
N SER B 330 24.65 -9.91 -17.00
CA SER B 330 23.62 -9.63 -17.99
C SER B 330 23.99 -10.28 -19.32
N LEU B 331 23.09 -10.18 -20.29
CA LEU B 331 23.35 -10.77 -21.60
C LEU B 331 22.46 -10.06 -22.62
N TYR B 332 23.06 -9.20 -23.44
CA TYR B 332 22.33 -8.52 -24.50
C TYR B 332 21.94 -9.52 -25.58
N VAL B 333 20.75 -9.36 -26.13
CA VAL B 333 20.27 -10.17 -27.24
C VAL B 333 19.87 -9.22 -28.35
N LYS B 334 20.56 -9.28 -29.48
CA LYS B 334 20.25 -8.42 -30.60
C LYS B 334 18.95 -8.86 -31.26
N GLY B 335 18.39 -7.96 -32.07
CA GLY B 335 17.15 -8.25 -32.75
C GLY B 335 16.69 -7.05 -33.55
N GLU B 336 15.48 -7.18 -34.11
CA GLU B 336 14.91 -6.10 -34.89
C GLU B 336 13.64 -5.57 -34.22
N PRO B 337 13.42 -4.26 -34.21
CA PRO B 337 12.21 -3.71 -33.61
C PRO B 337 10.98 -4.15 -34.39
N ILE B 338 10.06 -4.83 -33.68
CA ILE B 338 8.89 -5.40 -34.34
C ILE B 338 7.99 -4.32 -34.92
N ILE B 339 8.10 -3.08 -34.42
CA ILE B 339 7.29 -1.98 -34.93
C ILE B 339 7.54 -1.73 -36.41
N ASN B 340 8.67 -2.20 -36.93
CA ASN B 340 8.96 -2.04 -38.35
C ASN B 340 8.08 -2.91 -39.25
N PHE B 341 7.32 -3.84 -38.68
CA PHE B 341 6.55 -4.80 -39.46
C PHE B 341 5.08 -4.43 -39.58
N TYR B 342 4.71 -3.18 -39.29
CA TYR B 342 3.32 -2.75 -39.30
C TYR B 342 3.13 -1.57 -40.24
N ASP B 343 2.06 -1.62 -41.02
CA ASP B 343 1.77 -0.55 -41.96
C ASP B 343 1.27 0.69 -41.22
N PRO B 344 1.85 1.87 -41.47
CA PRO B 344 1.41 3.07 -40.76
C PRO B 344 -0.05 3.42 -41.00
N LEU B 345 -0.57 3.18 -42.21
CA LEU B 345 -1.91 3.67 -42.53
C LEU B 345 -2.98 2.93 -41.74
N VAL B 346 -2.89 1.61 -41.65
CA VAL B 346 -3.93 0.80 -41.02
C VAL B 346 -3.58 0.46 -39.57
N PHE B 347 -2.63 1.17 -38.98
CA PHE B 347 -2.28 0.84 -37.61
C PHE B 347 -3.30 1.40 -36.63
N PRO B 348 -3.73 0.62 -35.65
CA PRO B 348 -4.66 1.14 -34.64
C PRO B 348 -3.99 2.20 -33.77
N SER B 349 -4.71 3.29 -33.53
CA SER B 349 -4.13 4.43 -32.82
C SER B 349 -4.24 4.26 -31.31
N ASP B 350 -5.47 4.16 -30.80
CA ASP B 350 -5.72 4.15 -29.36
C ASP B 350 -6.29 2.81 -28.95
N GLU B 351 -5.67 2.20 -27.94
CA GLU B 351 -6.16 0.94 -27.37
C GLU B 351 -5.69 0.86 -25.94
N PHE B 352 -6.62 0.99 -24.99
CA PHE B 352 -6.26 0.95 -23.58
C PHE B 352 -5.72 -0.40 -23.18
N ASP B 353 -6.34 -1.48 -23.66
CA ASP B 353 -5.90 -2.83 -23.34
C ASP B 353 -6.41 -3.78 -24.41
N ALA B 354 -5.49 -4.41 -25.13
CA ALA B 354 -5.86 -5.33 -26.20
C ALA B 354 -4.72 -6.32 -26.39
N SER B 355 -5.03 -7.42 -27.06
CA SER B 355 -4.05 -8.46 -27.35
C SER B 355 -3.49 -8.24 -28.75
N ILE B 356 -2.31 -8.81 -28.98
CA ILE B 356 -1.70 -8.71 -30.30
C ILE B 356 -2.58 -9.38 -31.35
N SER B 357 -3.22 -10.49 -30.98
CA SER B 357 -4.15 -11.15 -31.90
C SER B 357 -5.33 -10.25 -32.21
N GLN B 358 -5.84 -9.52 -31.21
CA GLN B 358 -6.94 -8.60 -31.45
C GLN B 358 -6.54 -7.50 -32.42
N VAL B 359 -5.32 -6.97 -32.26
CA VAL B 359 -4.83 -5.94 -33.16
C VAL B 359 -4.70 -6.49 -34.58
N ASN B 360 -4.17 -7.70 -34.71
CA ASN B 360 -4.04 -8.31 -36.04
C ASN B 360 -5.40 -8.51 -36.68
N GLU B 361 -6.39 -8.98 -35.91
CA GLU B 361 -7.72 -9.19 -36.46
C GLU B 361 -8.35 -7.87 -36.89
N LYS B 362 -8.22 -6.83 -36.08
CA LYS B 362 -8.76 -5.53 -36.44
C LYS B 362 -8.11 -5.01 -37.71
N ILE B 363 -6.79 -5.15 -37.83
CA ILE B 363 -6.09 -4.68 -39.02
C ILE B 363 -6.55 -5.47 -40.24
N ASN B 364 -6.67 -6.79 -40.12
CA ASN B 364 -7.12 -7.61 -41.24
C ASN B 364 -8.50 -7.20 -41.70
N GLN B 365 -9.42 -7.00 -40.75
CA GLN B 365 -10.76 -6.54 -41.11
C GLN B 365 -10.70 -5.19 -41.81
N SER B 366 -9.84 -4.29 -41.32
CA SER B 366 -9.74 -2.96 -41.90
C SER B 366 -9.32 -3.02 -43.35
N LEU B 367 -8.21 -3.71 -43.66
CA LEU B 367 -7.77 -3.66 -45.05
C LEU B 367 -8.63 -4.54 -45.93
N ALA B 368 -9.27 -5.58 -45.38
CA ALA B 368 -10.22 -6.35 -46.17
C ALA B 368 -11.40 -5.48 -46.58
N PHE B 369 -11.92 -4.68 -45.66
CA PHE B 369 -13.00 -3.76 -46.01
C PHE B 369 -12.53 -2.73 -47.03
N ILE B 370 -11.30 -2.23 -46.86
CA ILE B 370 -10.78 -1.23 -47.80
C ILE B 370 -10.67 -1.83 -49.20
N ARG B 371 -10.13 -3.05 -49.30
CA ARG B 371 -9.98 -3.69 -50.60
C ARG B 371 -11.33 -4.02 -51.22
N LYS B 372 -12.29 -4.46 -50.40
CA LYS B 372 -13.62 -4.73 -50.92
C LYS B 372 -14.27 -3.47 -51.46
N SER B 373 -14.13 -2.35 -50.75
CA SER B 373 -14.66 -1.08 -51.22
C SER B 373 -13.95 -0.57 -52.47
N ASP B 374 -12.64 -0.77 -52.58
CA ASP B 374 -11.88 -0.33 -53.74
C ASP B 374 -12.15 -1.17 -54.98
N GLU B 375 -12.32 -2.49 -54.82
CA GLU B 375 -12.69 -3.33 -55.95
C GLU B 375 -14.07 -2.96 -56.49
N LEU B 376 -15.02 -2.73 -55.60
CA LEU B 376 -16.33 -2.24 -56.03
C LEU B 376 -16.20 -0.86 -56.66
N LEU B 377 -15.38 0.01 -56.06
CA LEU B 377 -15.09 1.31 -56.67
C LEU B 377 -14.33 1.15 -57.98
N SER B 378 -13.61 0.05 -58.16
CA SER B 378 -12.97 -0.23 -59.44
C SER B 378 -13.97 -0.57 -60.52
N ALA B 379 -15.20 -0.93 -60.15
CA ALA B 379 -16.27 -1.19 -61.11
C ALA B 379 -17.02 0.07 -61.51
N ILE B 380 -16.72 1.21 -60.87
CA ILE B 380 -17.34 2.46 -61.29
C ILE B 380 -16.89 2.79 -62.70
N GLY B 381 -17.80 3.38 -63.47
CA GLY B 381 -17.59 3.53 -64.89
C GLY B 381 -17.99 2.33 -65.71
N GLY B 382 -18.46 1.27 -65.08
CA GLY B 382 -18.95 0.09 -65.77
C GLY B 382 -20.45 -0.07 -65.61
N TYR B 383 -21.18 1.04 -65.69
CA TYR B 383 -22.63 1.03 -65.54
C TYR B 383 -23.22 2.19 -66.31
N ILE B 384 -24.31 1.92 -67.02
CA ILE B 384 -24.96 2.94 -67.85
C ILE B 384 -26.26 3.33 -67.15
N PRO B 385 -26.86 4.44 -67.58
CA PRO B 385 -28.19 4.81 -67.05
C PRO B 385 -29.27 3.87 -67.55
N GLU B 386 -30.48 4.00 -67.02
CA GLU B 386 -31.60 3.16 -67.40
C GLU B 386 -32.38 3.80 -68.54
N ALA B 387 -32.80 2.99 -69.50
CA ALA B 387 -33.60 3.49 -70.61
C ALA B 387 -34.99 3.90 -70.12
N PRO B 388 -35.66 4.77 -70.86
CA PRO B 388 -37.00 5.20 -70.45
C PRO B 388 -37.97 4.02 -70.36
N ARG B 389 -38.83 4.07 -69.35
CA ARG B 389 -39.81 3.02 -69.11
C ARG B 389 -41.03 3.11 -70.03
N ASP B 390 -40.97 3.97 -71.05
CA ASP B 390 -42.09 4.14 -71.98
C ASP B 390 -42.12 3.07 -73.07
N GLY B 391 -41.30 2.04 -72.96
CA GLY B 391 -41.29 0.98 -73.95
C GLY B 391 -40.48 1.26 -75.20
N GLN B 392 -39.67 2.31 -75.20
CA GLN B 392 -38.86 2.62 -76.37
C GLN B 392 -37.73 1.60 -76.52
N ALA B 393 -37.61 1.04 -77.72
CA ALA B 393 -36.53 0.09 -78.03
C ALA B 393 -35.28 0.81 -78.50
N TYR B 394 -34.80 1.74 -77.68
CA TYR B 394 -33.66 2.57 -78.04
C TYR B 394 -32.38 1.73 -78.00
N VAL B 395 -31.26 2.40 -78.31
CA VAL B 395 -29.95 1.76 -78.32
C VAL B 395 -29.02 2.54 -77.39
N ARG B 396 -28.07 1.82 -76.80
CA ARG B 396 -27.11 2.39 -75.86
C ARG B 396 -25.94 2.96 -76.66
N LYS B 397 -26.12 4.20 -77.12
CA LYS B 397 -25.07 4.93 -77.83
C LYS B 397 -24.61 6.08 -76.96
N ASP B 398 -23.29 6.24 -76.84
CA ASP B 398 -22.68 7.26 -75.99
C ASP B 398 -23.16 7.14 -74.54
N GLY B 399 -23.45 5.92 -74.11
CA GLY B 399 -23.95 5.70 -72.76
C GLY B 399 -25.36 6.18 -72.53
N GLU B 400 -26.13 6.40 -73.59
CA GLU B 400 -27.49 6.90 -73.45
C GLU B 400 -28.42 6.10 -74.37
N TRP B 401 -29.68 6.03 -73.97
CA TRP B 401 -30.70 5.31 -74.75
C TRP B 401 -31.26 6.24 -75.82
N VAL B 402 -30.53 6.32 -76.93
CA VAL B 402 -30.92 7.19 -78.03
C VAL B 402 -31.68 6.36 -79.05
N LEU B 403 -32.51 7.03 -79.85
CA LEU B 403 -33.28 6.36 -80.88
C LEU B 403 -32.37 5.61 -81.83
N LEU B 404 -32.77 4.40 -82.19
CA LEU B 404 -31.94 3.51 -83.00
C LEU B 404 -31.87 4.03 -84.43
N SER B 405 -30.83 4.82 -84.72
CA SER B 405 -30.66 5.34 -86.07
C SER B 405 -29.21 5.34 -86.54
N THR B 406 -28.26 4.85 -85.74
CA THR B 406 -26.87 4.81 -86.19
C THR B 406 -26.64 3.70 -87.20
N PHE B 407 -27.25 2.53 -86.99
CA PHE B 407 -27.10 1.39 -87.88
C PHE B 407 -28.47 0.87 -88.34
N LEU B 408 -29.51 1.68 -88.19
CA LEU B 408 -30.85 1.28 -88.61
C LEU B 408 -31.46 2.30 -89.55
N GLN C 1 -30.76 -3.05 14.32
CA GLN C 1 -30.26 -2.93 12.95
C GLN C 1 -30.68 -4.13 12.10
N ASN C 2 -30.84 -3.89 10.81
CA ASN C 2 -31.27 -4.94 9.87
C ASN C 2 -30.45 -4.78 8.59
N ILE C 3 -29.43 -5.62 8.45
CA ILE C 3 -28.57 -5.61 7.26
C ILE C 3 -29.06 -6.69 6.32
N THR C 4 -29.52 -6.29 5.14
CA THR C 4 -30.06 -7.20 4.14
C THR C 4 -29.27 -7.04 2.84
N GLU C 5 -28.84 -8.16 2.28
CA GLU C 5 -28.06 -8.16 1.04
C GLU C 5 -28.84 -8.90 -0.03
N GLU C 6 -29.02 -8.27 -1.18
CA GLU C 6 -29.71 -8.85 -2.32
C GLU C 6 -28.75 -8.96 -3.49
N PHE C 7 -28.70 -10.14 -4.10
CA PHE C 7 -27.82 -10.39 -5.23
C PHE C 7 -28.63 -10.56 -6.49
N TYR C 8 -28.14 -10.00 -7.60
CA TYR C 8 -28.77 -10.07 -8.91
C TYR C 8 -27.76 -10.74 -9.84
N GLN C 9 -28.01 -11.99 -10.20
CA GLN C 9 -27.10 -12.66 -11.12
C GLN C 9 -27.28 -12.14 -12.55
N SER C 10 -28.44 -11.54 -12.85
CA SER C 10 -28.69 -11.04 -14.19
C SER C 10 -27.66 -10.00 -14.60
N THR C 11 -27.29 -9.12 -13.67
CA THR C 11 -26.19 -8.19 -13.87
C THR C 11 -24.98 -8.52 -13.00
N CYS C 12 -25.03 -9.63 -12.26
CA CYS C 12 -23.94 -10.07 -11.41
C CYS C 12 -23.47 -8.94 -10.50
N SER C 13 -24.39 -8.46 -9.67
CA SER C 13 -24.13 -7.35 -8.78
C SER C 13 -24.89 -7.54 -7.48
N ALA C 14 -24.28 -7.08 -6.39
CA ALA C 14 -24.86 -7.24 -5.06
C ALA C 14 -25.12 -5.87 -4.44
N VAL C 15 -26.22 -5.77 -3.70
CA VAL C 15 -26.61 -4.53 -3.04
C VAL C 15 -26.88 -4.82 -1.58
N SER C 16 -26.19 -4.10 -0.70
CA SER C 16 -26.45 -4.16 0.74
C SER C 16 -27.27 -2.95 1.15
N LYS C 17 -28.21 -3.16 2.07
CA LYS C 17 -29.11 -2.09 2.47
C LYS C 17 -29.16 -2.01 3.99
N GLY C 18 -29.90 -1.01 4.48
CA GLY C 18 -30.11 -0.83 5.90
C GLY C 18 -29.10 0.06 6.58
N TYR C 19 -28.04 0.48 5.91
CA TYR C 19 -27.03 1.31 6.54
C TYR C 19 -27.57 2.72 6.76
N LEU C 20 -27.37 3.23 7.98
CA LEU C 20 -27.88 4.53 8.39
C LEU C 20 -26.78 5.57 8.22
N SER C 21 -27.14 6.71 7.64
CA SER C 21 -26.16 7.63 7.10
C SER C 21 -25.51 8.50 8.18
N ALA C 22 -24.38 9.10 7.79
CA ALA C 22 -23.74 10.19 8.51
C ALA C 22 -22.71 10.82 7.58
N LEU C 23 -22.78 12.13 7.36
CA LEU C 23 -21.93 12.80 6.38
C LEU C 23 -21.32 14.04 7.01
N ARG C 24 -20.56 14.78 6.19
CA ARG C 24 -19.90 16.01 6.61
C ARG C 24 -20.18 17.10 5.59
N THR C 25 -20.45 18.31 6.08
CA THR C 25 -20.75 19.44 5.21
C THR C 25 -19.71 20.54 5.30
N GLY C 26 -19.45 21.07 6.49
CA GLY C 26 -18.52 22.18 6.62
C GLY C 26 -17.69 22.05 7.89
N TRP C 27 -16.62 22.83 7.93
CA TRP C 27 -15.69 22.84 9.05
C TRP C 27 -16.06 23.91 10.06
N TYR C 28 -15.41 23.83 11.22
CA TYR C 28 -15.45 24.89 12.22
C TYR C 28 -14.07 25.06 12.81
N THR C 29 -13.65 26.30 12.99
CA THR C 29 -12.34 26.62 13.52
C THR C 29 -12.45 27.01 15.00
N SER C 30 -11.38 26.74 15.74
CA SER C 30 -11.34 27.09 17.16
C SER C 30 -9.88 27.21 17.55
N VAL C 31 -9.41 28.45 17.74
CA VAL C 31 -8.00 28.68 18.05
C VAL C 31 -7.70 28.16 19.45
N ILE C 32 -6.58 27.46 19.59
CA ILE C 32 -6.11 26.92 20.85
C ILE C 32 -4.73 27.47 21.11
N THR C 33 -4.49 27.91 22.35
CA THR C 33 -3.23 28.55 22.70
C THR C 33 -2.61 27.90 23.92
N ILE C 34 -1.28 27.96 23.99
CA ILE C 34 -0.52 27.49 25.14
C ILE C 34 0.30 28.67 25.64
N GLU C 35 0.11 29.03 26.91
CA GLU C 35 0.78 30.18 27.50
C GLU C 35 2.16 29.78 28.00
N LEU C 36 3.17 30.56 27.62
CA LEU C 36 4.56 30.20 27.90
C LEU C 36 5.35 31.46 28.23
N SER C 37 6.61 31.26 28.63
CA SER C 37 7.51 32.36 28.95
C SER C 37 8.86 32.18 28.25
N ASN C 38 9.84 33.01 28.62
CA ASN C 38 11.20 32.82 28.07
C ASN C 38 11.98 31.90 29.01
N ILE C 39 13.28 32.14 29.20
CA ILE C 39 14.09 31.32 30.16
C ILE C 39 15.28 32.18 30.63
N LYS C 40 15.60 32.13 31.92
CA LYS C 40 16.71 32.95 32.47
C LYS C 40 18.03 32.18 32.32
N GLU C 41 18.88 32.61 31.38
CA GLU C 41 20.21 31.95 31.20
C GLU C 41 20.85 31.78 32.59
N ASN C 42 20.64 32.75 33.49
CA ASN C 42 21.17 32.64 34.84
C ASN C 42 20.46 31.50 35.56
N LYS C 43 21.16 30.39 35.77
CA LYS C 43 20.57 29.23 36.42
C LYS C 43 21.19 28.94 37.79
N CYS C 44 22.48 28.57 37.84
CA CYS C 44 23.27 28.55 39.06
C CYS C 44 24.68 28.06 38.73
N ASN C 45 25.52 27.91 39.76
CA ASN C 45 26.93 27.49 39.54
C ASN C 45 27.08 25.97 39.67
N GLY C 46 27.91 25.51 40.60
CA GLY C 46 28.17 24.06 40.73
C GLY C 46 26.93 23.26 41.08
N THR C 47 26.90 21.98 40.67
CA THR C 47 25.76 21.11 41.00
C THR C 47 25.98 20.47 42.36
N ASP C 48 24.96 19.80 42.89
CA ASP C 48 25.08 19.15 44.23
C ASP C 48 24.23 17.87 44.25
N ALA C 49 22.91 18.01 44.11
CA ALA C 49 22.01 16.83 44.19
C ALA C 49 20.80 17.00 43.27
N LYS C 50 20.27 18.23 43.14
CA LYS C 50 19.07 18.43 42.34
C LYS C 50 19.16 19.66 41.47
N VAL C 51 20.36 20.00 41.01
CA VAL C 51 20.56 21.22 40.25
C VAL C 51 21.27 20.95 38.94
N LYS C 52 21.08 19.74 38.40
CA LYS C 52 21.50 19.46 37.04
C LYS C 52 20.32 19.44 36.06
N LEU C 53 19.24 18.75 36.42
CA LEU C 53 18.06 18.73 35.56
C LEU C 53 17.40 20.09 35.43
N ILE C 54 17.69 21.01 36.35
CA ILE C 54 17.13 22.36 36.25
C ILE C 54 17.55 23.04 34.97
N LYS C 55 18.68 22.62 34.39
CA LYS C 55 19.11 23.10 33.09
C LYS C 55 19.02 22.06 31.99
N GLN C 56 19.03 20.77 32.35
CA GLN C 56 18.96 19.70 31.36
C GLN C 56 17.69 19.80 30.54
N GLU C 57 16.53 19.74 31.19
CA GLU C 57 15.30 20.02 30.46
C GLU C 57 14.90 21.49 30.58
N LEU C 58 15.87 22.35 30.38
CA LEU C 58 15.62 23.79 30.22
C LEU C 58 16.29 24.35 29.00
N ASP C 59 17.53 23.92 28.71
CA ASP C 59 18.13 24.29 27.44
C ASP C 59 17.39 23.64 26.28
N LYS C 60 16.82 22.45 26.50
CA LYS C 60 15.98 21.83 25.48
C LYS C 60 14.75 22.68 25.20
N TYR C 61 14.13 23.22 26.26
CA TYR C 61 13.00 24.12 26.08
C TYR C 61 13.40 25.38 25.34
N LYS C 62 14.56 25.94 25.71
CA LYS C 62 15.06 27.13 25.04
C LYS C 62 15.29 26.87 23.56
N ASN C 63 15.75 25.67 23.23
CA ASN C 63 15.88 25.30 21.82
C ASN C 63 14.51 25.17 21.17
N ALA C 64 13.61 24.40 21.79
CA ALA C 64 12.34 24.08 21.18
C ALA C 64 11.56 25.34 20.84
N VAL C 65 11.52 26.30 21.76
CA VAL C 65 10.85 27.56 21.44
C VAL C 65 11.52 28.21 20.23
N THR C 66 12.83 28.02 20.07
CA THR C 66 13.50 28.60 18.92
C THR C 66 13.04 27.95 17.62
N GLU C 67 13.16 26.62 17.49
CA GLU C 67 12.77 26.04 16.21
C GLU C 67 11.28 26.16 15.95
N LEU C 68 10.47 26.39 16.98
CA LEU C 68 9.11 26.87 16.71
C LEU C 68 9.13 28.29 16.16
N GLN C 69 10.06 29.13 16.63
CA GLN C 69 10.15 30.48 16.08
C GLN C 69 10.59 30.45 14.62
N LEU C 70 11.32 29.43 14.19
CA LEU C 70 11.76 29.37 12.79
C LEU C 70 10.58 29.30 11.82
N LEU C 71 9.52 28.61 12.19
CA LEU C 71 8.34 28.51 11.33
C LEU C 71 7.61 29.86 11.37
N MET C 72 8.18 30.83 10.65
CA MET C 72 7.76 32.22 10.80
C MET C 72 6.51 32.55 10.00
N GLN C 73 6.61 32.48 8.67
CA GLN C 73 5.58 33.07 7.80
C GLN C 73 5.16 32.12 6.69
N SER C 74 6.07 31.23 6.28
CA SER C 74 5.85 30.41 5.10
C SER C 74 4.58 29.58 5.24
N THR C 75 3.78 29.57 4.17
CA THR C 75 2.48 28.92 4.18
C THR C 75 2.64 27.40 4.14
N PRO C 76 2.01 26.66 5.05
CA PRO C 76 2.11 25.19 5.02
C PRO C 76 1.34 24.61 3.85
N ALA C 77 1.67 23.36 3.53
CA ALA C 77 1.01 22.65 2.45
C ALA C 77 -0.37 22.17 2.89
N THR C 78 -1.13 21.62 1.94
CA THR C 78 -2.46 21.11 2.21
C THR C 78 -2.52 19.59 2.06
N PHE D 1 -13.46 3.13 -10.11
CA PHE D 1 -13.59 3.22 -11.56
C PHE D 1 -13.95 4.63 -12.01
N LEU D 2 -14.51 5.41 -11.10
CA LEU D 2 -14.95 6.77 -11.41
C LEU D 2 -14.22 7.81 -10.57
N GLY D 3 -12.91 7.61 -10.40
CA GLY D 3 -12.11 8.59 -9.68
C GLY D 3 -11.82 9.86 -10.46
N PHE D 4 -11.87 9.78 -11.79
CA PHE D 4 -11.53 10.93 -12.62
C PHE D 4 -12.63 11.99 -12.66
N LEU D 5 -13.89 11.60 -12.44
CA LEU D 5 -14.97 12.58 -12.50
C LEU D 5 -14.98 13.54 -11.32
N LEU D 6 -14.18 13.29 -10.29
CA LEU D 6 -14.17 14.15 -9.13
C LEU D 6 -13.51 15.48 -9.43
N GLY D 7 -13.72 16.44 -8.54
CA GLY D 7 -13.07 17.73 -8.59
C GLY D 7 -11.83 17.78 -7.72
N VAL D 8 -11.60 18.95 -7.13
CA VAL D 8 -10.48 19.14 -6.22
C VAL D 8 -10.75 20.39 -5.40
N GLY D 9 -10.42 20.32 -4.12
CA GLY D 9 -10.64 21.46 -3.23
C GLY D 9 -9.58 21.53 -2.16
N SER D 10 -9.24 22.75 -1.78
CA SER D 10 -8.28 22.98 -0.71
C SER D 10 -8.95 22.64 0.62
N ALA D 11 -8.44 21.62 1.29
CA ALA D 11 -9.08 21.14 2.51
C ALA D 11 -8.99 22.16 3.63
N ILE D 12 -7.87 22.86 3.74
CA ILE D 12 -7.58 23.70 4.90
C ILE D 12 -7.67 25.19 4.56
N ALA D 13 -8.49 25.57 3.59
CA ALA D 13 -8.64 26.98 3.25
C ALA D 13 -9.20 27.78 4.42
N SER D 14 -10.22 27.24 5.09
CA SER D 14 -10.86 27.97 6.18
C SER D 14 -9.87 28.23 7.31
N GLY D 15 -9.14 27.20 7.73
CA GLY D 15 -8.20 27.38 8.83
C GLY D 15 -7.10 28.35 8.50
N VAL D 16 -6.53 28.25 7.30
CA VAL D 16 -5.44 29.14 6.94
C VAL D 16 -5.93 30.58 6.81
N ALA D 17 -7.17 30.78 6.32
CA ALA D 17 -7.72 32.13 6.30
C ALA D 17 -7.91 32.67 7.71
N VAL D 18 -8.37 31.82 8.64
CA VAL D 18 -8.51 32.24 10.02
C VAL D 18 -7.14 32.64 10.59
N CYS D 19 -6.10 31.86 10.28
CA CYS D 19 -4.77 32.20 10.76
C CYS D 19 -4.30 33.53 10.19
N LYS D 20 -4.48 33.74 8.88
CA LYS D 20 -4.04 34.98 8.27
C LYS D 20 -4.73 36.18 8.89
N VAL D 21 -6.05 36.11 9.10
CA VAL D 21 -6.72 37.24 9.73
C VAL D 21 -6.26 37.38 11.18
N LEU D 22 -5.98 36.27 11.86
CA LEU D 22 -5.44 36.33 13.22
C LEU D 22 -4.07 36.99 13.26
N HIS D 23 -3.38 37.06 12.14
CA HIS D 23 -2.04 37.62 12.08
C HIS D 23 -2.05 39.16 11.99
N LEU D 24 -3.13 39.81 12.41
CA LEU D 24 -3.30 41.25 12.26
C LEU D 24 -3.01 42.01 13.55
N GLU D 25 -2.05 41.52 14.34
CA GLU D 25 -1.33 42.24 15.39
C GLU D 25 -2.20 42.80 16.53
N GLY D 26 -3.51 42.61 16.47
CA GLY D 26 -4.34 43.05 17.56
C GLY D 26 -5.10 41.92 18.22
N GLU D 27 -5.43 40.91 17.42
CA GLU D 27 -6.21 39.79 17.93
C GLU D 27 -5.43 38.98 18.95
N VAL D 28 -4.09 38.95 18.84
CA VAL D 28 -3.28 38.26 19.83
C VAL D 28 -3.41 38.92 21.19
N ASN D 29 -3.35 40.25 21.22
CA ASN D 29 -3.53 40.96 22.48
C ASN D 29 -4.95 40.78 23.01
N LYS D 30 -5.94 40.83 22.11
CA LYS D 30 -7.33 40.65 22.53
C LYS D 30 -7.55 39.27 23.15
N ILE D 31 -7.01 38.23 22.53
CA ILE D 31 -7.20 36.88 23.04
C ILE D 31 -6.41 36.66 24.32
N LYS D 32 -5.22 37.27 24.43
CA LYS D 32 -4.46 37.16 25.67
C LYS D 32 -5.19 37.81 26.82
N SER D 33 -5.79 38.99 26.59
CA SER D 33 -6.49 39.69 27.65
C SER D 33 -7.85 39.08 27.97
N ALA D 34 -8.54 38.51 26.99
CA ALA D 34 -9.90 38.04 27.22
C ALA D 34 -9.91 36.77 28.06
N LEU D 35 -8.95 35.87 27.84
CA LEU D 35 -8.88 34.59 28.54
C LEU D 35 -8.11 34.71 29.86
N LEU D 36 -7.83 35.93 30.31
CA LEU D 36 -6.99 36.12 31.49
C LEU D 36 -7.60 35.51 32.74
N SER D 37 -8.92 35.49 32.85
CA SER D 37 -9.58 35.02 34.07
C SER D 37 -10.33 33.71 33.91
N THR D 38 -10.34 33.11 32.72
CA THR D 38 -11.09 31.88 32.51
C THR D 38 -10.42 31.08 31.41
N ASN D 39 -10.90 29.84 31.23
CA ASN D 39 -10.35 28.94 30.24
C ASN D 39 -11.20 28.81 28.99
N LYS D 40 -12.43 29.31 29.00
CA LYS D 40 -13.34 29.22 27.87
C LYS D 40 -13.86 30.60 27.54
N ALA D 41 -13.65 31.04 26.30
CA ALA D 41 -14.10 32.35 25.86
C ALA D 41 -14.53 32.29 24.41
N VAL D 42 -15.32 33.29 24.01
CA VAL D 42 -15.77 33.46 22.63
C VAL D 42 -15.39 34.87 22.23
N VAL D 43 -14.51 35.01 21.24
CA VAL D 43 -13.91 36.29 20.89
C VAL D 43 -14.20 36.61 19.43
N SER D 44 -14.65 37.83 19.18
CA SER D 44 -14.88 38.31 17.83
C SER D 44 -13.57 38.73 17.18
N LEU D 45 -13.60 38.88 15.86
CA LEU D 45 -12.43 39.26 15.09
C LEU D 45 -12.63 40.61 14.42
N SER D 46 -11.52 41.17 13.94
CA SER D 46 -11.57 42.48 13.30
C SER D 46 -12.42 42.47 12.04
N ASN D 47 -12.32 41.40 11.24
CA ASN D 47 -13.10 41.32 10.01
C ASN D 47 -14.60 41.26 10.29
N GLY D 48 -14.98 40.76 11.47
CA GLY D 48 -16.39 40.73 11.83
C GLY D 48 -16.96 39.35 12.04
N VAL D 49 -16.14 38.40 12.48
CA VAL D 49 -16.59 37.06 12.84
C VAL D 49 -16.10 36.76 14.24
N SER D 50 -16.79 35.85 14.93
CA SER D 50 -16.45 35.47 16.29
C SER D 50 -16.20 33.97 16.35
N VAL D 51 -15.14 33.58 17.04
CA VAL D 51 -14.75 32.18 17.14
C VAL D 51 -14.50 31.83 18.60
N LEU D 52 -14.54 30.53 18.88
CA LEU D 52 -14.26 29.99 20.20
C LEU D 52 -12.75 29.89 20.42
N THR D 53 -12.35 29.86 21.69
CA THR D 53 -10.95 29.72 22.05
C THR D 53 -10.82 28.79 23.25
N PHE D 54 -9.58 28.44 23.57
CA PHE D 54 -9.32 27.47 24.62
C PHE D 54 -7.90 27.66 25.14
N LYS D 55 -7.67 27.22 26.38
CA LYS D 55 -6.34 27.15 26.95
C LYS D 55 -6.13 25.73 27.47
N VAL D 56 -5.07 25.07 27.01
CA VAL D 56 -4.83 23.69 27.36
C VAL D 56 -3.64 23.51 28.29
N LEU D 57 -2.64 24.38 28.23
CA LEU D 57 -1.46 24.25 29.09
C LEU D 57 -0.92 25.64 29.41
N ASP D 58 -0.47 25.82 30.65
CA ASP D 58 0.03 27.10 31.15
C ASP D 58 1.36 26.89 31.86
N LEU D 59 2.45 26.94 31.09
CA LEU D 59 3.78 26.85 31.68
C LEU D 59 4.17 28.13 32.42
N LYS D 60 3.68 29.28 31.96
CA LYS D 60 4.08 30.55 32.53
C LYS D 60 3.76 30.62 34.02
N ASN D 61 2.53 30.26 34.39
CA ASN D 61 2.09 30.40 35.77
C ASN D 61 2.90 29.52 36.73
N TYR D 62 3.61 28.52 36.20
CA TYR D 62 4.51 27.71 37.00
C TYR D 62 5.97 28.13 36.87
N ILE D 63 6.41 28.48 35.66
CA ILE D 63 7.81 28.82 35.47
C ILE D 63 8.15 30.14 36.16
N ASP D 64 7.24 31.12 36.11
CA ASP D 64 7.50 32.36 36.85
C ASP D 64 7.49 32.13 38.35
N LYS D 65 6.59 31.26 38.82
CA LYS D 65 6.54 30.94 40.24
C LYS D 65 7.84 30.31 40.71
N GLN D 66 8.41 29.42 39.90
CA GLN D 66 9.65 28.76 40.27
C GLN D 66 10.89 29.54 39.90
N LEU D 67 10.76 30.63 39.13
CA LEU D 67 11.93 31.41 38.75
C LEU D 67 12.59 32.06 39.95
N LEU D 68 11.80 32.57 40.90
CA LEU D 68 12.40 33.14 42.10
C LEU D 68 13.14 32.09 42.93
N PRO D 69 12.55 30.93 43.27
CA PRO D 69 13.32 29.95 44.04
C PRO D 69 14.21 29.07 43.19
N ILE D 70 14.86 29.65 42.18
CA ILE D 70 15.99 29.02 41.51
C ILE D 70 17.15 29.98 41.35
N LEU D 71 17.00 31.21 41.86
CA LEU D 71 18.06 32.25 41.72
C LEU D 71 17.87 33.29 42.82
N ASN D 72 16.70 33.93 42.87
CA ASN D 72 16.41 34.95 43.92
C ASN D 72 16.46 34.28 45.29
N LYS D 73 15.93 33.06 45.39
CA LYS D 73 15.97 32.31 46.67
C LYS D 73 17.15 31.32 46.64
N GLN D 74 16.85 30.02 46.60
CA GLN D 74 17.92 28.98 46.59
C GLN D 74 18.56 28.95 45.19
N SER D 75 19.84 29.33 45.10
CA SER D 75 20.54 29.34 43.79
C SER D 75 20.61 27.91 43.23
N CYS D 76 21.18 26.98 44.00
CA CYS D 76 21.84 25.78 43.43
C CYS D 76 21.87 24.65 44.47
N SER D 77 20.88 24.61 45.36
CA SER D 77 20.79 23.51 46.36
C SER D 77 19.46 22.78 46.14
N ILE D 78 19.28 21.59 46.73
CA ILE D 78 18.05 20.85 46.46
C ILE D 78 16.86 21.74 46.78
N SER D 79 15.97 21.90 45.81
CA SER D 79 14.80 22.76 46.01
C SER D 79 13.71 22.00 46.77
N ASN D 80 13.20 20.96 46.11
CA ASN D 80 12.15 20.12 46.74
C ASN D 80 11.61 19.17 45.67
N ILE D 81 10.86 18.17 46.09
CA ILE D 81 10.20 17.27 45.16
C ILE D 81 8.94 17.98 44.70
N GLU D 82 8.44 17.57 43.53
CA GLU D 82 7.40 18.20 42.72
C GLU D 82 7.97 19.41 41.99
N THR D 83 9.19 19.83 42.28
CA THR D 83 9.96 20.71 41.42
C THR D 83 10.97 19.96 40.57
N VAL D 84 11.03 18.64 40.73
CA VAL D 84 11.95 17.79 39.98
C VAL D 84 11.22 16.96 38.94
N ILE D 85 10.31 16.09 39.40
CA ILE D 85 9.56 15.22 38.50
C ILE D 85 8.54 16.03 37.70
N GLU D 86 7.84 16.95 38.35
CA GLU D 86 6.79 17.70 37.67
C GLU D 86 7.37 18.55 36.55
N PHE D 87 8.53 19.16 36.77
CA PHE D 87 9.17 19.91 35.71
C PHE D 87 9.62 18.99 34.58
N GLN D 88 10.01 17.77 34.91
CA GLN D 88 10.30 16.79 33.86
C GLN D 88 9.06 16.48 33.04
N GLN D 89 7.91 16.35 33.70
CA GLN D 89 6.69 15.94 33.01
C GLN D 89 6.13 17.06 32.16
N LYS D 90 6.18 18.30 32.64
CA LYS D 90 5.50 19.39 31.96
C LYS D 90 6.06 19.62 30.56
N ASN D 91 7.39 19.58 30.42
CA ASN D 91 7.99 19.84 29.12
C ASN D 91 7.76 18.73 28.11
N ASN D 92 7.23 17.58 28.55
CA ASN D 92 7.04 16.46 27.63
C ASN D 92 6.05 16.81 26.52
N ARG D 93 4.91 17.40 26.88
CA ARG D 93 3.91 17.74 25.88
C ARG D 93 4.47 18.74 24.87
N LEU D 94 5.19 19.76 25.34
CA LEU D 94 5.77 20.74 24.44
C LEU D 94 6.83 20.13 23.53
N LEU D 95 7.68 19.25 24.07
CA LEU D 95 8.66 18.59 23.22
C LEU D 95 8.00 17.75 22.15
N GLU D 96 6.94 17.02 22.52
CA GLU D 96 6.29 16.14 21.55
C GLU D 96 5.58 16.94 20.48
N ILE D 97 4.92 18.04 20.85
CA ILE D 97 4.27 18.86 19.82
C ILE D 97 5.32 19.51 18.93
N THR D 98 6.46 19.91 19.51
CA THR D 98 7.56 20.42 18.72
C THR D 98 7.99 19.40 17.68
N ARG D 99 8.18 18.15 18.11
CA ARG D 99 8.63 17.10 17.21
C ARG D 99 7.61 16.85 16.11
N GLU D 100 6.33 16.78 16.46
CA GLU D 100 5.29 16.52 15.47
C GLU D 100 5.25 17.63 14.42
N PHE D 101 5.22 18.88 14.86
CA PHE D 101 5.15 19.97 13.90
C PHE D 101 6.44 20.12 13.10
N SER D 102 7.58 19.72 13.66
CA SER D 102 8.82 19.81 12.90
C SER D 102 8.92 18.72 11.85
N VAL D 103 8.34 17.55 12.12
CA VAL D 103 8.36 16.47 11.14
C VAL D 103 7.29 16.63 10.07
N ASN D 104 6.11 17.12 10.41
CA ASN D 104 5.03 17.24 9.44
C ASN D 104 4.96 18.61 8.77
N ALA D 105 5.74 19.59 9.24
CA ALA D 105 5.87 20.89 8.59
C ALA D 105 4.53 21.62 8.52
N GLY D 106 3.95 21.85 9.69
CA GLY D 106 2.86 22.78 9.85
C GLY D 106 1.46 22.18 9.78
N VAL D 107 1.31 21.00 9.20
CA VAL D 107 0.00 20.36 9.08
C VAL D 107 0.13 18.91 9.54
N THR D 108 -0.69 18.53 10.51
CA THR D 108 -0.71 17.16 11.02
C THR D 108 -2.12 16.59 10.92
N THR D 109 -2.22 15.34 10.49
CA THR D 109 -3.49 14.64 10.45
C THR D 109 -3.24 13.15 10.50
N PRO D 110 -4.00 12.39 11.28
CA PRO D 110 -5.06 12.81 12.21
C PRO D 110 -4.48 13.51 13.44
N VAL D 111 -5.31 14.24 14.19
CA VAL D 111 -4.83 15.02 15.32
C VAL D 111 -4.49 14.08 16.46
N SER D 112 -3.21 13.94 16.77
CA SER D 112 -2.78 13.11 17.88
C SER D 112 -3.24 13.73 19.21
N THR D 113 -3.38 12.88 20.22
CA THR D 113 -3.94 13.34 21.49
C THR D 113 -2.99 14.26 22.25
N TYR D 114 -1.72 14.34 21.84
CA TYR D 114 -0.84 15.35 22.44
C TYR D 114 -1.37 16.75 22.20
N MET D 115 -1.88 17.03 21.00
CA MET D 115 -2.36 18.38 20.72
C MET D 115 -3.64 18.66 21.49
N LEU D 116 -4.47 17.64 21.69
CA LEU D 116 -5.78 17.83 22.30
C LEU D 116 -6.27 16.47 22.78
N THR D 117 -6.43 16.31 24.09
CA THR D 117 -6.82 15.03 24.65
C THR D 117 -8.34 14.94 24.70
N ASN D 118 -8.84 13.85 25.29
CA ASN D 118 -10.28 13.61 25.29
C ASN D 118 -11.04 14.66 26.08
N SER D 119 -10.47 15.13 27.19
CA SER D 119 -11.17 16.08 28.03
C SER D 119 -11.47 17.37 27.29
N GLU D 120 -10.45 17.96 26.65
CA GLU D 120 -10.67 19.21 25.93
C GLU D 120 -11.60 19.01 24.74
N LEU D 121 -11.48 17.87 24.07
CA LEU D 121 -12.37 17.57 22.95
C LEU D 121 -13.82 17.56 23.40
N LEU D 122 -14.11 16.79 24.45
CA LEU D 122 -15.47 16.73 24.97
C LEU D 122 -15.94 18.09 25.45
N SER D 123 -15.04 18.88 26.02
CA SER D 123 -15.41 20.24 26.39
C SER D 123 -15.81 21.06 25.17
N LEU D 124 -15.08 20.91 24.06
CA LEU D 124 -15.40 21.66 22.86
C LEU D 124 -16.76 21.28 22.31
N ILE D 125 -17.05 19.98 22.22
CA ILE D 125 -18.38 19.60 21.74
C ILE D 125 -19.48 20.02 22.72
N ASN D 126 -19.22 19.97 24.04
CA ASN D 126 -20.21 20.46 24.98
C ASN D 126 -20.49 21.94 24.76
N ASP D 127 -19.45 22.73 24.50
CA ASP D 127 -19.59 24.15 24.23
C ASP D 127 -19.74 24.46 22.74
N MET D 128 -19.82 23.44 21.91
CA MET D 128 -20.00 23.62 20.48
C MET D 128 -21.34 24.28 20.20
N PRO D 129 -21.39 25.38 19.46
CA PRO D 129 -22.68 25.95 19.07
C PRO D 129 -23.39 25.10 18.04
N ILE D 130 -24.01 23.99 18.49
CA ILE D 130 -24.67 23.05 17.61
C ILE D 130 -25.81 22.39 18.37
N THR D 131 -26.67 21.69 17.64
CA THR D 131 -27.83 21.02 18.21
C THR D 131 -27.41 19.84 19.07
N ASN D 132 -28.36 19.35 19.87
CA ASN D 132 -28.06 18.29 20.82
C ASN D 132 -27.77 16.96 20.13
N ASP D 133 -28.53 16.63 19.08
CA ASP D 133 -28.36 15.33 18.43
C ASP D 133 -26.96 15.18 17.84
N GLN D 134 -26.40 16.26 17.30
CA GLN D 134 -25.04 16.20 16.79
C GLN D 134 -24.04 15.96 17.92
N LYS D 135 -24.28 16.56 19.09
CA LYS D 135 -23.43 16.27 20.24
C LYS D 135 -23.51 14.80 20.64
N LYS D 136 -24.72 14.24 20.62
CA LYS D 136 -24.87 12.82 20.92
C LYS D 136 -24.13 11.97 19.90
N LEU D 137 -24.18 12.36 18.63
CA LEU D 137 -23.45 11.63 17.60
C LEU D 137 -21.95 11.69 17.83
N MET D 138 -21.43 12.87 18.16
CA MET D 138 -19.98 12.99 18.32
C MET D 138 -19.49 12.31 19.60
N SER D 139 -20.31 12.28 20.64
CA SER D 139 -19.84 11.75 21.92
C SER D 139 -19.58 10.24 21.89
N ASN D 140 -19.99 9.55 20.83
CA ASN D 140 -19.79 8.11 20.74
C ASN D 140 -18.79 7.70 19.66
N ASN D 141 -18.29 8.63 18.86
CA ASN D 141 -17.37 8.32 17.77
C ASN D 141 -16.23 9.33 17.76
N VAL D 142 -15.61 9.55 18.91
CA VAL D 142 -14.57 10.56 19.02
C VAL D 142 -13.37 10.23 18.14
N GLN D 143 -13.05 8.93 18.03
CA GLN D 143 -11.89 8.54 17.23
C GLN D 143 -12.07 8.89 15.77
N ILE D 144 -13.30 8.79 15.25
CA ILE D 144 -13.56 9.21 13.88
C ILE D 144 -13.36 10.72 13.74
N VAL D 145 -13.77 11.48 14.75
CA VAL D 145 -13.52 12.92 14.75
C VAL D 145 -12.03 13.20 14.71
N ARG D 146 -11.25 12.43 15.47
CA ARG D 146 -9.80 12.57 15.42
C ARG D 146 -9.27 12.28 14.01
N GLN D 147 -9.81 11.24 13.38
CA GLN D 147 -9.32 10.83 12.07
C GLN D 147 -9.81 11.73 10.93
N GLN D 148 -10.76 12.63 11.19
CA GLN D 148 -11.31 13.48 10.14
C GLN D 148 -11.18 14.95 10.51
N SER D 149 -9.99 15.36 10.95
CA SER D 149 -9.77 16.75 11.28
C SER D 149 -8.32 17.12 10.99
N TYR D 150 -8.09 18.41 10.78
CA TYR D 150 -6.76 18.95 10.51
C TYR D 150 -6.39 19.94 11.58
N SER D 151 -5.08 20.21 11.69
CA SER D 151 -4.55 21.14 12.67
C SER D 151 -3.36 21.84 12.03
N ILE D 152 -3.38 23.17 12.04
CA ILE D 152 -2.36 23.97 11.38
C ILE D 152 -1.75 24.96 12.38
N MET D 153 -0.43 24.99 12.42
CA MET D 153 0.27 25.97 13.25
C MET D 153 0.01 27.37 12.71
N CYS D 154 -0.18 28.32 13.61
CA CYS D 154 -0.60 29.66 13.20
C CYS D 154 0.45 30.73 13.44
N ILE D 155 0.91 30.91 14.68
CA ILE D 155 1.78 32.05 14.99
C ILE D 155 2.45 31.81 16.33
N ILE D 156 3.65 32.34 16.48
CA ILE D 156 4.34 32.44 17.76
C ILE D 156 4.66 33.90 18.01
N LYS D 157 4.53 34.34 19.26
CA LYS D 157 4.75 35.74 19.61
C LYS D 157 5.48 35.80 20.94
N GLU D 158 5.41 36.96 21.59
CA GLU D 158 6.24 37.23 22.77
C GLU D 158 6.09 36.16 23.84
N GLU D 159 4.84 35.81 24.20
CA GLU D 159 4.63 34.77 25.19
C GLU D 159 3.44 33.88 24.86
N VAL D 160 2.93 33.93 23.63
CA VAL D 160 1.71 33.22 23.27
C VAL D 160 2.02 32.30 22.09
N LEU D 161 1.68 31.03 22.24
CA LEU D 161 1.76 30.05 21.17
C LEU D 161 0.36 29.57 20.86
N ALA D 162 -0.02 29.63 19.58
CA ALA D 162 -1.38 29.32 19.18
C ALA D 162 -1.38 28.63 17.83
N TYR D 163 -2.46 27.88 17.58
CA TYR D 163 -2.67 27.23 16.29
C TYR D 163 -4.18 27.08 16.08
N VAL D 164 -4.56 26.41 15.00
CA VAL D 164 -5.96 26.23 14.64
C VAL D 164 -6.23 24.75 14.49
N VAL D 165 -7.36 24.29 15.03
CA VAL D 165 -7.76 22.89 14.95
C VAL D 165 -9.15 22.84 14.35
N GLN D 166 -9.25 22.42 13.09
CA GLN D 166 -10.55 22.30 12.45
C GLN D 166 -11.36 21.18 13.09
N LEU D 167 -12.68 21.30 13.01
CA LEU D 167 -13.58 20.28 13.55
C LEU D 167 -14.73 20.06 12.56
N PRO D 168 -14.95 18.84 12.10
CA PRO D 168 -16.04 18.60 11.16
C PRO D 168 -17.41 18.78 11.80
N LEU D 169 -18.37 19.14 10.96
CA LEU D 169 -19.77 19.23 11.36
C LEU D 169 -20.59 18.25 10.55
N TYR D 170 -21.36 17.40 11.24
CA TYR D 170 -22.20 16.40 10.57
C TYR D 170 -23.57 17.02 10.32
N GLY D 171 -23.65 17.84 9.28
CA GLY D 171 -24.87 18.53 8.96
C GLY D 171 -26.00 17.63 8.51
N VAL D 172 -25.69 16.56 7.78
CA VAL D 172 -26.69 15.62 7.28
C VAL D 172 -26.55 14.34 8.10
N ILE D 173 -27.69 13.84 8.59
CA ILE D 173 -27.68 12.69 9.50
C ILE D 173 -28.97 11.91 9.32
N ASP D 174 -28.88 10.60 9.50
CA ASP D 174 -30.03 9.70 9.55
C ASP D 174 -30.82 9.71 8.25
N THR D 175 -30.18 9.24 7.20
CA THR D 175 -30.86 8.97 5.94
C THR D 175 -30.51 7.56 5.48
N PRO D 176 -31.39 6.92 4.69
CA PRO D 176 -31.08 5.59 4.18
C PRO D 176 -30.03 5.64 3.08
N CYS D 177 -29.16 4.63 3.07
CA CYS D 177 -28.07 4.52 2.11
C CYS D 177 -28.00 3.09 1.59
N TRP D 178 -27.00 2.82 0.75
CA TRP D 178 -26.71 1.47 0.32
C TRP D 178 -25.32 1.43 -0.30
N LYS D 179 -24.83 0.21 -0.53
CA LYS D 179 -23.52 -0.01 -1.12
C LYS D 179 -23.67 -0.95 -2.30
N LEU D 180 -23.06 -0.59 -3.43
CA LEU D 180 -23.19 -1.37 -4.65
C LEU D 180 -21.83 -1.95 -5.04
N HIS D 181 -21.80 -3.26 -5.24
CA HIS D 181 -20.62 -3.99 -5.68
C HIS D 181 -20.79 -4.42 -7.14
N THR D 182 -19.74 -5.04 -7.67
CA THR D 182 -19.78 -5.51 -9.04
C THR D 182 -18.72 -6.59 -9.23
N SER D 183 -18.84 -7.31 -10.34
CA SER D 183 -17.92 -8.39 -10.66
C SER D 183 -17.94 -8.62 -12.17
N PRO D 184 -16.83 -9.02 -12.76
CA PRO D 184 -16.80 -9.25 -14.20
C PRO D 184 -17.78 -10.34 -14.63
N LEU D 185 -18.39 -10.14 -15.80
CA LEU D 185 -19.32 -11.09 -16.39
C LEU D 185 -18.98 -11.25 -17.86
N CYS D 186 -18.81 -12.50 -18.29
CA CYS D 186 -18.41 -12.78 -19.67
C CYS D 186 -19.19 -13.98 -20.18
N THR D 187 -19.04 -14.25 -21.48
CA THR D 187 -19.68 -15.40 -22.10
C THR D 187 -19.02 -16.69 -21.64
N THR D 188 -19.76 -17.79 -21.77
CA THR D 188 -19.32 -19.08 -21.25
C THR D 188 -19.00 -20.08 -22.37
N ASN D 189 -18.75 -19.60 -23.58
CA ASN D 189 -18.40 -20.51 -24.66
C ASN D 189 -17.03 -21.14 -24.41
N THR D 190 -16.88 -22.39 -24.83
CA THR D 190 -15.65 -23.13 -24.56
C THR D 190 -14.51 -22.76 -25.50
N LYS D 191 -14.81 -22.08 -26.60
CA LYS D 191 -13.78 -21.73 -27.55
C LYS D 191 -13.05 -20.47 -27.11
N GLU D 192 -11.75 -20.60 -26.84
CA GLU D 192 -10.94 -19.46 -26.43
C GLU D 192 -10.85 -18.43 -27.55
N GLY D 193 -10.72 -17.17 -27.17
CA GLY D 193 -10.67 -16.08 -28.12
C GLY D 193 -12.01 -15.58 -28.59
N SER D 194 -13.11 -16.19 -28.15
CA SER D 194 -14.46 -15.78 -28.54
C SER D 194 -15.29 -15.35 -27.34
N ASN D 195 -14.67 -14.72 -26.35
CA ASN D 195 -15.36 -14.25 -25.17
C ASN D 195 -15.43 -12.73 -25.16
N ILE D 196 -16.61 -12.20 -24.88
CA ILE D 196 -16.82 -10.77 -24.67
C ILE D 196 -17.35 -10.57 -23.27
N CYS D 197 -16.72 -9.68 -22.52
CA CYS D 197 -17.06 -9.47 -21.12
C CYS D 197 -17.96 -8.24 -20.96
N LEU D 198 -18.42 -8.03 -19.73
CA LEU D 198 -19.26 -6.91 -19.39
C LEU D 198 -19.29 -6.76 -17.87
N THR D 199 -19.12 -5.54 -17.38
CA THR D 199 -19.04 -5.31 -15.95
C THR D 199 -19.63 -3.96 -15.60
N ARG D 200 -20.46 -3.92 -14.57
CA ARG D 200 -20.96 -2.65 -14.06
C ARG D 200 -19.82 -1.86 -13.45
N THR D 201 -19.88 -0.53 -13.58
CA THR D 201 -18.77 0.33 -13.22
C THR D 201 -19.07 1.33 -12.11
N ASP D 202 -20.33 1.48 -11.70
CA ASP D 202 -20.70 2.51 -10.75
C ASP D 202 -20.68 2.02 -9.31
N ARG D 203 -19.79 1.09 -8.98
CA ARG D 203 -19.70 0.56 -7.63
C ARG D 203 -19.35 1.68 -6.64
N GLY D 204 -19.75 1.49 -5.40
CA GLY D 204 -19.41 2.44 -4.36
C GLY D 204 -20.59 2.69 -3.44
N TRP D 205 -20.51 3.80 -2.71
CA TRP D 205 -21.50 4.15 -1.70
C TRP D 205 -22.54 5.09 -2.28
N TYR D 206 -23.81 4.84 -1.97
CA TYR D 206 -24.91 5.71 -2.36
C TYR D 206 -25.62 6.15 -1.10
N CYS D 207 -25.92 7.45 -1.00
CA CYS D 207 -26.66 7.96 0.15
C CYS D 207 -27.69 8.97 -0.33
N ASP D 208 -28.70 9.20 0.50
CA ASP D 208 -29.79 10.10 0.16
C ASP D 208 -29.59 11.43 0.86
N ASN D 209 -29.88 12.52 0.16
CA ASN D 209 -29.67 13.86 0.70
C ASN D 209 -30.55 14.83 -0.07
N ALA D 210 -31.57 15.38 0.61
CA ALA D 210 -32.40 16.47 0.07
C ALA D 210 -32.98 16.11 -1.29
N GLY D 211 -33.46 14.87 -1.42
CA GLY D 211 -34.09 14.43 -2.66
C GLY D 211 -33.13 14.03 -3.75
N SER D 212 -31.83 14.12 -3.53
CA SER D 212 -30.82 13.70 -4.48
C SER D 212 -29.99 12.58 -3.85
N VAL D 213 -29.02 12.07 -4.61
CA VAL D 213 -28.18 10.98 -4.15
C VAL D 213 -26.74 11.44 -4.18
N SER D 214 -26.06 11.31 -3.05
CA SER D 214 -24.62 11.46 -3.00
C SER D 214 -23.97 10.14 -3.38
N PHE D 215 -23.03 10.20 -4.32
CA PHE D 215 -22.35 9.02 -4.84
C PHE D 215 -20.87 9.13 -4.50
N PHE D 216 -20.37 8.18 -3.70
CA PHE D 216 -18.96 8.12 -3.35
C PHE D 216 -18.32 6.96 -4.07
N PRO D 217 -17.40 7.21 -5.00
CA PRO D 217 -16.85 6.12 -5.82
C PRO D 217 -15.76 5.33 -5.12
N GLN D 218 -14.96 5.98 -4.28
CA GLN D 218 -13.87 5.32 -3.59
C GLN D 218 -14.36 4.75 -2.27
N ALA D 219 -14.19 3.45 -2.09
CA ALA D 219 -14.59 2.80 -0.84
C ALA D 219 -13.67 3.13 0.32
N GLU D 220 -12.52 3.75 0.06
CA GLU D 220 -11.57 4.07 1.11
C GLU D 220 -11.73 5.47 1.66
N THR D 221 -12.68 6.24 1.16
CA THR D 221 -12.99 7.56 1.69
C THR D 221 -14.24 7.54 2.58
N CYS D 222 -14.74 6.36 2.91
CA CYS D 222 -15.91 6.22 3.77
C CYS D 222 -15.63 5.15 4.80
N LYS D 223 -15.86 5.48 6.07
CA LYS D 223 -15.65 4.57 7.18
C LYS D 223 -16.97 3.96 7.62
N VAL D 224 -16.90 2.79 8.24
CA VAL D 224 -18.08 2.09 8.73
C VAL D 224 -17.85 1.76 10.19
N GLN D 225 -18.76 2.21 11.05
CA GLN D 225 -18.69 1.92 12.48
C GLN D 225 -20.03 1.34 12.91
N SER D 226 -19.99 0.16 13.53
CA SER D 226 -21.19 -0.59 13.87
C SER D 226 -22.03 -0.83 12.61
N ASN D 227 -23.11 -0.09 12.45
CA ASN D 227 -23.94 -0.17 11.25
C ASN D 227 -24.14 1.18 10.60
N ARG D 228 -23.44 2.21 11.05
CA ARG D 228 -23.54 3.55 10.49
C ARG D 228 -22.29 3.85 9.66
N VAL D 229 -22.45 4.74 8.69
CA VAL D 229 -21.40 5.04 7.72
C VAL D 229 -21.06 6.53 7.77
N PHE D 230 -19.77 6.83 7.71
CA PHE D 230 -19.27 8.19 7.61
C PHE D 230 -18.59 8.37 6.26
N CYS D 231 -18.68 9.57 5.71
CA CYS D 231 -18.11 9.88 4.41
C CYS D 231 -17.65 11.33 4.42
N ASP D 232 -17.46 11.89 3.23
CA ASP D 232 -17.10 13.30 3.10
C ASP D 232 -17.55 13.81 1.74
N THR D 233 -18.31 14.91 1.75
CA THR D 233 -18.85 15.44 0.50
C THR D 233 -17.78 15.91 -0.46
N MET D 234 -16.56 16.14 0.02
CA MET D 234 -15.47 16.52 -0.88
C MET D 234 -15.16 15.45 -1.91
N ASN D 235 -15.54 14.21 -1.64
CA ASN D 235 -15.27 13.08 -2.54
C ASN D 235 -16.57 12.50 -3.06
N SER D 236 -17.50 13.36 -3.48
CA SER D 236 -18.83 12.91 -3.84
C SER D 236 -19.28 13.53 -5.15
N LEU D 237 -20.21 12.84 -5.80
CA LEU D 237 -20.90 13.35 -6.96
C LEU D 237 -22.40 13.41 -6.67
N THR D 238 -23.09 14.29 -7.38
CA THR D 238 -24.52 14.50 -7.18
C THR D 238 -25.29 13.81 -8.30
N LEU D 239 -26.27 12.99 -7.92
CA LEU D 239 -27.04 12.22 -8.88
C LEU D 239 -28.52 12.39 -8.60
N PRO D 240 -29.36 12.26 -9.63
CA PRO D 240 -30.81 12.31 -9.41
C PRO D 240 -31.30 11.05 -8.72
N SER D 241 -32.56 11.09 -8.30
CA SER D 241 -33.09 10.07 -7.40
C SER D 241 -33.34 8.73 -8.08
N GLU D 242 -33.35 8.67 -9.40
CA GLU D 242 -33.76 7.47 -10.11
C GLU D 242 -32.61 6.51 -10.40
N VAL D 243 -31.41 6.77 -9.86
CA VAL D 243 -30.27 5.91 -10.14
C VAL D 243 -30.54 4.49 -9.67
N ASN D 244 -31.26 4.35 -8.54
CA ASN D 244 -31.58 3.02 -8.04
C ASN D 244 -32.43 2.22 -9.02
N LEU D 245 -33.08 2.88 -9.97
CA LEU D 245 -33.82 2.16 -11.00
C LEU D 245 -32.90 1.27 -11.84
N CYS D 246 -31.60 1.57 -11.88
CA CYS D 246 -30.67 0.67 -12.54
C CYS D 246 -30.58 -0.67 -11.82
N ASN D 247 -30.67 -0.65 -10.48
CA ASN D 247 -30.53 -1.89 -9.71
C ASN D 247 -31.66 -2.88 -9.97
N VAL D 248 -32.90 -2.42 -10.04
CA VAL D 248 -34.02 -3.32 -10.28
C VAL D 248 -34.03 -3.83 -11.72
N ASP D 249 -33.75 -2.95 -12.68
CA ASP D 249 -33.76 -3.31 -14.09
C ASP D 249 -32.67 -2.55 -14.82
N ILE D 250 -32.11 -3.18 -15.85
CA ILE D 250 -31.00 -2.59 -16.57
C ILE D 250 -31.43 -1.87 -17.85
N PHE D 251 -32.60 -2.18 -18.39
CA PHE D 251 -33.06 -1.58 -19.64
C PHE D 251 -34.14 -0.52 -19.43
N ASN D 252 -34.27 -0.02 -18.21
CA ASN D 252 -35.29 1.00 -17.94
C ASN D 252 -34.95 2.27 -18.70
N PRO D 253 -35.85 2.78 -19.55
CA PRO D 253 -35.51 3.99 -20.32
C PRO D 253 -35.45 5.26 -19.51
N LYS D 254 -35.95 5.26 -18.27
CA LYS D 254 -35.93 6.47 -17.46
C LYS D 254 -34.50 6.91 -17.16
N TYR D 255 -33.62 5.98 -16.83
CA TYR D 255 -32.24 6.29 -16.52
C TYR D 255 -31.31 5.37 -17.31
N ASP D 256 -30.12 5.87 -17.60
CA ASP D 256 -29.12 5.15 -18.37
C ASP D 256 -28.00 4.72 -17.43
N CYS D 257 -27.72 3.42 -17.40
CA CYS D 257 -26.71 2.88 -16.51
C CYS D 257 -25.32 2.95 -17.16
N LYS D 258 -24.32 2.52 -16.41
CA LYS D 258 -22.93 2.55 -16.85
C LYS D 258 -22.37 1.15 -16.89
N ILE D 259 -21.65 0.83 -17.97
CA ILE D 259 -21.07 -0.50 -18.18
C ILE D 259 -19.68 -0.34 -18.78
N MET D 260 -18.98 -1.47 -18.91
CA MET D 260 -17.66 -1.52 -19.52
C MET D 260 -17.44 -2.94 -20.03
N THR D 261 -16.78 -3.07 -21.18
CA THR D 261 -16.59 -4.35 -21.83
C THR D 261 -15.13 -4.52 -22.25
N SER D 262 -14.76 -5.78 -22.46
CA SER D 262 -13.44 -6.15 -22.95
C SER D 262 -13.50 -7.61 -23.38
N LYS D 263 -12.42 -8.08 -24.00
CA LYS D 263 -12.33 -9.45 -24.48
C LYS D 263 -11.40 -10.31 -23.62
N THR D 264 -10.98 -9.83 -22.46
CA THR D 264 -10.12 -10.58 -21.56
C THR D 264 -10.93 -11.01 -20.34
N ASP D 265 -10.88 -12.30 -20.03
CA ASP D 265 -11.64 -12.86 -18.92
C ASP D 265 -10.72 -13.64 -17.98
N VAL D 266 -10.82 -13.34 -16.69
CA VAL D 266 -10.04 -14.02 -15.67
C VAL D 266 -10.93 -14.26 -14.46
N SER D 267 -10.85 -15.48 -13.90
CA SER D 267 -11.64 -15.81 -12.72
C SER D 267 -11.24 -14.93 -11.55
N SER D 268 -12.24 -14.47 -10.79
CA SER D 268 -12.00 -13.59 -9.67
C SER D 268 -13.16 -13.69 -8.69
N SER D 269 -13.05 -12.94 -7.58
CA SER D 269 -14.06 -12.95 -6.55
C SER D 269 -14.12 -11.59 -5.87
N VAL D 270 -15.27 -11.31 -5.26
CA VAL D 270 -15.50 -10.09 -4.50
C VAL D 270 -16.18 -10.48 -3.20
N ILE D 271 -15.94 -9.70 -2.15
CA ILE D 271 -16.50 -9.95 -0.83
C ILE D 271 -17.53 -8.86 -0.54
N THR D 272 -18.77 -9.27 -0.30
CA THR D 272 -19.83 -8.33 0.04
C THR D 272 -19.92 -8.20 1.56
N SER D 273 -20.98 -7.56 2.04
CA SER D 273 -21.18 -7.47 3.48
C SER D 273 -21.51 -8.83 4.09
N LEU D 274 -22.32 -9.63 3.40
CA LEU D 274 -22.83 -10.88 3.96
C LEU D 274 -22.61 -12.08 3.05
N GLY D 275 -21.83 -11.95 1.99
CA GLY D 275 -21.65 -13.05 1.08
C GLY D 275 -20.49 -12.80 0.14
N ALA D 276 -20.27 -13.76 -0.76
CA ALA D 276 -19.15 -13.72 -1.68
C ALA D 276 -19.66 -13.88 -3.11
N ILE D 277 -19.23 -13.00 -3.99
CA ILE D 277 -19.46 -13.13 -5.42
C ILE D 277 -18.27 -13.85 -6.03
N VAL D 278 -18.55 -14.86 -6.86
CA VAL D 278 -17.50 -15.59 -7.56
C VAL D 278 -17.80 -15.59 -9.04
N SER D 279 -16.85 -15.07 -9.83
CA SER D 279 -16.94 -15.09 -11.29
C SER D 279 -15.84 -16.03 -11.75
N CYS D 280 -16.19 -17.29 -11.99
CA CYS D 280 -15.21 -18.32 -12.29
C CYS D 280 -15.27 -18.63 -13.78
N TYR D 281 -14.12 -18.52 -14.45
CA TYR D 281 -14.02 -18.68 -15.90
C TYR D 281 -12.79 -19.49 -16.23
N GLY D 282 -12.76 -20.02 -17.45
CA GLY D 282 -11.60 -20.77 -17.90
C GLY D 282 -11.56 -22.18 -17.32
N LYS D 283 -10.34 -22.72 -17.23
CA LYS D 283 -10.11 -24.07 -16.75
C LYS D 283 -9.68 -24.12 -15.30
N THR D 284 -9.76 -23.00 -14.57
CA THR D 284 -9.30 -22.97 -13.19
C THR D 284 -10.30 -23.69 -12.29
N LYS D 285 -9.97 -23.75 -11.00
CA LYS D 285 -10.78 -24.43 -10.01
C LYS D 285 -11.28 -23.41 -8.99
N CYS D 286 -12.58 -23.44 -8.72
CA CYS D 286 -13.23 -22.47 -7.84
C CYS D 286 -14.14 -23.22 -6.89
N THR D 287 -13.88 -23.10 -5.58
CA THR D 287 -14.63 -23.85 -4.59
C THR D 287 -14.92 -23.00 -3.38
N ALA D 288 -15.97 -23.37 -2.65
CA ALA D 288 -16.36 -22.74 -1.40
C ALA D 288 -16.38 -23.80 -0.31
N SER D 289 -15.66 -23.55 0.78
CA SER D 289 -15.38 -24.56 1.79
C SER D 289 -15.85 -24.09 3.17
N ASN D 290 -15.78 -25.01 4.13
CA ASN D 290 -16.11 -24.75 5.52
C ASN D 290 -15.04 -25.34 6.41
N LYS D 291 -14.78 -24.69 7.54
CA LYS D 291 -13.69 -25.09 8.41
C LYS D 291 -13.94 -26.46 9.04
N ASN D 292 -15.18 -26.74 9.43
CA ASN D 292 -15.46 -27.97 10.16
C ASN D 292 -15.39 -29.19 9.24
N ARG D 293 -15.75 -29.04 7.98
CA ARG D 293 -15.96 -30.18 7.11
C ARG D 293 -15.03 -30.23 5.91
N GLY D 294 -14.81 -29.11 5.23
CA GLY D 294 -14.03 -29.12 4.01
C GLY D 294 -14.75 -28.40 2.89
N ILE D 295 -14.50 -28.80 1.64
CA ILE D 295 -15.18 -28.18 0.52
C ILE D 295 -16.67 -28.47 0.60
N ILE D 296 -17.49 -27.50 0.23
CA ILE D 296 -18.93 -27.64 0.37
C ILE D 296 -19.62 -27.41 -0.98
N LYS D 297 -19.02 -26.60 -1.84
CA LYS D 297 -19.67 -26.33 -3.11
C LYS D 297 -18.63 -26.05 -4.18
N THR D 298 -18.84 -26.60 -5.38
CA THR D 298 -17.98 -26.36 -6.53
C THR D 298 -18.79 -25.65 -7.60
N PHE D 299 -18.31 -24.48 -8.02
CA PHE D 299 -19.03 -23.69 -9.00
C PHE D 299 -18.77 -24.19 -10.42
N SER D 300 -19.61 -23.75 -11.35
CA SER D 300 -19.43 -23.99 -12.76
C SER D 300 -18.91 -22.72 -13.42
N ASN D 301 -18.82 -22.72 -14.75
CA ASN D 301 -18.35 -21.56 -15.47
C ASN D 301 -19.44 -20.49 -15.51
N GLY D 302 -19.18 -19.35 -14.90
CA GLY D 302 -20.13 -18.25 -14.88
C GLY D 302 -20.27 -17.64 -13.51
N CYS D 303 -20.93 -16.49 -13.49
CA CYS D 303 -21.15 -15.74 -12.25
C CYS D 303 -22.01 -16.56 -11.29
N ASP D 304 -21.72 -16.45 -10.01
CA ASP D 304 -22.51 -17.14 -8.98
C ASP D 304 -22.49 -16.30 -7.72
N TYR D 305 -22.93 -16.88 -6.62
CA TYR D 305 -22.97 -16.20 -5.34
C TYR D 305 -23.03 -17.25 -4.24
N VAL D 306 -22.50 -16.89 -3.07
CA VAL D 306 -22.66 -17.73 -1.88
C VAL D 306 -22.96 -16.84 -0.69
N SER D 307 -23.89 -17.27 0.15
CA SER D 307 -24.21 -16.58 1.38
C SER D 307 -23.27 -17.03 2.49
N ASN D 308 -22.97 -16.11 3.42
CA ASN D 308 -21.93 -16.36 4.41
C ASN D 308 -22.29 -17.46 5.38
N LYS D 309 -23.56 -17.79 5.54
CA LYS D 309 -23.96 -18.84 6.48
C LYS D 309 -23.48 -20.18 5.96
N GLY D 310 -22.78 -20.93 6.82
CA GLY D 310 -22.29 -22.24 6.45
C GLY D 310 -21.07 -22.25 5.55
N VAL D 311 -20.38 -21.11 5.40
CA VAL D 311 -19.18 -21.04 4.58
C VAL D 311 -18.21 -20.05 5.22
N ASP D 312 -16.93 -20.34 5.10
CA ASP D 312 -15.92 -19.47 5.69
C ASP D 312 -14.83 -19.06 4.70
N THR D 313 -14.42 -19.94 3.80
CA THR D 313 -13.32 -19.67 2.89
C THR D 313 -13.76 -19.91 1.46
N VAL D 314 -13.28 -19.05 0.56
CA VAL D 314 -13.52 -19.18 -0.87
C VAL D 314 -12.16 -19.36 -1.54
N SER D 315 -11.94 -20.52 -2.12
CA SER D 315 -10.68 -20.81 -2.81
C SER D 315 -10.92 -20.63 -4.31
N VAL D 316 -10.40 -19.53 -4.85
CA VAL D 316 -10.45 -19.25 -6.28
C VAL D 316 -9.06 -19.48 -6.84
N GLY D 317 -8.94 -20.48 -7.70
CA GLY D 317 -7.68 -20.77 -8.34
C GLY D 317 -6.57 -21.03 -7.34
N ASN D 318 -5.68 -20.06 -7.21
CA ASN D 318 -4.55 -20.16 -6.30
C ASN D 318 -4.76 -19.43 -4.99
N THR D 319 -5.60 -18.40 -4.96
CA THR D 319 -5.73 -17.58 -3.77
C THR D 319 -6.72 -18.20 -2.80
N LEU D 320 -6.99 -17.47 -1.70
CA LEU D 320 -7.91 -17.96 -0.66
C LEU D 320 -8.48 -16.76 0.06
N TYR D 321 -9.72 -16.40 -0.26
CA TYR D 321 -10.38 -15.25 0.35
C TYR D 321 -11.17 -15.67 1.57
N TYR D 322 -11.19 -14.81 2.57
CA TYR D 322 -11.94 -15.02 3.80
C TYR D 322 -13.21 -14.19 3.76
N VAL D 323 -14.35 -14.84 3.94
CA VAL D 323 -15.64 -14.17 3.84
C VAL D 323 -15.95 -13.51 5.17
N ASN D 324 -16.84 -12.51 5.13
CA ASN D 324 -17.24 -11.81 6.34
C ASN D 324 -18.05 -12.74 7.25
N LYS D 325 -18.40 -12.22 8.43
CA LYS D 325 -19.22 -13.00 9.36
C LYS D 325 -20.34 -12.18 9.98
N GLN D 326 -20.63 -10.99 9.47
CA GLN D 326 -21.71 -10.19 10.01
C GLN D 326 -23.05 -10.90 9.82
N GLU D 327 -23.89 -10.84 10.85
CA GLU D 327 -25.17 -11.55 10.83
C GLU D 327 -26.18 -10.77 9.99
N GLY D 328 -26.86 -11.47 9.09
CA GLY D 328 -27.86 -10.85 8.25
C GLY D 328 -28.58 -11.90 7.44
N LYS D 329 -29.51 -11.43 6.61
CA LYS D 329 -30.31 -12.29 5.76
C LYS D 329 -30.06 -11.94 4.29
N SER D 330 -29.85 -12.96 3.47
CA SER D 330 -29.58 -12.79 2.05
C SER D 330 -30.78 -13.25 1.24
N LEU D 331 -30.70 -13.05 -0.07
CA LEU D 331 -31.78 -13.43 -0.98
C LEU D 331 -31.23 -13.55 -2.39
N TYR D 332 -31.30 -14.75 -2.96
CA TYR D 332 -30.72 -15.04 -4.26
C TYR D 332 -31.79 -14.85 -5.33
N VAL D 333 -31.86 -13.65 -5.89
CA VAL D 333 -32.84 -13.34 -6.93
C VAL D 333 -32.32 -13.87 -8.27
N LYS D 334 -33.05 -14.81 -8.86
CA LYS D 334 -32.63 -15.48 -10.07
C LYS D 334 -33.08 -14.68 -11.31
N GLY D 335 -32.82 -15.23 -12.49
CA GLY D 335 -33.17 -14.55 -13.73
C GLY D 335 -32.47 -15.20 -14.90
N GLU D 336 -32.10 -14.36 -15.87
CA GLU D 336 -31.29 -14.77 -17.02
C GLU D 336 -30.11 -13.83 -17.16
N PRO D 337 -28.94 -14.36 -17.55
CA PRO D 337 -27.80 -13.48 -17.82
C PRO D 337 -28.09 -12.51 -18.96
N ILE D 338 -27.46 -11.34 -18.89
CA ILE D 338 -27.71 -10.29 -19.88
C ILE D 338 -26.74 -10.33 -21.06
N ILE D 339 -25.53 -10.83 -20.87
CA ILE D 339 -24.54 -10.82 -21.96
C ILE D 339 -24.95 -11.72 -23.11
N ASN D 340 -25.78 -12.73 -22.85
CA ASN D 340 -26.16 -13.67 -23.90
C ASN D 340 -27.00 -13.02 -25.00
N PHE D 341 -27.64 -11.90 -24.72
CA PHE D 341 -28.53 -11.23 -25.67
C PHE D 341 -27.78 -10.37 -26.68
N TYR D 342 -26.48 -10.53 -26.81
CA TYR D 342 -25.68 -9.70 -27.71
C TYR D 342 -25.03 -10.55 -28.79
N ASP D 343 -24.86 -9.95 -29.96
CA ASP D 343 -24.24 -10.63 -31.09
C ASP D 343 -22.72 -10.60 -30.93
N PRO D 344 -22.06 -11.74 -30.81
CA PRO D 344 -20.59 -11.72 -30.64
C PRO D 344 -19.84 -11.12 -31.81
N LEU D 345 -20.35 -11.26 -33.04
CA LEU D 345 -19.59 -10.87 -34.21
C LEU D 345 -19.52 -9.35 -34.41
N VAL D 346 -20.40 -8.59 -33.76
CA VAL D 346 -20.42 -7.15 -33.92
C VAL D 346 -20.22 -6.42 -32.59
N PHE D 347 -19.86 -7.14 -31.55
CA PHE D 347 -19.74 -6.53 -30.23
C PHE D 347 -18.57 -5.56 -30.19
N PRO D 348 -18.71 -4.42 -29.51
CA PRO D 348 -17.60 -3.48 -29.41
C PRO D 348 -16.41 -4.10 -28.68
N SER D 349 -15.21 -3.71 -29.10
CA SER D 349 -14.00 -4.27 -28.53
C SER D 349 -13.87 -3.92 -27.05
N ASP D 350 -13.72 -2.64 -26.75
CA ASP D 350 -13.46 -2.22 -25.37
C ASP D 350 -13.69 -0.72 -25.25
N GLU D 351 -14.19 -0.32 -24.09
CA GLU D 351 -14.38 1.09 -23.76
C GLU D 351 -14.00 1.31 -22.30
N PHE D 352 -13.29 2.41 -22.05
CA PHE D 352 -12.92 2.73 -20.67
C PHE D 352 -14.14 2.93 -19.80
N ASP D 353 -15.14 3.65 -20.32
CA ASP D 353 -16.43 3.79 -19.66
C ASP D 353 -17.44 4.26 -20.70
N ALA D 354 -18.66 3.74 -20.60
CA ALA D 354 -19.71 4.07 -21.55
C ALA D 354 -21.05 3.73 -20.90
N SER D 355 -22.11 3.78 -21.69
CA SER D 355 -23.45 3.48 -21.23
C SER D 355 -24.07 2.42 -22.11
N ILE D 356 -25.10 1.76 -21.58
CA ILE D 356 -25.77 0.70 -22.34
C ILE D 356 -26.43 1.27 -23.58
N SER D 357 -26.97 2.49 -23.49
CA SER D 357 -27.58 3.12 -24.65
C SER D 357 -26.56 3.40 -25.75
N GLN D 358 -25.36 3.84 -25.36
CA GLN D 358 -24.31 4.06 -26.34
C GLN D 358 -23.92 2.75 -27.03
N VAL D 359 -23.83 1.67 -26.26
CA VAL D 359 -23.52 0.37 -26.85
C VAL D 359 -24.63 -0.03 -27.82
N ASN D 360 -25.88 0.19 -27.44
CA ASN D 360 -27.00 -0.18 -28.30
C ASN D 360 -26.95 0.60 -29.62
N GLU D 361 -26.69 1.91 -29.54
CA GLU D 361 -26.63 2.70 -30.76
C GLU D 361 -25.43 2.34 -31.61
N LYS D 362 -24.30 1.99 -30.98
CA LYS D 362 -23.15 1.55 -31.75
C LYS D 362 -23.43 0.24 -32.49
N ILE D 363 -24.12 -0.69 -31.82
CA ILE D 363 -24.52 -1.93 -32.47
C ILE D 363 -25.47 -1.64 -33.62
N ASN D 364 -26.42 -0.71 -33.41
CA ASN D 364 -27.35 -0.34 -34.48
C ASN D 364 -26.61 0.23 -35.68
N GLN D 365 -25.63 1.10 -35.43
CA GLN D 365 -24.84 1.68 -36.52
C GLN D 365 -24.05 0.62 -37.25
N SER D 366 -23.44 -0.31 -36.51
CA SER D 366 -22.66 -1.37 -37.14
C SER D 366 -23.55 -2.25 -38.02
N LEU D 367 -24.75 -2.56 -37.54
CA LEU D 367 -25.69 -3.33 -38.34
C LEU D 367 -26.15 -2.54 -39.56
N ALA D 368 -26.42 -1.24 -39.38
CA ALA D 368 -26.95 -0.43 -40.46
C ALA D 368 -25.94 -0.26 -41.59
N PHE D 369 -24.66 -0.08 -41.25
CA PHE D 369 -23.66 0.10 -42.30
C PHE D 369 -23.54 -1.14 -43.18
N ILE D 370 -23.50 -2.33 -42.57
CA ILE D 370 -23.39 -3.55 -43.36
C ILE D 370 -24.70 -3.82 -44.10
N ARG D 371 -25.84 -3.52 -43.49
CA ARG D 371 -27.12 -3.68 -44.17
C ARG D 371 -27.17 -2.79 -45.40
N LYS D 372 -26.62 -1.57 -45.31
CA LYS D 372 -26.56 -0.69 -46.47
C LYS D 372 -25.61 -1.23 -47.52
N SER D 373 -24.33 -1.36 -47.19
CA SER D 373 -23.35 -1.81 -48.19
C SER D 373 -23.18 -3.31 -48.16
N ASP D 374 -24.30 -4.03 -48.11
CA ASP D 374 -24.34 -5.45 -48.44
C ASP D 374 -25.36 -5.69 -49.54
N GLU D 375 -26.50 -5.00 -49.45
CA GLU D 375 -27.49 -5.07 -50.52
C GLU D 375 -27.14 -4.19 -51.70
N LEU D 376 -26.25 -3.22 -51.51
CA LEU D 376 -25.68 -2.51 -52.67
C LEU D 376 -24.89 -3.48 -53.54
N LEU D 377 -24.15 -4.39 -52.91
CA LEU D 377 -23.47 -5.46 -53.62
C LEU D 377 -24.41 -6.57 -54.07
N SER D 378 -25.66 -6.57 -53.59
CA SER D 378 -26.64 -7.51 -54.13
C SER D 378 -27.03 -7.17 -55.56
N ALA D 379 -26.79 -5.93 -56.01
CA ALA D 379 -27.00 -5.55 -57.38
C ALA D 379 -25.82 -5.89 -58.28
N ILE D 380 -24.73 -6.44 -57.72
CA ILE D 380 -23.63 -6.92 -58.52
C ILE D 380 -24.13 -8.00 -59.47
N GLY D 381 -23.70 -7.92 -60.73
CA GLY D 381 -24.32 -8.67 -61.79
C GLY D 381 -25.47 -7.94 -62.45
N GLY D 382 -25.86 -6.79 -61.93
CA GLY D 382 -26.87 -5.95 -62.54
C GLY D 382 -26.27 -4.64 -63.03
N TYR D 383 -25.03 -4.70 -63.52
CA TYR D 383 -24.33 -3.54 -64.04
C TYR D 383 -23.64 -3.93 -65.34
N ILE D 384 -23.73 -3.05 -66.34
CA ILE D 384 -23.12 -3.32 -67.63
C ILE D 384 -22.18 -2.17 -68.00
N PRO D 385 -21.00 -2.44 -68.55
CA PRO D 385 -20.03 -1.37 -68.78
C PRO D 385 -20.54 -0.33 -69.78
N GLU D 386 -20.04 0.89 -69.61
CA GLU D 386 -20.49 2.02 -70.41
C GLU D 386 -20.16 1.84 -71.88
N ALA D 387 -21.09 2.26 -72.73
CA ALA D 387 -20.89 2.24 -74.17
C ALA D 387 -19.98 3.39 -74.60
N PRO D 388 -19.19 3.20 -75.65
CA PRO D 388 -18.33 4.28 -76.14
C PRO D 388 -19.16 5.47 -76.63
N ARG D 389 -18.57 6.66 -76.51
CA ARG D 389 -19.22 7.90 -76.91
C ARG D 389 -19.03 8.22 -78.38
N ASP D 390 -18.76 7.21 -79.21
CA ASP D 390 -18.59 7.39 -80.64
C ASP D 390 -19.93 7.49 -81.38
N GLY D 391 -21.05 7.34 -80.68
CA GLY D 391 -22.34 7.37 -81.30
C GLY D 391 -22.79 6.07 -81.93
N GLN D 392 -21.98 5.03 -81.85
CA GLN D 392 -22.35 3.72 -82.39
C GLN D 392 -23.55 3.17 -81.63
N ALA D 393 -24.51 2.62 -82.37
CA ALA D 393 -25.68 2.00 -81.75
C ALA D 393 -25.32 0.64 -81.17
N TYR D 394 -24.42 0.68 -80.19
CA TYR D 394 -23.95 -0.54 -79.54
C TYR D 394 -25.10 -1.23 -78.81
N VAL D 395 -25.25 -2.52 -79.06
CA VAL D 395 -26.32 -3.31 -78.45
C VAL D 395 -25.72 -4.22 -77.39
N ARG D 396 -26.47 -4.41 -76.32
CA ARG D 396 -26.04 -5.28 -75.23
C ARG D 396 -26.21 -6.73 -75.66
N LYS D 397 -25.09 -7.45 -75.75
CA LYS D 397 -25.12 -8.84 -76.19
C LYS D 397 -23.93 -9.56 -75.57
N ASP D 398 -24.18 -10.76 -75.03
CA ASP D 398 -23.15 -11.56 -74.37
C ASP D 398 -22.43 -10.76 -73.29
N GLY D 399 -23.15 -9.86 -72.64
CA GLY D 399 -22.56 -9.02 -71.62
C GLY D 399 -21.51 -8.06 -72.13
N GLU D 400 -21.68 -7.52 -73.34
CA GLU D 400 -20.75 -6.52 -73.84
C GLU D 400 -21.46 -5.76 -74.96
N TRP D 401 -20.96 -4.57 -75.26
CA TRP D 401 -21.54 -3.76 -76.33
C TRP D 401 -21.02 -4.27 -77.68
N VAL D 402 -21.86 -5.00 -78.40
CA VAL D 402 -21.45 -5.73 -79.60
C VAL D 402 -22.07 -5.08 -80.81
N LEU D 403 -21.32 -5.05 -81.91
CA LEU D 403 -21.87 -4.63 -83.19
C LEU D 403 -23.00 -5.57 -83.57
N LEU D 404 -24.23 -5.05 -83.67
CA LEU D 404 -25.39 -5.89 -83.90
C LEU D 404 -25.30 -6.56 -85.28
N SER D 405 -25.30 -7.90 -85.29
CA SER D 405 -25.28 -8.65 -86.53
C SER D 405 -26.20 -9.86 -86.51
N THR D 406 -26.95 -10.09 -85.44
CA THR D 406 -27.85 -11.24 -85.39
C THR D 406 -29.16 -10.95 -86.10
N PHE D 407 -29.89 -9.94 -85.62
CA PHE D 407 -31.14 -9.52 -86.26
C PHE D 407 -30.93 -8.50 -87.37
N LEU D 408 -29.69 -8.10 -87.62
CA LEU D 408 -29.40 -7.10 -88.65
C LEU D 408 -28.50 -7.68 -89.74
N GLN E 1 6.38 40.12 -3.78
CA GLN E 1 6.02 39.19 -4.84
C GLN E 1 4.55 39.32 -5.20
N ASN E 2 4.18 38.84 -6.38
CA ASN E 2 2.80 38.89 -6.84
C ASN E 2 2.43 37.56 -7.47
N ILE E 3 1.20 37.12 -7.23
CA ILE E 3 0.68 35.88 -7.78
C ILE E 3 -0.55 36.25 -8.60
N THR E 4 -0.45 36.08 -9.92
CA THR E 4 -1.52 36.48 -10.82
C THR E 4 -2.00 35.29 -11.62
N GLU E 5 -3.31 35.17 -11.76
CA GLU E 5 -3.89 34.10 -12.57
C GLU E 5 -4.68 34.68 -13.73
N GLU E 6 -4.82 33.84 -14.75
CA GLU E 6 -5.53 34.16 -15.98
C GLU E 6 -6.49 33.02 -16.27
N PHE E 7 -7.76 33.35 -16.54
CA PHE E 7 -8.78 32.37 -16.86
C PHE E 7 -9.21 32.54 -18.30
N TYR E 8 -9.24 31.44 -19.05
CA TYR E 8 -9.61 31.46 -20.45
C TYR E 8 -10.91 30.66 -20.62
N GLN E 9 -11.93 31.33 -21.14
CA GLN E 9 -13.22 30.70 -21.37
C GLN E 9 -13.19 29.79 -22.60
N SER E 10 -12.24 30.00 -23.51
CA SER E 10 -12.18 29.17 -24.71
C SER E 10 -11.96 27.71 -24.37
N THR E 11 -10.94 27.43 -23.56
CA THR E 11 -10.70 26.09 -23.05
C THR E 11 -11.20 25.91 -21.63
N CYS E 12 -11.79 26.96 -21.04
CA CYS E 12 -12.27 26.93 -19.66
C CYS E 12 -11.17 26.44 -18.71
N SER E 13 -10.03 27.11 -18.75
CA SER E 13 -8.87 26.70 -17.99
C SER E 13 -8.25 27.89 -17.28
N ALA E 14 -7.62 27.62 -16.14
CA ALA E 14 -7.01 28.65 -15.32
C ALA E 14 -5.52 28.41 -15.21
N VAL E 15 -4.75 29.49 -15.21
CA VAL E 15 -3.29 29.42 -15.12
C VAL E 15 -2.83 30.41 -14.06
N SER E 16 -1.86 30.00 -13.24
CA SER E 16 -1.32 30.85 -12.20
C SER E 16 0.17 31.04 -12.43
N LYS E 17 0.63 32.29 -12.32
CA LYS E 17 2.03 32.63 -12.52
C LYS E 17 2.50 33.53 -11.38
N GLY E 18 3.80 33.44 -11.10
CA GLY E 18 4.41 34.30 -10.09
C GLY E 18 5.41 33.59 -9.21
N TYR E 19 5.30 32.27 -9.11
CA TYR E 19 6.13 31.52 -8.19
C TYR E 19 7.58 31.46 -8.68
N LEU E 20 8.46 30.99 -7.79
CA LEU E 20 9.88 30.84 -8.09
C LEU E 20 10.29 29.38 -7.92
N SER E 21 11.22 28.96 -8.76
CA SER E 21 11.57 27.55 -8.84
C SER E 21 12.49 27.12 -7.70
N ALA E 22 12.36 25.84 -7.34
CA ALA E 22 13.36 25.17 -6.51
C ALA E 22 13.17 23.68 -6.72
N LEU E 23 14.13 23.04 -7.38
CA LEU E 23 13.98 21.65 -7.78
C LEU E 23 15.27 20.89 -7.53
N ARG E 24 15.15 19.58 -7.36
CA ARG E 24 16.26 18.72 -6.95
C ARG E 24 16.73 17.87 -8.12
N THR E 25 18.05 17.84 -8.34
CA THR E 25 18.61 17.01 -9.39
C THR E 25 19.84 16.23 -8.93
N GLY E 26 20.09 16.13 -7.63
CA GLY E 26 21.27 15.44 -7.14
C GLY E 26 21.02 14.76 -5.83
N TRP E 27 22.08 14.16 -5.28
CA TRP E 27 22.01 13.52 -3.98
C TRP E 27 23.35 13.66 -3.28
N TYR E 28 23.30 13.62 -1.96
CA TYR E 28 24.51 13.60 -1.14
C TYR E 28 24.40 12.47 -0.13
N THR E 29 25.48 11.74 0.05
CA THR E 29 25.52 10.58 0.94
C THR E 29 26.48 10.90 2.08
N SER E 30 25.97 11.56 3.11
CA SER E 30 26.76 11.87 4.30
C SER E 30 26.50 10.78 5.34
N VAL E 31 27.58 10.21 5.87
CA VAL E 31 27.49 9.10 6.82
C VAL E 31 27.53 9.64 8.23
N ILE E 32 26.60 9.18 9.06
CA ILE E 32 26.53 9.55 10.47
C ILE E 32 26.71 8.29 11.29
N THR E 33 27.57 8.37 12.31
CA THR E 33 27.90 7.20 13.12
C THR E 33 27.59 7.45 14.60
N ILE E 34 27.14 6.38 15.25
CA ILE E 34 26.96 6.35 16.69
C ILE E 34 27.81 5.21 17.23
N GLU E 35 28.60 5.49 18.25
CA GLU E 35 29.53 4.51 18.78
C GLU E 35 28.91 3.77 19.97
N LEU E 36 29.28 2.50 20.13
CA LEU E 36 28.71 1.62 21.14
C LEU E 36 29.79 1.17 22.11
N SER E 37 29.40 0.28 23.04
CA SER E 37 30.36 -0.21 24.07
C SER E 37 30.05 -1.67 24.42
N ASN E 38 30.96 -2.33 25.15
CA ASN E 38 30.76 -3.75 25.53
C ASN E 38 29.63 -3.87 26.57
N ILE E 39 29.63 -2.98 27.57
CA ILE E 39 28.57 -3.00 28.64
C ILE E 39 28.49 -4.42 29.23
N LYS E 40 29.54 -4.87 29.91
CA LYS E 40 29.49 -6.20 30.58
C LYS E 40 28.23 -6.27 31.46
N GLU E 41 27.37 -7.26 31.22
CA GLU E 41 26.09 -7.36 31.97
C GLU E 41 26.38 -7.48 33.48
N ASN E 42 27.32 -8.35 33.86
CA ASN E 42 27.65 -8.54 35.29
C ASN E 42 28.42 -7.33 35.81
N LYS E 43 27.90 -6.67 36.86
CA LYS E 43 28.57 -5.48 37.43
C LYS E 43 28.11 -5.26 38.88
N CYS E 44 27.29 -6.17 39.42
CA CYS E 44 26.74 -5.98 40.79
C CYS E 44 26.27 -7.32 41.38
N ASN E 45 26.07 -7.38 42.70
CA ASN E 45 25.58 -8.61 43.37
C ASN E 45 24.79 -8.19 44.60
N GLY E 46 24.00 -7.10 44.49
CA GLY E 46 23.23 -6.59 45.65
C GLY E 46 22.27 -5.50 45.24
N THR E 47 21.47 -4.98 46.19
CA THR E 47 20.41 -4.01 45.79
C THR E 47 20.72 -2.61 46.24
N ASP E 48 20.17 -1.62 45.54
CA ASP E 48 20.35 -0.19 45.92
C ASP E 48 19.28 0.63 45.22
N ALA E 49 18.90 1.79 45.78
CA ALA E 49 17.83 2.63 45.18
C ALA E 49 18.10 2.84 43.69
N LYS E 50 19.23 3.50 43.37
CA LYS E 50 19.57 3.78 41.96
C LYS E 50 19.90 2.46 41.23
N VAL E 51 20.67 1.57 41.87
CA VAL E 51 21.10 0.30 41.20
C VAL E 51 19.88 -0.40 40.59
N LYS E 52 18.73 -0.38 41.29
CA LYS E 52 17.53 -1.09 40.78
C LYS E 52 17.31 -0.74 39.30
N LEU E 53 17.03 0.54 39.00
CA LEU E 53 16.75 0.96 37.61
C LEU E 53 17.96 0.67 36.73
N ILE E 54 19.17 0.97 37.22
CA ILE E 54 20.39 0.75 36.47
C ILE E 54 20.33 -0.59 35.75
N LYS E 55 20.01 -1.66 36.47
CA LYS E 55 20.03 -2.97 35.83
C LYS E 55 18.89 -3.11 34.83
N GLN E 56 17.69 -2.58 35.14
CA GLN E 56 16.61 -2.70 34.18
C GLN E 56 16.93 -1.97 32.88
N GLU E 57 17.37 -0.71 32.97
CA GLU E 57 17.58 0.08 31.78
C GLU E 57 18.87 -0.29 31.04
N LEU E 58 19.81 -0.95 31.71
CA LEU E 58 20.96 -1.50 31.01
C LEU E 58 20.64 -2.81 30.31
N ASP E 59 19.75 -3.61 30.89
CA ASP E 59 19.22 -4.76 30.16
C ASP E 59 18.44 -4.30 28.94
N LYS E 60 17.70 -3.19 29.07
CA LYS E 60 17.04 -2.61 27.90
C LYS E 60 18.05 -2.23 26.84
N TYR E 61 19.19 -1.66 27.26
CA TYR E 61 20.25 -1.33 26.30
C TYR E 61 20.78 -2.57 25.61
N LYS E 62 20.99 -3.65 26.36
CA LYS E 62 21.49 -4.89 25.75
C LYS E 62 20.48 -5.44 24.75
N ASN E 63 19.20 -5.42 25.10
CA ASN E 63 18.18 -5.89 24.16
C ASN E 63 18.15 -5.03 22.92
N ALA E 64 18.28 -3.71 23.07
CA ALA E 64 18.27 -2.83 21.91
C ALA E 64 19.44 -3.12 20.98
N VAL E 65 20.65 -3.23 21.54
CA VAL E 65 21.81 -3.46 20.69
C VAL E 65 21.71 -4.84 20.04
N THR E 66 21.20 -5.83 20.77
CA THR E 66 21.05 -7.16 20.20
C THR E 66 20.06 -7.16 19.04
N GLU E 67 18.91 -6.52 19.22
CA GLU E 67 17.88 -6.56 18.19
C GLU E 67 18.29 -5.79 16.95
N LEU E 68 19.04 -4.69 17.13
CA LEU E 68 19.56 -4.02 15.95
C LEU E 68 20.69 -4.82 15.31
N GLN E 69 21.42 -5.61 16.12
CA GLN E 69 22.45 -6.48 15.57
C GLN E 69 21.85 -7.57 14.70
N LEU E 70 20.68 -8.09 15.09
CA LEU E 70 20.04 -9.14 14.30
C LEU E 70 19.77 -8.68 12.87
N LEU E 71 19.54 -7.39 12.67
CA LEU E 71 19.38 -6.84 11.33
C LEU E 71 20.75 -6.82 10.65
N MET E 72 21.25 -7.99 10.27
CA MET E 72 22.63 -8.12 9.83
C MET E 72 22.87 -7.49 8.46
N GLN E 73 22.21 -7.97 7.41
CA GLN E 73 22.34 -7.33 6.10
C GLN E 73 21.01 -7.26 5.37
N SER E 74 19.92 -6.97 6.08
CA SER E 74 18.62 -6.82 5.44
C SER E 74 18.70 -5.76 4.36
N THR E 75 18.36 -6.16 3.14
CA THR E 75 18.54 -5.28 1.99
C THR E 75 17.64 -4.06 2.13
N PRO E 76 18.19 -2.85 2.02
CA PRO E 76 17.35 -1.65 2.10
C PRO E 76 16.31 -1.60 0.99
N ALA E 77 15.13 -1.10 1.33
CA ALA E 77 14.02 -1.00 0.39
C ALA E 77 13.46 0.42 0.41
N THR E 78 13.02 0.88 -0.75
CA THR E 78 12.50 2.24 -0.90
C THR E 78 11.20 2.43 -0.12
N PHE F 1 -3.58 13.10 -14.89
CA PHE F 1 -4.01 12.32 -16.04
C PHE F 1 -2.83 11.66 -16.76
N LEU F 2 -1.63 12.13 -16.48
CA LEU F 2 -0.43 11.69 -17.21
C LEU F 2 0.43 10.74 -16.38
N GLY F 3 -0.19 9.86 -15.60
CA GLY F 3 0.59 8.93 -14.80
C GLY F 3 1.25 7.84 -15.62
N PHE F 4 0.67 7.48 -16.75
CA PHE F 4 1.10 6.32 -17.51
C PHE F 4 2.33 6.58 -18.37
N LEU F 5 3.07 7.66 -18.13
CA LEU F 5 4.27 7.94 -18.90
C LEU F 5 5.53 8.13 -18.06
N LEU F 6 5.41 8.20 -16.73
CA LEU F 6 6.57 8.43 -15.90
C LEU F 6 7.52 7.25 -15.95
N GLY F 7 8.82 7.55 -15.83
CA GLY F 7 9.80 6.51 -15.62
C GLY F 7 9.87 6.13 -14.16
N VAL F 8 10.64 5.07 -13.87
CA VAL F 8 10.80 4.58 -12.51
C VAL F 8 12.27 4.37 -12.22
N GLY F 9 12.61 4.38 -10.94
CA GLY F 9 13.98 4.15 -10.52
C GLY F 9 14.06 3.98 -9.03
N SER F 10 15.17 3.38 -8.59
CA SER F 10 15.39 3.13 -7.17
C SER F 10 15.91 4.42 -6.53
N ALA F 11 15.08 5.03 -5.67
CA ALA F 11 15.42 6.31 -5.08
C ALA F 11 16.54 6.21 -4.07
N ILE F 12 16.97 5.01 -3.69
CA ILE F 12 18.00 4.81 -2.68
C ILE F 12 19.25 4.18 -3.29
N ALA F 13 19.45 4.34 -4.60
CA ALA F 13 20.57 3.67 -5.26
C ALA F 13 21.91 4.17 -4.73
N SER F 14 22.06 5.49 -4.58
CA SER F 14 23.31 6.03 -4.08
C SER F 14 23.57 5.56 -2.65
N GLY F 15 22.54 5.55 -1.82
CA GLY F 15 22.72 5.13 -0.44
C GLY F 15 23.14 3.67 -0.33
N VAL F 16 22.48 2.79 -1.07
CA VAL F 16 22.85 1.38 -0.99
C VAL F 16 24.24 1.17 -1.59
N ALA F 17 24.60 1.93 -2.62
CA ALA F 17 25.94 1.81 -3.18
C ALA F 17 27.00 2.19 -2.15
N VAL F 18 26.79 3.30 -1.45
CA VAL F 18 27.75 3.73 -0.44
C VAL F 18 27.81 2.71 0.70
N CYS F 19 26.64 2.18 1.10
CA CYS F 19 26.61 1.19 2.16
C CYS F 19 27.39 -0.06 1.77
N LYS F 20 27.22 -0.51 0.52
CA LYS F 20 27.97 -1.67 0.04
C LYS F 20 29.46 -1.37 0.02
N VAL F 21 29.83 -0.15 -0.38
CA VAL F 21 31.25 0.24 -0.37
C VAL F 21 31.82 0.17 1.04
N LEU F 22 31.01 0.54 2.03
CA LEU F 22 31.47 0.46 3.41
C LEU F 22 31.77 -0.95 3.88
N HIS F 23 31.33 -1.97 3.15
CA HIS F 23 31.53 -3.37 3.53
C HIS F 23 32.76 -3.99 2.89
N LEU F 24 33.78 -3.20 2.59
CA LEU F 24 35.02 -3.72 2.00
C LEU F 24 36.14 -3.84 3.02
N GLU F 25 35.80 -3.88 4.32
CA GLU F 25 36.70 -4.22 5.43
C GLU F 25 37.97 -3.37 5.45
N GLY F 26 38.03 -2.34 4.60
CA GLY F 26 39.20 -1.49 4.56
C GLY F 26 38.87 -0.04 4.87
N GLU F 27 37.60 0.23 5.16
CA GLU F 27 37.14 1.58 5.42
C GLU F 27 36.62 1.79 6.84
N VAL F 28 36.05 0.76 7.46
CA VAL F 28 35.50 0.93 8.81
C VAL F 28 36.62 1.27 9.79
N ASN F 29 37.79 0.64 9.63
CA ASN F 29 38.92 0.99 10.47
C ASN F 29 39.35 2.44 10.25
N LYS F 30 39.41 2.86 8.98
CA LYS F 30 39.75 4.24 8.68
C LYS F 30 38.70 5.20 9.22
N ILE F 31 37.42 4.87 9.04
CA ILE F 31 36.37 5.80 9.44
C ILE F 31 36.32 5.94 10.95
N LYS F 32 36.64 4.87 11.69
CA LYS F 32 36.73 5.00 13.14
C LYS F 32 38.06 5.60 13.58
N SER F 33 39.06 5.61 12.70
CA SER F 33 40.35 6.21 13.02
C SER F 33 40.44 7.67 12.58
N ALA F 34 39.66 8.05 11.56
CA ALA F 34 39.70 9.42 11.06
C ALA F 34 38.92 10.39 11.93
N LEU F 35 38.22 9.91 12.95
CA LEU F 35 37.40 10.73 13.83
C LEU F 35 37.77 10.41 15.28
N LEU F 36 39.07 10.41 15.56
CA LEU F 36 39.54 10.05 16.89
C LEU F 36 39.25 11.15 17.91
N SER F 37 39.51 12.40 17.55
CA SER F 37 39.47 13.50 18.51
C SER F 37 38.75 14.70 17.94
N THR F 38 37.61 14.48 17.28
CA THR F 38 36.82 15.58 16.73
C THR F 38 35.41 15.07 16.48
N ASN F 39 34.59 15.93 15.89
CA ASN F 39 33.20 15.61 15.59
C ASN F 39 32.89 15.63 14.09
N LYS F 40 33.81 16.11 13.26
CA LYS F 40 33.58 16.19 11.83
C LYS F 40 34.81 15.68 11.09
N ALA F 41 34.58 15.10 9.91
CA ALA F 41 35.70 14.62 9.12
C ALA F 41 35.29 14.55 7.66
N VAL F 42 36.29 14.55 6.78
CA VAL F 42 36.11 14.34 5.35
C VAL F 42 37.02 13.17 4.97
N VAL F 43 36.42 12.02 4.67
CA VAL F 43 37.17 10.78 4.50
C VAL F 43 36.97 10.27 3.09
N SER F 44 38.06 9.90 2.44
CA SER F 44 37.98 9.26 1.13
C SER F 44 37.59 7.79 1.29
N LEU F 45 37.24 7.18 0.17
CA LEU F 45 36.81 5.79 0.14
C LEU F 45 37.66 5.00 -0.83
N SER F 46 37.67 3.67 -0.64
CA SER F 46 38.52 2.81 -1.45
C SER F 46 38.13 2.87 -2.92
N ASN F 47 36.83 2.97 -3.22
CA ASN F 47 36.39 3.03 -4.60
C ASN F 47 36.85 4.29 -5.32
N GLY F 48 37.23 5.33 -4.58
CA GLY F 48 37.77 6.53 -5.20
C GLY F 48 36.89 7.74 -5.08
N VAL F 49 36.12 7.84 -3.99
CA VAL F 49 35.30 9.00 -3.70
C VAL F 49 35.50 9.39 -2.24
N SER F 50 35.17 10.63 -1.92
CA SER F 50 35.29 11.17 -0.57
C SER F 50 33.94 11.68 -0.10
N VAL F 51 33.63 11.42 1.16
CA VAL F 51 32.36 11.83 1.75
C VAL F 51 32.59 12.39 3.14
N LEU F 52 31.60 13.13 3.61
CA LEU F 52 31.63 13.73 4.94
C LEU F 52 31.20 12.71 6.00
N THR F 53 31.74 12.87 7.20
CA THR F 53 31.42 12.01 8.32
C THR F 53 31.18 12.87 9.55
N PHE F 54 30.11 12.56 10.28
CA PHE F 54 29.68 13.39 11.39
C PHE F 54 29.14 12.48 12.48
N LYS F 55 29.73 12.55 13.68
CA LYS F 55 29.33 11.75 14.82
C LYS F 55 28.64 12.65 15.84
N VAL F 56 27.47 12.23 16.32
CA VAL F 56 26.66 13.06 17.20
C VAL F 56 26.56 12.51 18.62
N LEU F 57 26.92 11.25 18.85
CA LEU F 57 26.74 10.64 20.15
C LEU F 57 28.05 10.01 20.64
N ASP F 58 28.13 9.83 21.95
CA ASP F 58 29.31 9.22 22.58
C ASP F 58 28.83 8.51 23.83
N LEU F 59 28.99 7.19 23.86
CA LEU F 59 28.52 6.38 24.98
C LEU F 59 29.66 5.71 25.74
N LYS F 60 30.55 5.00 25.05
CA LYS F 60 31.49 4.13 25.74
C LYS F 60 32.37 4.89 26.73
N ASN F 61 32.68 6.16 26.45
CA ASN F 61 33.41 6.94 27.42
C ASN F 61 32.60 7.13 28.69
N TYR F 62 31.32 7.49 28.56
CA TYR F 62 30.46 7.62 29.73
C TYR F 62 30.14 6.25 30.32
N ILE F 63 29.98 5.24 29.48
CA ILE F 63 29.71 3.90 29.99
C ILE F 63 30.85 3.43 30.88
N ASP F 64 32.09 3.66 30.47
CA ASP F 64 33.22 3.28 31.31
C ASP F 64 33.33 4.19 32.53
N LYS F 65 33.09 5.49 32.36
CA LYS F 65 33.17 6.42 33.47
C LYS F 65 32.14 6.09 34.55
N GLN F 66 31.03 5.48 34.13
CA GLN F 66 29.94 5.13 35.08
C GLN F 66 30.14 3.71 35.60
N LEU F 67 30.79 2.85 34.79
CA LEU F 67 31.02 1.43 35.18
C LEU F 67 31.79 1.41 36.50
N LEU F 68 32.81 2.27 36.63
CA LEU F 68 33.60 2.34 37.89
C LEU F 68 32.65 2.71 39.05
N PRO F 69 31.80 3.74 38.91
CA PRO F 69 30.85 4.06 39.97
C PRO F 69 29.87 2.90 40.18
N ILE F 70 29.46 2.25 39.09
CA ILE F 70 28.47 1.14 39.19
C ILE F 70 29.09 -0.05 39.93
N LEU F 71 30.38 -0.33 39.71
CA LEU F 71 30.99 -1.54 40.31
C LEU F 71 32.16 -1.16 41.24
N ASN F 72 33.20 -0.51 40.72
CA ASN F 72 34.41 -0.21 41.54
C ASN F 72 34.01 0.60 42.78
N LYS F 73 33.06 1.52 42.65
CA LYS F 73 32.69 2.40 43.80
C LYS F 73 31.80 1.62 44.78
N GLN F 74 32.37 1.17 45.91
CA GLN F 74 31.57 0.48 46.95
C GLN F 74 30.65 -0.58 46.31
N SER F 75 31.20 -1.44 45.45
CA SER F 75 30.39 -2.52 44.84
C SER F 75 29.03 -1.96 44.40
N CYS F 76 27.94 -2.49 44.95
CA CYS F 76 26.58 -1.98 44.63
C CYS F 76 26.17 -0.96 45.70
N SER F 77 25.91 0.29 45.29
CA SER F 77 25.50 1.34 46.25
C SER F 77 24.61 2.36 45.53
N ILE F 78 23.78 3.09 46.28
CA ILE F 78 22.89 4.13 45.68
C ILE F 78 23.55 5.51 45.85
N SER F 79 24.82 5.53 46.26
CA SER F 79 25.55 6.81 46.48
C SER F 79 25.59 7.63 45.18
N ASN F 80 25.76 6.95 44.04
CA ASN F 80 25.83 7.66 42.72
C ASN F 80 24.60 8.57 42.57
N ILE F 81 24.83 9.84 42.23
CA ILE F 81 23.70 10.82 42.09
C ILE F 81 23.83 11.50 40.71
N GLU F 82 22.71 11.93 40.13
CA GLU F 82 22.71 12.63 38.81
C GLU F 82 23.04 11.62 37.70
N THR F 83 23.36 10.37 38.06
CA THR F 83 23.64 9.34 37.04
C THR F 83 22.35 9.04 36.31
N VAL F 84 21.22 9.05 37.03
CA VAL F 84 19.89 8.83 36.39
C VAL F 84 19.71 9.88 35.28
N ILE F 85 19.82 11.17 35.63
CA ILE F 85 19.74 12.21 34.61
C ILE F 85 20.62 11.85 33.43
N GLU F 86 21.86 11.47 33.69
CA GLU F 86 22.79 11.15 32.62
C GLU F 86 22.48 9.82 31.94
N PHE F 87 21.63 8.99 32.52
CA PHE F 87 21.36 7.69 31.94
C PHE F 87 20.06 7.64 31.14
N GLN F 88 18.95 8.15 31.71
CA GLN F 88 17.67 8.11 31.00
C GLN F 88 17.78 8.78 29.64
N GLN F 89 18.28 10.02 29.62
CA GLN F 89 18.32 10.78 28.39
C GLN F 89 19.25 10.13 27.37
N LYS F 90 20.41 9.66 27.82
CA LYS F 90 21.36 9.06 26.90
C LYS F 90 20.80 7.78 26.27
N ASN F 91 20.13 6.95 27.07
CA ASN F 91 19.61 5.70 26.52
C ASN F 91 18.35 5.91 25.68
N ASN F 92 17.60 6.97 25.99
CA ASN F 92 16.33 7.19 25.31
C ASN F 92 16.54 7.43 23.82
N ARG F 93 17.58 8.17 23.45
CA ARG F 93 17.84 8.44 22.04
C ARG F 93 18.08 7.14 21.28
N LEU F 94 18.92 6.25 21.83
CA LEU F 94 19.21 5.00 21.15
C LEU F 94 17.97 4.13 21.06
N LEU F 95 17.17 4.09 22.13
CA LEU F 95 15.93 3.30 22.07
C LEU F 95 15.01 3.81 20.98
N GLU F 96 14.84 5.14 20.88
CA GLU F 96 13.96 5.68 19.85
C GLU F 96 14.49 5.39 18.46
N ILE F 97 15.81 5.51 18.26
CA ILE F 97 16.38 5.22 16.95
C ILE F 97 16.12 3.76 16.57
N THR F 98 16.37 2.84 17.51
CA THR F 98 16.17 1.43 17.20
C THR F 98 14.71 1.13 16.90
N ARG F 99 13.79 1.72 17.66
CA ARG F 99 12.37 1.49 17.42
C ARG F 99 11.97 1.99 16.03
N GLU F 100 12.32 3.24 15.72
CA GLU F 100 11.95 3.81 14.43
C GLU F 100 12.54 3.00 13.28
N PHE F 101 13.74 2.45 13.47
CA PHE F 101 14.33 1.64 12.42
C PHE F 101 13.61 0.31 12.29
N SER F 102 13.21 -0.30 13.40
CA SER F 102 12.63 -1.63 13.34
C SER F 102 11.21 -1.62 12.81
N VAL F 103 10.45 -0.54 13.03
CA VAL F 103 9.06 -0.53 12.58
C VAL F 103 8.97 -0.59 11.06
N ASN F 104 9.84 0.16 10.38
CA ASN F 104 9.70 0.37 8.94
C ASN F 104 10.89 -0.19 8.16
N ALA F 105 11.32 -1.40 8.51
CA ALA F 105 12.33 -2.14 7.75
C ALA F 105 13.66 -1.41 7.65
N GLY F 106 13.87 -0.38 8.48
CA GLY F 106 15.15 0.29 8.54
C GLY F 106 15.38 1.37 7.50
N VAL F 107 14.39 1.61 6.63
CA VAL F 107 14.53 2.72 5.64
C VAL F 107 13.31 3.64 5.78
N THR F 108 13.33 4.51 6.79
CA THR F 108 12.20 5.44 7.04
C THR F 108 12.11 6.41 5.88
N THR F 109 10.89 6.67 5.40
CA THR F 109 10.69 7.64 4.30
C THR F 109 11.18 9.02 4.73
N PRO F 110 10.83 9.55 5.92
CA PRO F 110 11.38 10.83 6.37
C PRO F 110 12.53 10.64 7.35
N VAL F 111 13.16 11.74 7.76
CA VAL F 111 14.23 11.65 8.80
C VAL F 111 13.70 12.31 10.07
N SER F 112 13.50 11.53 11.14
CA SER F 112 12.93 12.08 12.40
C SER F 112 13.96 12.97 13.10
N THR F 113 13.49 13.92 13.90
CA THR F 113 14.41 14.80 14.66
C THR F 113 15.20 13.96 15.64
N TYR F 114 14.81 12.69 15.83
CA TYR F 114 15.62 11.82 16.69
C TYR F 114 16.95 11.49 16.05
N MET F 115 16.97 11.22 14.75
CA MET F 115 18.21 10.86 14.09
C MET F 115 19.17 12.03 14.02
N LEU F 116 18.66 13.24 13.89
CA LEU F 116 19.51 14.42 13.89
C LEU F 116 18.68 15.63 14.30
N THR F 117 19.28 16.50 15.12
CA THR F 117 18.62 17.72 15.56
C THR F 117 18.81 18.82 14.52
N ASN F 118 18.11 19.93 14.75
CA ASN F 118 18.19 21.06 13.81
C ASN F 118 19.61 21.61 13.75
N SER F 119 20.28 21.71 14.90
CA SER F 119 21.64 22.25 14.91
C SER F 119 22.58 21.38 14.10
N GLU F 120 22.43 20.05 14.20
CA GLU F 120 23.27 19.15 13.42
C GLU F 120 23.02 19.33 11.92
N LEU F 121 21.75 19.47 11.53
CA LEU F 121 21.45 19.69 10.13
C LEU F 121 22.03 21.01 9.64
N LEU F 122 21.98 22.04 10.48
CA LEU F 122 22.59 23.32 10.10
C LEU F 122 24.09 23.17 9.94
N SER F 123 24.73 22.38 10.81
CA SER F 123 26.16 22.12 10.65
C SER F 123 26.44 21.43 9.32
N LEU F 124 25.64 20.42 8.98
CA LEU F 124 25.82 19.71 7.72
C LEU F 124 25.68 20.65 6.53
N ILE F 125 24.61 21.44 6.50
CA ILE F 125 24.41 22.35 5.37
C ILE F 125 25.49 23.42 5.35
N ASN F 126 26.08 23.73 6.50
CA ASN F 126 27.22 24.63 6.52
C ASN F 126 28.44 24.00 5.88
N ASP F 127 28.64 22.70 6.09
CA ASP F 127 29.82 22.01 5.57
C ASP F 127 29.63 21.44 4.17
N MET F 128 28.47 21.64 3.55
CA MET F 128 28.25 21.14 2.20
C MET F 128 29.19 21.82 1.21
N PRO F 129 29.77 21.09 0.27
CA PRO F 129 30.60 21.69 -0.79
C PRO F 129 29.76 22.23 -1.94
N ILE F 130 29.03 23.31 -1.68
CA ILE F 130 28.11 23.91 -2.63
C ILE F 130 28.29 25.42 -2.62
N THR F 131 27.49 26.11 -3.42
CA THR F 131 27.52 27.56 -3.49
C THR F 131 26.78 28.18 -2.32
N ASN F 132 26.82 29.51 -2.23
CA ASN F 132 26.18 30.21 -1.14
C ASN F 132 24.66 30.24 -1.31
N ASP F 133 24.19 30.32 -2.55
CA ASP F 133 22.75 30.41 -2.80
C ASP F 133 22.03 29.16 -2.29
N GLN F 134 22.59 27.98 -2.57
CA GLN F 134 21.96 26.76 -2.10
C GLN F 134 21.97 26.68 -0.58
N LYS F 135 23.06 27.12 0.04
CA LYS F 135 23.12 27.12 1.51
C LYS F 135 22.06 28.04 2.10
N LYS F 136 21.90 29.24 1.54
CA LYS F 136 20.86 30.15 2.02
C LYS F 136 19.47 29.55 1.81
N LEU F 137 19.25 28.91 0.65
CA LEU F 137 17.95 28.33 0.37
C LEU F 137 17.62 27.22 1.37
N MET F 138 18.58 26.34 1.65
CA MET F 138 18.36 25.30 2.64
C MET F 138 18.29 25.84 4.07
N SER F 139 18.83 27.04 4.31
CA SER F 139 18.84 27.57 5.66
C SER F 139 17.42 27.88 6.16
N ASN F 140 16.56 28.40 5.29
CA ASN F 140 15.24 28.88 5.69
C ASN F 140 14.13 27.88 5.40
N ASN F 141 14.46 26.65 5.02
CA ASN F 141 13.46 25.64 4.71
C ASN F 141 13.86 24.29 5.30
N VAL F 142 14.30 24.32 6.56
CA VAL F 142 14.71 23.07 7.22
C VAL F 142 13.54 22.14 7.47
N GLN F 143 12.31 22.58 7.26
CA GLN F 143 11.14 21.73 7.41
C GLN F 143 10.73 21.06 6.11
N ILE F 144 11.46 21.31 5.02
CA ILE F 144 11.20 20.68 3.74
C ILE F 144 12.30 19.70 3.36
N VAL F 145 13.55 20.03 3.69
CA VAL F 145 14.66 19.13 3.39
C VAL F 145 14.46 17.79 4.07
N ARG F 146 13.87 17.77 5.26
CA ARG F 146 13.60 16.51 5.93
C ARG F 146 12.62 15.66 5.13
N GLN F 147 11.55 16.29 4.61
CA GLN F 147 10.49 15.53 3.94
C GLN F 147 10.93 14.94 2.62
N GLN F 148 12.08 15.33 2.09
CA GLN F 148 12.59 14.76 0.84
C GLN F 148 13.85 13.94 1.04
N SER F 149 14.32 13.79 2.26
CA SER F 149 15.54 13.04 2.56
C SER F 149 15.21 11.63 3.03
N TYR F 150 16.23 10.79 3.04
CA TYR F 150 16.09 9.39 3.42
C TYR F 150 17.13 9.01 4.47
N SER F 151 16.80 7.98 5.25
CA SER F 151 17.71 7.40 6.22
C SER F 151 17.83 5.91 5.92
N ILE F 152 19.06 5.40 5.89
CA ILE F 152 19.31 4.02 5.50
C ILE F 152 20.21 3.38 6.55
N MET F 153 19.73 2.33 7.19
CA MET F 153 20.53 1.57 8.13
C MET F 153 21.62 0.80 7.38
N CYS F 154 22.87 0.95 7.81
CA CYS F 154 23.99 0.54 6.96
C CYS F 154 24.80 -0.62 7.54
N ILE F 155 25.39 -0.47 8.72
CA ILE F 155 26.40 -1.42 9.18
C ILE F 155 26.55 -1.30 10.68
N ILE F 156 26.90 -2.41 11.32
CA ILE F 156 27.21 -2.47 12.75
C ILE F 156 28.55 -3.18 12.91
N LYS F 157 29.39 -2.66 13.79
CA LYS F 157 30.74 -3.19 13.97
C LYS F 157 31.02 -3.27 15.46
N GLU F 158 32.27 -3.57 15.84
CA GLU F 158 32.54 -3.94 17.23
C GLU F 158 32.24 -2.82 18.21
N GLU F 159 32.36 -1.55 17.78
CA GLU F 159 31.77 -0.47 18.58
C GLU F 159 31.07 0.58 17.73
N VAL F 160 31.12 0.48 16.41
CA VAL F 160 30.66 1.54 15.53
C VAL F 160 29.33 1.13 14.90
N LEU F 161 28.33 1.99 15.05
CA LEU F 161 27.06 1.89 14.35
C LEU F 161 26.93 3.11 13.46
N ALA F 162 26.73 2.88 12.16
CA ALA F 162 26.69 3.98 11.20
C ALA F 162 25.55 3.77 10.22
N TYR F 163 24.89 4.87 9.86
CA TYR F 163 23.81 4.84 8.88
C TYR F 163 23.98 6.03 7.94
N VAL F 164 23.39 5.90 6.75
CA VAL F 164 23.51 6.91 5.71
C VAL F 164 22.31 7.84 5.77
N VAL F 165 22.57 9.14 5.79
CA VAL F 165 21.52 10.14 5.79
C VAL F 165 21.61 10.90 4.49
N GLN F 166 20.74 10.56 3.53
CA GLN F 166 20.75 11.21 2.24
C GLN F 166 20.20 12.62 2.33
N LEU F 167 20.66 13.48 1.44
CA LEU F 167 20.20 14.86 1.37
C LEU F 167 20.00 15.27 -0.08
N PRO F 168 19.09 16.20 -0.33
CA PRO F 168 18.85 16.64 -1.70
C PRO F 168 19.80 17.76 -2.14
N LEU F 169 20.08 17.76 -3.43
CA LEU F 169 20.90 18.79 -4.07
C LEU F 169 20.06 19.54 -5.09
N TYR F 170 20.02 20.86 -4.95
CA TYR F 170 19.21 21.71 -5.80
C TYR F 170 20.08 22.24 -6.94
N GLY F 171 19.73 21.86 -8.17
CA GLY F 171 20.52 22.24 -9.32
C GLY F 171 19.99 23.43 -10.10
N VAL F 172 18.69 23.68 -10.01
CA VAL F 172 18.04 24.76 -10.75
C VAL F 172 17.16 25.54 -9.77
N ILE F 173 17.39 26.84 -9.67
CA ILE F 173 16.62 27.71 -8.79
C ILE F 173 16.30 29.01 -9.51
N ASP F 174 15.27 29.69 -9.00
CA ASP F 174 14.91 31.07 -9.31
C ASP F 174 14.34 31.28 -10.71
N THR F 175 14.19 30.23 -11.51
CA THR F 175 13.54 30.48 -12.79
C THR F 175 12.02 30.50 -12.61
N PRO F 176 11.31 31.28 -13.44
CA PRO F 176 9.86 31.35 -13.29
C PRO F 176 9.19 30.01 -13.54
N CYS F 177 8.11 29.77 -12.79
CA CYS F 177 7.29 28.56 -12.93
C CYS F 177 5.83 28.96 -12.95
N TRP F 178 5.00 28.10 -13.56
CA TRP F 178 3.58 28.37 -13.60
C TRP F 178 2.78 27.08 -13.48
N LYS F 179 1.65 27.18 -12.78
CA LYS F 179 0.76 26.06 -12.52
C LYS F 179 -0.45 26.14 -13.43
N LEU F 180 -1.05 24.99 -13.70
CA LEU F 180 -2.16 24.90 -14.64
C LEU F 180 -3.34 24.16 -14.00
N HIS F 181 -4.55 24.58 -14.32
CA HIS F 181 -5.76 23.92 -13.89
C HIS F 181 -6.73 23.79 -15.06
N THR F 182 -7.52 22.72 -15.05
CA THR F 182 -8.46 22.42 -16.12
C THR F 182 -9.83 22.13 -15.53
N SER F 183 -10.81 22.00 -16.41
CA SER F 183 -12.20 21.78 -16.00
C SER F 183 -12.94 21.16 -17.17
N PRO F 184 -14.07 20.51 -16.92
CA PRO F 184 -14.88 19.97 -18.03
C PRO F 184 -15.45 21.08 -18.89
N LEU F 185 -15.70 20.74 -20.16
CA LEU F 185 -16.23 21.70 -21.13
C LEU F 185 -17.12 20.96 -22.10
N CYS F 186 -18.44 21.15 -21.97
CA CYS F 186 -19.41 20.37 -22.72
C CYS F 186 -20.50 21.28 -23.27
N THR F 187 -21.27 20.73 -24.21
CA THR F 187 -22.43 21.44 -24.73
C THR F 187 -23.51 21.55 -23.67
N THR F 188 -24.35 22.56 -23.82
CA THR F 188 -25.42 22.85 -22.87
C THR F 188 -26.80 22.56 -23.46
N ASN F 189 -26.87 21.56 -24.34
CA ASN F 189 -28.14 21.20 -24.96
C ASN F 189 -29.15 20.74 -23.91
N THR F 190 -30.41 21.13 -24.10
CA THR F 190 -31.44 20.81 -23.12
C THR F 190 -31.77 19.32 -23.12
N LYS F 191 -31.89 18.73 -24.30
CA LYS F 191 -32.27 17.33 -24.40
C LYS F 191 -31.18 16.43 -23.82
N GLU F 192 -31.57 15.53 -22.93
CA GLU F 192 -30.62 14.63 -22.31
C GLU F 192 -30.14 13.58 -23.31
N GLY F 193 -28.91 13.12 -23.12
CA GLY F 193 -28.33 12.13 -24.00
C GLY F 193 -27.94 12.64 -25.36
N SER F 194 -27.76 13.95 -25.52
CA SER F 194 -27.38 14.58 -26.78
C SER F 194 -26.28 15.60 -26.55
N ASN F 195 -25.26 15.21 -25.80
CA ASN F 195 -24.18 16.12 -25.43
C ASN F 195 -22.84 15.42 -25.61
N ILE F 196 -21.81 16.24 -25.80
CA ILE F 196 -20.44 15.77 -25.95
C ILE F 196 -19.54 16.60 -25.06
N CYS F 197 -18.39 16.04 -24.70
CA CYS F 197 -17.49 16.64 -23.72
C CYS F 197 -16.05 16.49 -24.16
N LEU F 198 -15.26 17.55 -23.95
CA LEU F 198 -13.82 17.49 -24.13
C LEU F 198 -13.17 18.28 -23.01
N THR F 199 -12.07 17.76 -22.47
CA THR F 199 -11.35 18.41 -21.38
C THR F 199 -9.86 18.40 -21.66
N ARG F 200 -9.19 19.48 -21.27
CA ARG F 200 -7.73 19.52 -21.34
C ARG F 200 -7.14 18.54 -20.33
N THR F 201 -6.01 17.95 -20.67
CA THR F 201 -5.39 16.91 -19.86
C THR F 201 -3.90 17.16 -19.68
N ASP F 202 -3.54 18.39 -19.31
CA ASP F 202 -2.15 18.73 -19.05
C ASP F 202 -1.97 19.43 -17.71
N ARG F 203 -2.92 19.28 -16.81
CA ARG F 203 -2.87 20.02 -15.55
C ARG F 203 -1.67 19.58 -14.72
N GLY F 204 -1.04 20.55 -14.07
CA GLY F 204 0.15 20.31 -13.28
C GLY F 204 1.02 21.53 -13.12
N TRP F 205 2.34 21.35 -13.19
CA TRP F 205 3.29 22.44 -13.03
C TRP F 205 4.19 22.52 -14.25
N TYR F 206 4.83 23.68 -14.41
CA TYR F 206 5.80 23.89 -15.46
C TYR F 206 6.92 24.77 -14.94
N CYS F 207 8.16 24.40 -15.25
CA CYS F 207 9.33 25.16 -14.82
C CYS F 207 10.38 25.12 -15.92
N ASP F 208 11.07 26.24 -16.11
CA ASP F 208 12.14 26.30 -17.09
C ASP F 208 13.39 25.58 -16.57
N ASN F 209 14.15 24.99 -17.51
CA ASN F 209 15.39 24.32 -17.16
C ASN F 209 16.23 24.26 -18.43
N ALA F 210 17.23 25.15 -18.51
CA ALA F 210 18.15 25.19 -19.64
C ALA F 210 17.42 25.29 -20.97
N GLY F 211 16.37 26.11 -20.99
CA GLY F 211 15.60 26.32 -22.20
C GLY F 211 14.56 25.26 -22.49
N SER F 212 14.41 24.25 -21.63
CA SER F 212 13.43 23.20 -21.81
C SER F 212 12.51 23.16 -20.61
N VAL F 213 11.22 22.97 -20.86
CA VAL F 213 10.23 23.00 -19.79
C VAL F 213 10.08 21.60 -19.19
N SER F 214 10.12 21.53 -17.87
CA SER F 214 9.84 20.29 -17.18
C SER F 214 8.33 20.10 -17.03
N PHE F 215 7.94 18.97 -16.45
CA PHE F 215 6.52 18.69 -16.26
C PHE F 215 6.35 17.71 -15.11
N PHE F 216 5.45 18.04 -14.19
CA PHE F 216 5.14 17.18 -13.04
C PHE F 216 3.66 16.85 -13.06
N PRO F 217 3.27 15.71 -13.62
CA PRO F 217 1.83 15.46 -13.82
C PRO F 217 1.04 15.34 -12.54
N GLN F 218 1.67 15.04 -11.42
CA GLN F 218 0.98 14.84 -10.15
C GLN F 218 1.32 16.02 -9.23
N ALA F 219 0.34 16.90 -9.01
CA ALA F 219 0.56 18.09 -8.21
C ALA F 219 0.84 17.79 -6.76
N GLU F 220 0.56 16.56 -6.29
CA GLU F 220 0.83 16.20 -4.91
C GLU F 220 2.29 15.86 -4.67
N THR F 221 3.12 15.83 -5.71
CA THR F 221 4.55 15.60 -5.57
C THR F 221 5.35 16.89 -5.67
N CYS F 222 4.74 18.01 -5.26
CA CYS F 222 5.42 19.31 -5.28
C CYS F 222 4.86 20.15 -4.14
N LYS F 223 5.58 20.20 -3.03
CA LYS F 223 5.19 21.05 -1.92
C LYS F 223 5.46 22.51 -2.25
N VAL F 224 4.69 23.39 -1.62
CA VAL F 224 4.84 24.83 -1.82
C VAL F 224 5.00 25.50 -0.46
N GLN F 225 5.67 26.65 -0.46
CA GLN F 225 5.89 27.43 0.76
C GLN F 225 5.80 28.90 0.38
N SER F 226 4.74 29.57 0.82
CA SER F 226 4.49 30.98 0.52
C SER F 226 4.43 31.18 -0.99
N ASN F 227 5.55 31.59 -1.58
CA ASN F 227 5.64 31.83 -3.01
C ASN F 227 6.57 30.88 -3.75
N ARG F 228 7.58 30.33 -3.07
CA ARG F 228 8.54 29.44 -3.72
C ARG F 228 8.00 28.02 -3.75
N VAL F 229 8.14 27.37 -4.89
CA VAL F 229 7.66 26.01 -5.10
C VAL F 229 8.83 25.05 -4.97
N PHE F 230 8.56 23.86 -4.42
CA PHE F 230 9.53 22.80 -4.27
C PHE F 230 9.07 21.61 -5.11
N CYS F 231 9.98 21.06 -5.91
CA CYS F 231 9.63 19.95 -6.80
C CYS F 231 10.81 19.01 -6.94
N ASP F 232 10.52 17.81 -7.42
CA ASP F 232 11.51 16.80 -7.68
C ASP F 232 11.51 16.45 -9.17
N THR F 233 12.69 16.16 -9.70
CA THR F 233 12.83 15.82 -11.11
C THR F 233 12.73 14.33 -11.37
N MET F 234 12.52 13.51 -10.34
CA MET F 234 12.33 12.08 -10.55
C MET F 234 11.06 11.79 -11.35
N ASN F 235 10.12 12.72 -11.37
CA ASN F 235 8.84 12.55 -12.05
C ASN F 235 8.66 13.63 -13.11
N SER F 236 9.71 13.90 -13.88
CA SER F 236 9.71 15.02 -14.81
C SER F 236 9.89 14.50 -16.24
N LEU F 237 9.20 15.16 -17.17
CA LEU F 237 9.30 14.88 -18.60
C LEU F 237 9.82 16.13 -19.29
N THR F 238 10.84 15.96 -20.13
CA THR F 238 11.43 17.08 -20.85
C THR F 238 10.58 17.40 -22.06
N LEU F 239 10.12 18.64 -22.16
CA LEU F 239 9.25 19.07 -23.24
C LEU F 239 9.81 20.32 -23.90
N PRO F 240 9.51 20.53 -25.18
CA PRO F 240 9.94 21.76 -25.85
C PRO F 240 9.25 22.98 -25.25
N SER F 241 9.92 24.12 -25.36
CA SER F 241 9.46 25.36 -24.74
C SER F 241 8.18 25.91 -25.33
N GLU F 242 7.54 25.21 -26.27
CA GLU F 242 6.36 25.70 -26.94
C GLU F 242 5.07 25.30 -26.24
N VAL F 243 5.15 24.55 -25.14
CA VAL F 243 3.94 24.04 -24.49
C VAL F 243 3.09 25.20 -23.96
N ASN F 244 3.73 26.27 -23.50
CA ASN F 244 2.99 27.42 -23.01
C ASN F 244 2.18 28.09 -24.11
N LEU F 245 2.47 27.80 -25.38
CA LEU F 245 1.61 28.29 -26.46
C LEU F 245 0.24 27.64 -26.38
N CYS F 246 0.18 26.35 -26.03
CA CYS F 246 -1.11 25.74 -25.72
C CYS F 246 -1.80 26.45 -24.56
N ASN F 247 -1.04 27.20 -23.77
CA ASN F 247 -1.63 28.07 -22.76
C ASN F 247 -2.56 29.10 -23.36
N VAL F 248 -2.13 29.76 -24.44
CA VAL F 248 -2.86 30.92 -24.94
C VAL F 248 -3.77 30.53 -26.10
N ASP F 249 -3.36 29.53 -26.88
CA ASP F 249 -4.13 29.13 -28.05
C ASP F 249 -3.91 27.65 -28.28
N ILE F 250 -4.92 26.97 -28.83
CA ILE F 250 -4.85 25.54 -29.06
C ILE F 250 -4.67 25.16 -30.52
N PHE F 251 -5.11 26.01 -31.45
CA PHE F 251 -5.11 25.66 -32.87
C PHE F 251 -3.81 26.00 -33.57
N ASN F 252 -2.74 26.25 -32.81
CA ASN F 252 -1.44 26.49 -33.42
C ASN F 252 -0.90 25.23 -34.07
N PRO F 253 -0.15 25.35 -35.17
CA PRO F 253 0.36 24.17 -35.86
C PRO F 253 1.71 23.66 -35.37
N LYS F 254 2.48 24.49 -34.67
CA LYS F 254 3.84 24.07 -34.29
C LYS F 254 3.82 23.08 -33.14
N TYR F 255 2.90 23.26 -32.19
CA TYR F 255 2.77 22.33 -31.07
C TYR F 255 1.34 21.81 -31.01
N ASP F 256 1.20 20.51 -30.78
CA ASP F 256 -0.10 19.87 -30.71
C ASP F 256 -0.50 19.74 -29.25
N CYS F 257 -1.66 20.31 -28.89
CA CYS F 257 -2.15 20.28 -27.54
C CYS F 257 -2.68 18.88 -27.22
N LYS F 258 -3.15 18.69 -25.98
CA LYS F 258 -3.73 17.44 -25.54
C LYS F 258 -5.20 17.66 -25.19
N ILE F 259 -6.01 16.62 -25.37
CA ILE F 259 -7.44 16.69 -25.13
C ILE F 259 -7.98 15.29 -24.88
N MET F 260 -9.04 15.21 -24.07
CA MET F 260 -9.72 13.95 -23.78
C MET F 260 -11.20 14.13 -24.07
N THR F 261 -11.77 13.17 -24.79
CA THR F 261 -13.15 13.25 -25.26
C THR F 261 -14.01 12.21 -24.54
N SER F 262 -15.25 12.58 -24.26
CA SER F 262 -16.20 11.69 -23.60
C SER F 262 -17.60 12.22 -23.85
N LYS F 263 -18.59 11.56 -23.22
CA LYS F 263 -19.98 11.95 -23.39
C LYS F 263 -20.75 11.94 -22.07
N THR F 264 -20.04 12.12 -20.96
CA THR F 264 -20.66 12.18 -19.64
C THR F 264 -20.45 13.56 -19.06
N ASP F 265 -21.54 14.19 -18.61
CA ASP F 265 -21.49 15.53 -18.05
C ASP F 265 -22.04 15.54 -16.62
N VAL F 266 -21.25 16.07 -15.69
CA VAL F 266 -21.64 16.22 -14.30
C VAL F 266 -21.14 17.56 -13.80
N SER F 267 -22.02 18.34 -13.17
CA SER F 267 -21.61 19.63 -12.62
C SER F 267 -20.60 19.42 -11.50
N SER F 268 -19.59 20.28 -11.47
CA SER F 268 -18.53 20.15 -10.47
C SER F 268 -17.81 21.48 -10.35
N SER F 269 -16.72 21.49 -9.58
CA SER F 269 -15.94 22.69 -9.36
C SER F 269 -14.49 22.33 -9.16
N VAL F 270 -13.63 23.32 -9.38
CA VAL F 270 -12.19 23.20 -9.17
C VAL F 270 -11.70 24.44 -8.46
N ILE F 271 -10.97 24.25 -7.37
CA ILE F 271 -10.40 25.35 -6.62
C ILE F 271 -9.01 25.63 -7.15
N THR F 272 -8.71 26.90 -7.39
CA THR F 272 -7.38 27.32 -7.84
C THR F 272 -6.76 28.24 -6.79
N SER F 273 -5.64 28.85 -7.15
CA SER F 273 -4.87 29.62 -6.18
C SER F 273 -5.67 30.81 -5.65
N LEU F 274 -6.40 31.51 -6.52
CA LEU F 274 -7.06 32.74 -6.11
C LEU F 274 -8.56 32.75 -6.39
N GLY F 275 -9.11 31.68 -6.95
CA GLY F 275 -10.51 31.71 -7.30
C GLY F 275 -11.11 30.33 -7.39
N ALA F 276 -12.30 30.27 -7.99
CA ALA F 276 -13.02 29.03 -8.15
C ALA F 276 -13.58 28.92 -9.56
N ILE F 277 -13.47 27.72 -10.13
CA ILE F 277 -14.08 27.40 -11.42
C ILE F 277 -15.27 26.51 -11.17
N VAL F 278 -16.40 26.84 -11.77
CA VAL F 278 -17.63 26.04 -11.59
C VAL F 278 -18.15 25.64 -12.95
N SER F 279 -18.34 24.35 -13.16
CA SER F 279 -18.99 23.82 -14.37
C SER F 279 -20.37 23.33 -13.95
N CYS F 280 -21.36 24.19 -14.15
CA CYS F 280 -22.74 23.92 -13.72
C CYS F 280 -23.52 23.47 -14.95
N TYR F 281 -23.91 22.20 -14.97
CA TYR F 281 -24.60 21.59 -16.10
C TYR F 281 -25.87 20.92 -15.62
N GLY F 282 -26.90 20.98 -16.47
CA GLY F 282 -28.11 20.23 -16.17
C GLY F 282 -28.99 20.89 -15.11
N LYS F 283 -29.64 20.04 -14.32
CA LYS F 283 -30.62 20.47 -13.33
C LYS F 283 -30.00 20.90 -12.01
N THR F 284 -28.71 20.64 -11.81
CA THR F 284 -28.08 20.97 -10.54
C THR F 284 -28.06 22.48 -10.32
N LYS F 285 -28.00 22.88 -9.05
CA LYS F 285 -28.01 24.28 -8.65
C LYS F 285 -26.63 24.65 -8.11
N CYS F 286 -26.11 25.79 -8.58
CA CYS F 286 -24.79 26.27 -8.20
C CYS F 286 -24.89 27.71 -7.73
N THR F 287 -24.16 28.03 -6.65
CA THR F 287 -24.35 29.32 -5.99
C THR F 287 -23.05 29.79 -5.34
N ALA F 288 -22.69 31.04 -5.58
CA ALA F 288 -21.56 31.67 -4.90
C ALA F 288 -22.09 32.58 -3.81
N SER F 289 -21.60 32.37 -2.59
CA SER F 289 -22.11 33.07 -1.41
C SER F 289 -20.96 33.65 -0.61
N ASN F 290 -21.24 34.78 0.04
CA ASN F 290 -20.29 35.46 0.90
C ASN F 290 -20.63 35.20 2.36
N LYS F 291 -19.65 35.46 3.23
CA LYS F 291 -19.81 35.13 4.64
C LYS F 291 -20.92 35.93 5.30
N ASN F 292 -21.02 37.22 5.00
CA ASN F 292 -21.88 38.13 5.74
C ASN F 292 -23.07 38.64 4.93
N ARG F 293 -23.22 38.21 3.68
CA ARG F 293 -24.34 38.66 2.87
C ARG F 293 -25.09 37.51 2.20
N GLY F 294 -24.84 36.26 2.59
CA GLY F 294 -25.60 35.16 2.03
C GLY F 294 -25.30 34.95 0.55
N ILE F 295 -26.33 34.53 -0.18
CA ILE F 295 -26.19 34.31 -1.62
C ILE F 295 -25.80 35.62 -2.30
N ILE F 296 -24.78 35.55 -3.17
CA ILE F 296 -24.27 36.73 -3.83
C ILE F 296 -24.38 36.59 -5.34
N LYS F 297 -24.30 35.35 -5.83
CA LYS F 297 -24.29 35.15 -7.27
C LYS F 297 -24.86 33.77 -7.58
N THR F 298 -25.64 33.70 -8.66
CA THR F 298 -26.19 32.44 -9.14
C THR F 298 -25.64 32.15 -10.53
N PHE F 299 -25.12 30.93 -10.71
CA PHE F 299 -24.57 30.54 -12.00
C PHE F 299 -25.68 30.09 -12.94
N SER F 300 -25.31 29.95 -14.21
CA SER F 300 -26.18 29.42 -15.24
C SER F 300 -25.51 28.19 -15.85
N ASN F 301 -26.13 27.65 -16.90
CA ASN F 301 -25.55 26.50 -17.59
C ASN F 301 -24.24 26.90 -18.26
N GLY F 302 -23.25 26.03 -18.14
CA GLY F 302 -21.93 26.28 -18.67
C GLY F 302 -20.89 26.33 -17.56
N CYS F 303 -19.70 26.77 -17.92
CA CYS F 303 -18.60 26.88 -16.98
C CYS F 303 -18.18 28.35 -16.82
N ASP F 304 -17.83 28.72 -15.60
CA ASP F 304 -17.52 30.11 -15.30
C ASP F 304 -16.54 30.18 -14.14
N TYR F 305 -16.10 31.39 -13.82
CA TYR F 305 -15.05 31.64 -12.85
C TYR F 305 -15.47 32.74 -11.88
N VAL F 306 -15.02 32.62 -10.64
CA VAL F 306 -15.30 33.60 -9.60
C VAL F 306 -14.02 33.90 -8.86
N SER F 307 -13.69 35.18 -8.71
CA SER F 307 -12.52 35.59 -7.96
C SER F 307 -12.81 35.58 -6.47
N ASN F 308 -11.76 35.72 -5.67
CA ASN F 308 -11.89 35.69 -4.22
C ASN F 308 -12.32 37.02 -3.62
N LYS F 309 -12.29 38.10 -4.39
CA LYS F 309 -12.62 39.42 -3.86
C LYS F 309 -14.11 39.47 -3.55
N GLY F 310 -14.44 39.40 -2.25
CA GLY F 310 -15.83 39.46 -1.83
C GLY F 310 -16.58 38.15 -1.90
N VAL F 311 -15.93 37.06 -2.33
CA VAL F 311 -16.56 35.76 -2.42
C VAL F 311 -15.70 34.77 -1.64
N ASP F 312 -16.34 33.97 -0.78
CA ASP F 312 -15.59 33.05 0.07
C ASP F 312 -16.15 31.64 0.06
N THR F 313 -17.44 31.49 -0.26
CA THR F 313 -18.07 30.17 -0.20
C THR F 313 -18.70 29.83 -1.55
N VAL F 314 -18.60 28.56 -1.92
CA VAL F 314 -19.17 28.03 -3.15
C VAL F 314 -20.01 26.81 -2.80
N SER F 315 -21.19 26.71 -3.41
CA SER F 315 -22.07 25.56 -3.23
C SER F 315 -22.37 24.99 -4.60
N VAL F 316 -22.06 23.70 -4.77
CA VAL F 316 -22.29 23.02 -6.04
C VAL F 316 -23.07 21.75 -5.76
N GLY F 317 -24.24 21.61 -6.38
CA GLY F 317 -25.09 20.48 -6.12
C GLY F 317 -25.46 20.39 -4.66
N ASN F 318 -24.85 19.46 -3.94
CA ASN F 318 -25.08 19.30 -2.51
C ASN F 318 -23.80 19.39 -1.69
N THR F 319 -22.74 19.97 -2.25
CA THR F 319 -21.44 20.04 -1.59
C THR F 319 -21.02 21.48 -1.41
N LEU F 320 -20.49 21.79 -0.23
CA LEU F 320 -20.01 23.14 0.08
C LEU F 320 -18.49 23.15 0.07
N TYR F 321 -17.91 24.02 -0.76
CA TYR F 321 -16.47 24.14 -0.95
C TYR F 321 -15.99 25.41 -0.26
N TYR F 322 -14.66 25.56 -0.23
CA TYR F 322 -14.02 26.75 0.30
C TYR F 322 -12.97 27.22 -0.69
N VAL F 323 -12.61 28.50 -0.58
CA VAL F 323 -11.65 29.11 -1.49
C VAL F 323 -10.50 29.68 -0.70
N ASN F 324 -9.36 29.82 -1.37
CA ASN F 324 -8.17 30.36 -0.73
C ASN F 324 -8.35 31.85 -0.48
N LYS F 325 -7.43 32.41 0.31
CA LYS F 325 -7.46 33.83 0.64
C LYS F 325 -6.14 34.52 0.33
N GLN F 326 -5.32 33.92 -0.53
CA GLN F 326 -4.07 34.54 -0.93
C GLN F 326 -4.35 35.87 -1.63
N GLU F 327 -3.52 36.87 -1.38
CA GLU F 327 -3.69 38.19 -1.97
C GLU F 327 -3.01 38.22 -3.32
N GLY F 328 -3.79 38.52 -4.36
CA GLY F 328 -3.27 38.57 -5.70
C GLY F 328 -4.27 39.20 -6.65
N LYS F 329 -3.76 39.63 -7.80
CA LYS F 329 -4.55 40.32 -8.81
C LYS F 329 -5.04 39.31 -9.84
N SER F 330 -6.34 39.04 -9.84
CA SER F 330 -6.93 38.18 -10.85
C SER F 330 -7.16 38.97 -12.14
N LEU F 331 -7.54 38.24 -13.19
CA LEU F 331 -7.80 38.87 -14.48
C LEU F 331 -8.71 37.96 -15.30
N TYR F 332 -9.94 38.41 -15.54
CA TYR F 332 -10.86 37.67 -16.38
C TYR F 332 -10.54 37.91 -17.85
N VAL F 333 -10.62 36.85 -18.64
CA VAL F 333 -10.38 36.92 -20.09
C VAL F 333 -11.56 36.27 -20.79
N LYS F 334 -12.13 36.98 -21.77
CA LYS F 334 -13.26 36.46 -22.51
C LYS F 334 -12.78 35.57 -23.66
N GLY F 335 -13.73 34.86 -24.27
CA GLY F 335 -13.39 33.97 -25.36
C GLY F 335 -14.62 33.30 -25.92
N GLU F 336 -14.38 32.30 -26.76
CA GLU F 336 -15.43 31.56 -27.43
C GLU F 336 -15.32 30.07 -27.10
N PRO F 337 -16.40 29.43 -26.66
CA PRO F 337 -16.32 27.99 -26.36
C PRO F 337 -16.03 27.18 -27.62
N ILE F 338 -14.89 26.49 -27.62
CA ILE F 338 -14.45 25.76 -28.79
C ILE F 338 -15.39 24.61 -29.12
N ILE F 339 -16.11 24.10 -28.11
CA ILE F 339 -16.92 22.90 -28.30
C ILE F 339 -17.97 23.10 -29.37
N ASN F 340 -18.51 24.32 -29.50
CA ASN F 340 -19.55 24.56 -30.48
C ASN F 340 -19.04 24.48 -31.91
N PHE F 341 -17.73 24.40 -32.12
CA PHE F 341 -17.16 24.39 -33.47
C PHE F 341 -17.15 23.01 -34.12
N TYR F 342 -17.62 21.98 -33.43
CA TYR F 342 -17.50 20.61 -33.92
C TYR F 342 -18.87 20.02 -34.21
N ASP F 343 -18.90 19.09 -35.17
CA ASP F 343 -20.14 18.42 -35.56
C ASP F 343 -20.59 17.49 -34.44
N PRO F 344 -21.79 17.67 -33.89
CA PRO F 344 -22.26 16.75 -32.83
C PRO F 344 -22.41 15.32 -33.30
N LEU F 345 -22.79 15.10 -34.55
CA LEU F 345 -23.13 13.74 -35.00
C LEU F 345 -21.89 12.87 -35.15
N VAL F 346 -20.83 13.41 -35.74
CA VAL F 346 -19.65 12.63 -36.09
C VAL F 346 -18.54 12.78 -35.05
N PHE F 347 -18.86 13.30 -33.87
CA PHE F 347 -17.85 13.46 -32.84
C PHE F 347 -17.36 12.11 -32.35
N PRO F 348 -16.05 11.91 -32.19
CA PRO F 348 -15.55 10.64 -31.67
C PRO F 348 -16.07 10.36 -30.27
N SER F 349 -16.34 9.08 -30.00
CA SER F 349 -16.99 8.68 -28.75
C SER F 349 -16.12 8.99 -27.54
N ASP F 350 -14.99 8.28 -27.42
CA ASP F 350 -14.21 8.34 -26.20
C ASP F 350 -12.77 7.98 -26.49
N GLU F 351 -11.84 8.66 -25.81
CA GLU F 351 -10.42 8.37 -25.88
C GLU F 351 -9.80 8.63 -24.53
N PHE F 352 -8.97 7.69 -24.05
CA PHE F 352 -8.21 7.94 -22.83
C PHE F 352 -7.26 9.11 -23.01
N ASP F 353 -6.59 9.17 -24.16
CA ASP F 353 -5.72 10.27 -24.52
C ASP F 353 -5.88 10.55 -26.00
N ALA F 354 -5.83 11.84 -26.35
CA ALA F 354 -5.98 12.24 -27.74
C ALA F 354 -5.39 13.62 -27.92
N SER F 355 -5.11 13.97 -29.17
CA SER F 355 -4.62 15.29 -29.52
C SER F 355 -5.57 15.93 -30.53
N ILE F 356 -5.44 17.24 -30.69
CA ILE F 356 -6.32 17.97 -31.61
C ILE F 356 -6.13 17.48 -33.03
N SER F 357 -4.87 17.23 -33.43
CA SER F 357 -4.61 16.70 -34.75
C SER F 357 -5.22 15.32 -34.92
N GLN F 358 -5.22 14.51 -33.87
CA GLN F 358 -5.80 13.17 -33.95
C GLN F 358 -7.29 13.22 -34.26
N VAL F 359 -8.04 14.00 -33.48
CA VAL F 359 -9.47 14.10 -33.73
C VAL F 359 -9.74 14.78 -35.06
N ASN F 360 -8.90 15.75 -35.44
CA ASN F 360 -9.09 16.42 -36.72
C ASN F 360 -8.94 15.44 -37.88
N GLU F 361 -7.90 14.61 -37.87
CA GLU F 361 -7.74 13.66 -38.96
C GLU F 361 -8.79 12.56 -38.90
N LYS F 362 -9.23 12.19 -37.69
CA LYS F 362 -10.30 11.19 -37.57
C LYS F 362 -11.59 11.70 -38.21
N ILE F 363 -12.00 12.91 -37.87
CA ILE F 363 -13.22 13.46 -38.45
C ILE F 363 -13.04 13.69 -39.94
N ASN F 364 -11.83 14.08 -40.38
CA ASN F 364 -11.58 14.26 -41.80
C ASN F 364 -11.77 12.97 -42.56
N GLN F 365 -11.15 11.89 -42.09
CA GLN F 365 -11.25 10.62 -42.81
C GLN F 365 -12.67 10.07 -42.76
N SER F 366 -13.36 10.21 -41.63
CA SER F 366 -14.74 9.73 -41.55
C SER F 366 -15.63 10.50 -42.51
N LEU F 367 -15.50 11.83 -42.55
CA LEU F 367 -16.32 12.64 -43.45
C LEU F 367 -16.01 12.32 -44.90
N ALA F 368 -14.73 12.17 -45.25
CA ALA F 368 -14.37 11.85 -46.63
C ALA F 368 -14.92 10.49 -47.04
N PHE F 369 -14.82 9.49 -46.16
CA PHE F 369 -15.32 8.16 -46.48
C PHE F 369 -16.83 8.18 -46.66
N ILE F 370 -17.54 8.85 -45.75
CA ILE F 370 -19.00 8.88 -45.87
C ILE F 370 -19.42 9.66 -47.11
N ARG F 371 -18.68 10.71 -47.48
CA ARG F 371 -19.04 11.49 -48.65
C ARG F 371 -18.76 10.73 -49.94
N LYS F 372 -17.65 9.98 -49.99
CA LYS F 372 -17.34 9.21 -51.19
C LYS F 372 -18.28 8.01 -51.32
N SER F 373 -18.77 7.48 -50.19
CA SER F 373 -19.83 6.48 -50.27
C SER F 373 -21.12 7.10 -50.76
N ASP F 374 -21.44 8.30 -50.28
CA ASP F 374 -22.69 8.96 -50.65
C ASP F 374 -22.72 9.31 -52.14
N GLU F 375 -21.59 9.80 -52.67
CA GLU F 375 -21.57 10.17 -54.09
C GLU F 375 -21.77 8.96 -54.98
N LEU F 376 -21.26 7.80 -54.57
CA LEU F 376 -21.48 6.58 -55.35
C LEU F 376 -22.90 6.07 -55.20
N LEU F 377 -23.45 6.10 -53.99
CA LEU F 377 -24.79 5.58 -53.77
C LEU F 377 -25.88 6.53 -54.25
N SER F 378 -25.53 7.77 -54.59
CA SER F 378 -26.54 8.70 -55.10
C SER F 378 -26.98 8.36 -56.51
N ALA F 379 -26.22 7.56 -57.24
CA ALA F 379 -26.57 7.18 -58.60
C ALA F 379 -27.20 5.80 -58.69
N ILE F 380 -27.48 5.16 -57.57
CA ILE F 380 -28.18 3.87 -57.58
C ILE F 380 -29.61 4.08 -58.06
N GLY F 381 -30.17 3.04 -58.68
CA GLY F 381 -31.46 3.13 -59.32
C GLY F 381 -31.40 3.51 -60.79
N GLY F 382 -30.23 3.92 -61.28
CA GLY F 382 -30.06 4.22 -62.68
C GLY F 382 -29.15 3.21 -63.36
N TYR F 383 -29.34 1.94 -63.03
CA TYR F 383 -28.53 0.87 -63.61
C TYR F 383 -29.46 -0.25 -64.06
N ILE F 384 -29.08 -0.94 -65.13
CA ILE F 384 -29.89 -2.02 -65.69
C ILE F 384 -29.13 -3.34 -65.56
N PRO F 385 -29.82 -4.47 -65.43
CA PRO F 385 -29.13 -5.74 -65.21
C PRO F 385 -28.39 -6.23 -66.45
N GLU F 386 -27.46 -7.15 -66.20
CA GLU F 386 -26.74 -7.81 -67.29
C GLU F 386 -27.70 -8.56 -68.19
N ALA F 387 -27.51 -8.40 -69.50
CA ALA F 387 -28.30 -9.13 -70.47
C ALA F 387 -27.84 -10.59 -70.53
N PRO F 388 -28.75 -11.52 -70.81
CA PRO F 388 -28.36 -12.92 -70.98
C PRO F 388 -27.35 -13.09 -72.12
N ARG F 389 -26.44 -14.03 -71.93
CA ARG F 389 -25.34 -14.27 -72.86
C ARG F 389 -25.72 -15.22 -73.99
N ASP F 390 -27.01 -15.47 -74.21
CA ASP F 390 -27.43 -16.44 -75.20
C ASP F 390 -27.45 -15.85 -76.60
N GLY F 391 -26.36 -15.21 -77.01
CA GLY F 391 -26.21 -14.68 -78.35
C GLY F 391 -27.30 -13.70 -78.75
N GLN F 392 -27.94 -13.07 -77.77
CA GLN F 392 -29.07 -12.20 -78.03
C GLN F 392 -28.66 -10.74 -77.89
N ALA F 393 -29.00 -9.93 -78.88
CA ALA F 393 -28.70 -8.51 -78.88
C ALA F 393 -29.86 -7.74 -78.21
N TYR F 394 -29.98 -7.94 -76.91
CA TYR F 394 -31.00 -7.27 -76.14
C TYR F 394 -30.76 -5.76 -76.12
N VAL F 395 -31.84 -5.00 -76.30
CA VAL F 395 -31.78 -3.55 -76.23
C VAL F 395 -32.38 -3.09 -74.91
N ARG F 396 -31.96 -1.92 -74.46
CA ARG F 396 -32.45 -1.35 -73.21
C ARG F 396 -33.87 -0.87 -73.43
N LYS F 397 -34.85 -1.68 -73.03
CA LYS F 397 -36.25 -1.33 -73.14
C LYS F 397 -36.93 -1.66 -71.81
N ASP F 398 -37.71 -0.72 -71.30
CA ASP F 398 -38.34 -0.82 -69.99
C ASP F 398 -37.32 -0.98 -68.86
N GLY F 399 -36.10 -0.52 -69.08
CA GLY F 399 -35.04 -0.63 -68.08
C GLY F 399 -34.69 -2.05 -67.73
N GLU F 400 -34.74 -2.95 -68.70
CA GLU F 400 -34.48 -4.37 -68.47
C GLU F 400 -34.16 -5.03 -69.79
N TRP F 401 -33.66 -6.26 -69.72
CA TRP F 401 -33.45 -7.05 -70.91
C TRP F 401 -34.78 -7.61 -71.40
N VAL F 402 -35.05 -7.43 -72.69
CA VAL F 402 -36.29 -7.90 -73.30
C VAL F 402 -36.07 -7.95 -74.80
N LEU F 403 -36.65 -8.97 -75.43
CA LEU F 403 -36.51 -9.13 -76.88
C LEU F 403 -37.06 -7.90 -77.59
N LEU F 404 -36.20 -7.25 -78.36
CA LEU F 404 -36.60 -6.02 -79.05
C LEU F 404 -37.69 -6.33 -80.08
N SER F 405 -38.84 -5.68 -79.92
CA SER F 405 -39.95 -5.85 -80.84
C SER F 405 -40.69 -4.56 -81.16
N THR F 406 -40.23 -3.41 -80.65
CA THR F 406 -40.92 -2.15 -80.89
C THR F 406 -40.48 -1.50 -82.20
N PHE F 407 -39.19 -1.18 -82.31
CA PHE F 407 -38.65 -0.62 -83.54
C PHE F 407 -38.08 -1.67 -84.47
N LEU F 408 -37.93 -2.91 -84.02
CA LEU F 408 -37.45 -4.00 -84.87
C LEU F 408 -38.34 -5.22 -84.72
N ILE G 1 20.67 -23.47 24.79
CA ILE G 1 19.97 -23.73 26.04
C ILE G 1 20.58 -24.95 26.73
N GLN G 2 20.34 -25.08 28.02
CA GLN G 2 20.82 -26.21 28.80
C GLN G 2 19.68 -26.74 29.66
N LEU G 3 19.45 -28.05 29.59
CA LEU G 3 18.40 -28.70 30.36
C LEU G 3 19.01 -29.49 31.51
N THR G 4 18.25 -29.64 32.60
CA THR G 4 18.82 -30.31 33.79
C THR G 4 17.72 -31.03 34.54
N GLN G 5 17.87 -32.34 34.76
CA GLN G 5 16.90 -33.10 35.58
C GLN G 5 17.46 -33.16 37.01
N SER G 6 16.89 -32.37 37.93
CA SER G 6 17.44 -32.31 39.32
C SER G 6 17.49 -33.71 39.95
N PRO G 7 16.46 -34.57 39.83
CA PRO G 7 16.64 -35.99 40.09
C PRO G 7 17.45 -36.69 39.00
N SER G 8 18.56 -37.33 39.38
CA SER G 8 19.35 -38.12 38.41
C SER G 8 18.92 -39.59 38.52
N THR G 9 18.73 -40.08 39.75
CA THR G 9 18.24 -41.44 39.98
C THR G 9 17.31 -41.44 41.17
N LEU G 10 16.27 -42.29 41.15
CA LEU G 10 15.33 -42.37 42.26
C LEU G 10 14.79 -43.79 42.37
N SER G 11 14.62 -44.24 43.61
CA SER G 11 14.06 -45.55 43.89
CA SER G 11 14.06 -45.55 43.89
C SER G 11 12.99 -45.41 44.98
N ALA G 12 11.93 -46.19 44.85
CA ALA G 12 10.82 -46.13 45.80
C ALA G 12 10.10 -47.48 45.79
N SER G 13 8.91 -47.50 46.37
CA SER G 13 8.10 -48.71 46.48
C SER G 13 6.77 -48.50 45.76
N VAL G 14 5.90 -49.50 45.88
CA VAL G 14 4.61 -49.47 45.19
C VAL G 14 3.69 -48.44 45.83
N ASN G 15 2.85 -47.81 44.99
CA ASN G 15 1.80 -46.90 45.44
C ASN G 15 2.38 -45.66 46.12
N ASP G 16 3.27 -44.97 45.39
CA ASP G 16 3.86 -43.73 45.86
C ASP G 16 3.74 -42.67 44.78
N ARG G 17 3.75 -41.40 45.22
CA ARG G 17 3.70 -40.26 44.32
C ARG G 17 5.11 -39.72 44.18
N VAL G 18 5.69 -39.86 42.99
CA VAL G 18 7.06 -39.43 42.72
C VAL G 18 7.02 -38.14 41.91
N THR G 19 7.97 -37.25 42.19
CA THR G 19 8.06 -35.95 41.55
C THR G 19 9.40 -35.82 40.84
N LEU G 20 9.38 -35.43 39.57
CA LEU G 20 10.59 -35.22 38.79
C LEU G 20 10.58 -33.78 38.28
N THR G 21 11.71 -33.09 38.43
CA THR G 21 11.83 -31.69 38.07
C THR G 21 12.75 -31.56 36.86
N CYS G 22 12.41 -30.62 35.98
CA CYS G 22 13.19 -30.33 34.78
C CYS G 22 13.33 -28.82 34.68
N ARG G 23 14.56 -28.35 34.48
CA ARG G 23 14.85 -26.93 34.49
C ARG G 23 15.66 -26.54 33.25
N ALA G 24 15.50 -25.28 32.85
CA ALA G 24 16.16 -24.73 31.68
C ALA G 24 16.96 -23.49 32.03
N SER G 25 17.44 -22.76 31.02
CA SER G 25 18.25 -21.58 31.26
C SER G 25 18.02 -20.44 30.27
N GLN G 26 17.07 -20.56 29.34
CA GLN G 26 16.85 -19.53 28.34
C GLN G 26 15.36 -19.51 27.99
N SER G 27 15.02 -18.84 26.89
CA SER G 27 13.62 -18.67 26.51
C SER G 27 13.03 -19.99 26.06
N ILE G 28 12.44 -20.73 27.00
CA ILE G 28 11.97 -22.08 26.75
C ILE G 28 10.54 -22.12 26.24
N SER G 29 9.95 -20.97 25.94
CA SER G 29 8.53 -20.86 25.59
C SER G 29 7.76 -21.43 26.78
N SER G 30 6.73 -22.24 26.58
CA SER G 30 6.09 -22.96 27.67
C SER G 30 5.74 -24.38 27.23
N TRP G 31 6.57 -24.96 26.37
CA TRP G 31 6.32 -26.31 25.86
C TRP G 31 7.41 -27.24 26.37
N LEU G 32 7.00 -28.35 26.97
CA LEU G 32 7.90 -29.39 27.44
C LEU G 32 7.50 -30.71 26.78
N ALA G 33 8.15 -31.78 27.22
CA ALA G 33 7.80 -33.11 26.75
C ALA G 33 8.36 -34.13 27.73
N TRP G 34 7.54 -35.08 28.12
CA TRP G 34 7.95 -36.18 28.98
C TRP G 34 7.75 -37.50 28.25
N TYR G 35 8.84 -38.23 28.05
CA TYR G 35 8.85 -39.51 27.34
C TYR G 35 9.22 -40.63 28.30
N GLN G 36 8.74 -41.84 28.00
CA GLN G 36 9.15 -43.06 28.70
C GLN G 36 9.80 -43.99 27.68
N GLN G 37 10.99 -44.49 28.02
CA GLN G 37 11.75 -45.36 27.12
C GLN G 37 11.94 -46.71 27.82
N LYS G 38 11.12 -47.68 27.44
CA LYS G 38 11.30 -49.03 27.96
C LYS G 38 12.60 -49.62 27.41
N PRO G 39 13.35 -50.36 28.22
CA PRO G 39 14.63 -50.90 27.73
C PRO G 39 14.44 -51.82 26.54
N GLY G 40 15.33 -51.69 25.56
CA GLY G 40 15.28 -52.49 24.36
C GLY G 40 14.25 -52.06 23.34
N LYS G 41 13.52 -50.98 23.58
CA LYS G 41 12.47 -50.55 22.66
C LYS G 41 12.56 -49.06 22.38
N ALA G 42 11.52 -48.50 21.74
CA ALA G 42 11.46 -47.09 21.42
C ALA G 42 10.64 -46.33 22.45
N PRO G 43 11.02 -45.09 22.75
CA PRO G 43 10.25 -44.29 23.72
C PRO G 43 8.85 -43.99 23.21
N LYS G 44 8.03 -43.43 24.10
CA LYS G 44 6.63 -43.18 23.82
C LYS G 44 6.22 -41.83 24.39
N LEU G 45 5.17 -41.25 23.81
CA LEU G 45 4.60 -40.03 24.33
C LEU G 45 3.90 -40.26 25.67
N LEU G 46 4.23 -39.43 26.65
CA LEU G 46 3.47 -39.38 27.89
C LEU G 46 2.92 -37.99 28.17
N ILE G 47 3.75 -36.95 28.12
CA ILE G 47 3.29 -35.60 28.38
C ILE G 47 3.73 -34.69 27.26
N TYR G 48 2.76 -34.01 26.64
CA TYR G 48 3.00 -33.01 25.61
C TYR G 48 2.26 -31.73 25.98
N GLN G 49 2.73 -30.61 25.43
CA GLN G 49 2.18 -29.28 25.71
C GLN G 49 2.40 -28.89 27.16
N ALA G 50 3.18 -29.70 27.89
CA ALA G 50 3.63 -29.43 29.25
C ALA G 50 2.51 -29.55 30.27
N SER G 51 1.26 -29.70 29.82
CA SER G 51 0.17 -29.91 30.76
C SER G 51 -0.92 -30.86 30.24
N SER G 52 -0.82 -31.36 29.02
CA SER G 52 -1.88 -32.15 28.41
C SER G 52 -1.51 -33.61 28.38
N LEU G 53 -2.46 -34.47 28.74
CA LEU G 53 -2.24 -35.91 28.76
C LEU G 53 -2.48 -36.51 27.38
N GLN G 54 -1.56 -37.37 26.96
CA GLN G 54 -1.73 -38.10 25.71
C GLN G 54 -2.83 -39.14 25.85
N SER G 55 -3.52 -39.42 24.75
CA SER G 55 -4.60 -40.39 24.78
C SER G 55 -4.04 -41.80 25.00
N GLY G 56 -4.66 -42.54 25.93
CA GLY G 56 -4.32 -43.91 26.18
C GLY G 56 -3.46 -44.14 27.41
N VAL G 57 -2.78 -43.11 27.91
CA VAL G 57 -1.93 -43.27 29.09
C VAL G 57 -2.82 -43.33 30.33
N PRO G 58 -2.47 -44.11 31.35
CA PRO G 58 -3.19 -44.02 32.62
C PRO G 58 -3.11 -42.62 33.20
N SER G 59 -4.20 -42.21 33.84
CA SER G 59 -4.33 -40.83 34.31
C SER G 59 -3.48 -40.54 35.54
N ARG G 60 -2.84 -41.56 36.14
CA ARG G 60 -2.05 -41.33 37.34
C ARG G 60 -0.90 -40.36 37.11
N PHE G 61 -0.44 -40.21 35.87
CA PHE G 61 0.63 -39.29 35.53
C PHE G 61 0.06 -37.89 35.32
N THR G 62 0.78 -36.89 35.82
CA THR G 62 0.39 -35.50 35.67
C THR G 62 1.63 -34.65 35.42
N GLY G 63 1.41 -33.49 34.82
CA GLY G 63 2.51 -32.57 34.56
C GLY G 63 2.08 -31.13 34.67
N SER G 64 2.94 -30.30 35.25
CA SER G 64 2.59 -28.89 35.47
C SER G 64 3.85 -28.06 35.62
N GLY G 65 3.67 -26.80 35.95
CA GLY G 65 4.77 -25.88 36.16
C GLY G 65 4.92 -24.89 35.00
N SER G 66 5.45 -23.72 35.32
CA SER G 66 5.73 -22.71 34.30
C SER G 66 6.90 -21.86 34.77
N GLY G 67 7.55 -21.21 33.81
CA GLY G 67 8.70 -20.38 34.12
C GLY G 67 10.02 -21.05 33.81
N THR G 68 10.77 -21.43 34.84
CA THR G 68 12.05 -22.10 34.67
C THR G 68 12.08 -23.49 35.27
N GLU G 69 10.98 -23.96 35.86
CA GLU G 69 10.91 -25.29 36.43
C GLU G 69 9.61 -25.95 36.01
N PHE G 70 9.69 -27.25 35.70
CA PHE G 70 8.49 -28.02 35.28
C PHE G 70 8.53 -29.37 35.99
N THR G 71 7.43 -29.79 36.62
CA THR G 71 7.48 -31.02 37.44
C THR G 71 6.57 -32.09 36.89
N LEU G 72 7.05 -33.33 36.77
CA LEU G 72 6.21 -34.47 36.36
C LEU G 72 5.89 -35.27 37.61
N THR G 73 4.64 -35.71 37.81
CA THR G 73 4.29 -36.38 39.05
C THR G 73 3.50 -37.64 38.76
N ILE G 74 3.93 -38.75 39.37
CA ILE G 74 3.18 -40.00 39.35
C ILE G 74 2.44 -40.11 40.67
N SER G 75 1.10 -40.17 40.59
CA SER G 75 0.30 -40.20 41.81
C SER G 75 0.49 -41.49 42.59
N SER G 76 0.40 -42.63 41.90
CA SER G 76 0.56 -43.94 42.53
C SER G 76 1.54 -44.76 41.71
N LEU G 77 2.55 -45.30 42.37
CA LEU G 77 3.56 -46.12 41.69
C LEU G 77 3.01 -47.52 41.44
N GLN G 78 3.02 -47.92 40.17
CA GLN G 78 2.57 -49.25 39.79
C GLN G 78 3.75 -50.13 39.42
N PRO G 79 3.63 -51.45 39.54
CA PRO G 79 4.76 -52.34 39.22
C PRO G 79 5.22 -52.22 37.78
N ASP G 80 4.33 -51.90 36.85
CA ASP G 80 4.66 -51.85 35.43
C ASP G 80 5.14 -50.48 34.98
N ASP G 81 5.70 -49.66 35.87
CA ASP G 81 6.16 -48.33 35.53
C ASP G 81 7.66 -48.13 35.76
N PHE G 82 8.37 -49.17 36.20
CA PHE G 82 9.81 -49.05 36.44
C PHE G 82 10.53 -48.98 35.11
N ALA G 83 10.89 -47.76 34.69
CA ALA G 83 11.54 -47.54 33.40
C ALA G 83 12.28 -46.21 33.47
N THR G 84 12.61 -45.66 32.30
CA THR G 84 13.34 -44.37 32.24
C THR G 84 12.45 -43.30 31.68
N TYR G 85 12.58 -42.08 32.19
CA TYR G 85 11.74 -40.95 31.72
C TYR G 85 12.66 -39.80 31.31
N TYR G 86 12.30 -39.06 30.25
CA TYR G 86 13.22 -38.01 29.74
C TYR G 86 12.50 -36.66 29.57
N CYS G 87 13.25 -35.58 29.33
CA CYS G 87 12.68 -34.21 29.19
C CYS G 87 13.15 -33.58 27.87
N GLN G 88 12.26 -32.96 27.08
CA GLN G 88 12.63 -32.41 25.75
C GLN G 88 12.25 -30.94 25.67
N GLN G 89 12.54 -30.24 24.56
CA GLN G 89 12.15 -28.82 24.40
C GLN G 89 12.15 -28.41 22.93
N PHE G 90 12.26 -27.09 22.65
CA PHE G 90 12.36 -26.63 21.24
C PHE G 90 12.87 -25.21 21.16
N ASN G 91 13.86 -24.84 21.98
CA ASN G 91 14.31 -23.43 22.02
C ASN G 91 14.45 -22.92 20.59
N SER G 92 15.23 -23.61 19.75
CA SER G 92 15.39 -23.25 18.32
C SER G 92 15.81 -24.55 17.64
N TYR G 93 16.85 -25.20 18.13
CA TYR G 93 17.17 -26.55 17.57
C TYR G 93 16.27 -27.51 18.32
N TRP G 94 16.84 -28.52 18.98
CA TRP G 94 16.04 -29.41 19.84
C TRP G 94 17.00 -29.82 20.95
N THR G 95 16.53 -30.35 22.07
CA THR G 95 17.51 -30.82 23.07
C THR G 95 16.86 -31.77 24.02
N PHE G 96 17.37 -32.99 24.14
CA PHE G 96 16.82 -33.90 25.16
C PHE G 96 17.64 -33.68 26.40
N GLY G 97 17.35 -34.39 27.49
CA GLY G 97 18.04 -34.11 28.76
C GLY G 97 18.63 -35.35 29.39
N GLN G 98 19.55 -35.19 30.34
CA GLN G 98 20.25 -36.36 30.94
C GLN G 98 19.23 -37.46 31.23
N GLY G 99 18.18 -37.15 32.00
CA GLY G 99 17.12 -38.15 32.23
C GLY G 99 17.32 -38.96 33.50
N THR G 100 16.24 -39.54 34.03
CA THR G 100 16.31 -40.30 35.28
C THR G 100 15.78 -41.69 35.06
N LYS G 101 16.14 -42.63 35.92
CA LYS G 101 15.59 -44.01 35.83
C LYS G 101 14.86 -44.32 37.14
N VAL G 102 13.69 -44.96 37.04
CA VAL G 102 12.87 -45.24 38.26
C VAL G 102 13.09 -46.70 38.69
N GLU G 103 14.26 -46.99 39.26
CA GLU G 103 14.56 -48.36 39.64
C GLU G 103 13.79 -48.75 40.89
N ILE G 104 13.59 -50.05 41.06
CA ILE G 104 12.86 -50.58 42.20
C ILE G 104 13.72 -51.57 42.97
N VAL H 1 -0.26 -45.68 12.17
CA VAL H 1 1.03 -45.10 11.83
C VAL H 1 2.14 -46.13 12.04
N GLN H 2 3.08 -46.17 11.10
CA GLN H 2 4.19 -47.12 11.17
C GLN H 2 5.39 -46.57 10.44
N LEU H 3 6.58 -46.85 10.98
CA LEU H 3 7.85 -46.48 10.38
C LEU H 3 8.72 -47.73 10.34
N VAL H 4 9.32 -48.00 9.19
CA VAL H 4 10.11 -49.21 8.99
C VAL H 4 11.54 -48.79 8.65
N GLN H 5 12.50 -49.39 9.34
CA GLN H 5 13.91 -49.12 9.13
C GLN H 5 14.61 -50.32 8.53
N SER H 6 15.77 -50.07 7.91
CA SER H 6 16.56 -51.14 7.33
C SER H 6 17.28 -51.92 8.43
N GLY H 7 17.88 -53.04 8.03
CA GLY H 7 18.59 -53.88 8.98
C GLY H 7 19.94 -53.34 9.35
N ALA H 8 20.58 -54.03 10.29
CA ALA H 8 21.88 -53.60 10.78
C ALA H 8 22.94 -53.67 9.68
N GLU H 9 23.88 -52.72 9.72
CA GLU H 9 24.94 -52.65 8.73
C GLU H 9 26.27 -52.41 9.44
N VAL H 10 27.35 -52.86 8.81
CA VAL H 10 28.70 -52.72 9.34
C VAL H 10 29.56 -52.03 8.29
N LYS H 11 30.32 -51.03 8.70
CA LYS H 11 31.19 -50.28 7.80
C LYS H 11 32.54 -50.05 8.48
N LYS H 12 33.57 -49.89 7.64
CA LYS H 12 34.92 -49.62 8.11
C LYS H 12 35.06 -48.15 8.51
N PRO H 13 36.01 -47.83 9.38
CA PRO H 13 36.22 -46.43 9.78
C PRO H 13 36.52 -45.55 8.57
N GLY H 14 35.94 -44.35 8.57
CA GLY H 14 36.08 -43.42 7.47
C GLY H 14 35.09 -43.59 6.35
N ALA H 15 34.36 -44.70 6.31
CA ALA H 15 33.41 -44.94 5.24
C ALA H 15 32.12 -44.18 5.49
N SER H 16 31.16 -44.35 4.57
CA SER H 16 29.86 -43.73 4.67
C SER H 16 28.78 -44.80 4.76
N VAL H 17 27.68 -44.45 5.42
CA VAL H 17 26.54 -45.35 5.61
C VAL H 17 25.27 -44.61 5.26
N LYS H 18 24.22 -45.36 4.95
CA LYS H 18 22.92 -44.79 4.57
C LYS H 18 21.82 -45.63 5.22
N VAL H 19 20.98 -44.99 6.01
CA VAL H 19 19.87 -45.65 6.68
C VAL H 19 18.56 -45.17 6.08
N SER H 20 17.67 -46.09 5.77
CA SER H 20 16.38 -45.79 5.16
C SER H 20 15.26 -45.84 6.20
N CYS H 21 14.24 -45.04 5.98
CA CYS H 21 13.07 -44.99 6.87
C CYS H 21 11.84 -44.81 5.99
N LYS H 22 11.02 -45.87 5.91
CA LYS H 22 9.80 -45.85 5.09
C LYS H 22 8.60 -45.62 6.00
N ALA H 23 7.74 -44.68 5.61
CA ALA H 23 6.58 -44.31 6.41
C ALA H 23 5.31 -44.96 5.84
N SER H 24 4.35 -45.20 6.72
CA SER H 24 3.07 -45.75 6.30
C SER H 24 2.00 -45.36 7.30
N GLY H 25 0.77 -45.18 6.78
CA GLY H 25 -0.37 -44.92 7.62
C GLY H 25 -0.78 -43.47 7.74
N TYR H 26 -0.20 -42.57 6.94
CA TYR H 26 -0.56 -41.16 7.01
C TYR H 26 -0.06 -40.47 5.75
N THR H 27 -0.32 -39.16 5.68
CA THR H 27 0.10 -38.35 4.53
C THR H 27 1.56 -37.97 4.72
N PHE H 28 2.39 -38.35 3.75
CA PHE H 28 3.84 -38.27 3.93
C PHE H 28 4.32 -36.83 4.06
N THR H 29 3.75 -35.92 3.28
CA THR H 29 4.30 -34.57 3.19
C THR H 29 3.73 -33.61 4.22
N SER H 30 2.83 -34.05 5.09
CA SER H 30 2.19 -33.15 6.05
C SER H 30 2.91 -33.09 7.40
N TYR H 31 3.99 -33.83 7.57
CA TYR H 31 4.71 -33.86 8.83
C TYR H 31 6.20 -33.90 8.56
N ASP H 32 6.98 -33.49 9.56
CA ASP H 32 8.42 -33.43 9.43
C ASP H 32 9.07 -34.67 10.01
N ILE H 33 10.26 -34.99 9.50
CA ILE H 33 11.01 -36.18 9.88
C ILE H 33 12.23 -35.76 10.67
N ASN H 34 12.48 -36.43 11.80
CA ASN H 34 13.64 -36.14 12.62
C ASN H 34 14.50 -37.39 12.79
N TRP H 35 15.78 -37.17 13.09
CA TRP H 35 16.71 -38.25 13.36
C TRP H 35 17.36 -38.03 14.72
N VAL H 36 17.37 -39.07 15.54
CA VAL H 36 17.95 -39.04 16.87
C VAL H 36 18.79 -40.29 17.06
N ARG H 37 19.84 -40.18 17.87
CA ARG H 37 20.74 -41.30 18.11
C ARG H 37 20.90 -41.51 19.61
N GLN H 38 21.21 -42.75 19.98
CA GLN H 38 21.37 -43.14 21.38
C GLN H 38 22.57 -44.08 21.48
N ALA H 39 23.67 -43.58 22.03
CA ALA H 39 24.80 -44.43 22.33
C ALA H 39 24.46 -45.38 23.47
N THR H 40 25.03 -46.58 23.41
CA THR H 40 24.80 -47.57 24.47
C THR H 40 25.28 -47.04 25.81
N GLY H 41 24.41 -47.05 26.79
CA GLY H 41 24.74 -46.49 28.09
C GLY H 41 24.77 -44.98 28.14
N GLN H 42 24.26 -44.31 27.13
CA GLN H 42 24.24 -42.85 27.07
C GLN H 42 22.85 -42.35 26.71
N GLY H 43 22.63 -41.06 26.93
CA GLY H 43 21.34 -40.45 26.68
C GLY H 43 21.14 -40.16 25.20
N LEU H 44 19.93 -39.68 24.90
CA LEU H 44 19.57 -39.38 23.53
C LEU H 44 20.28 -38.13 23.03
N GLU H 45 20.48 -38.06 21.72
CA GLU H 45 21.11 -36.90 21.08
C GLU H 45 20.44 -36.68 19.73
N TRP H 46 19.86 -35.50 19.55
CA TRP H 46 19.17 -35.18 18.31
C TRP H 46 20.17 -34.91 17.18
N MET H 47 19.83 -35.32 15.97
CA MET H 47 20.70 -35.18 14.81
C MET H 47 20.25 -34.10 13.84
N GLY H 48 19.01 -34.15 13.36
CA GLY H 48 18.55 -33.19 12.39
C GLY H 48 17.14 -33.45 11.96
N TRP H 49 16.65 -32.56 11.09
CA TRP H 49 15.30 -32.64 10.54
C TRP H 49 15.35 -32.46 9.03
N MET H 50 14.37 -33.05 8.36
CA MET H 50 14.25 -32.95 6.91
C MET H 50 12.78 -32.90 6.52
N ASN H 51 12.33 -31.75 6.04
CA ASN H 51 10.95 -31.59 5.63
C ASN H 51 10.74 -32.27 4.29
N PRO H 52 9.76 -33.15 4.13
CA PRO H 52 9.56 -33.81 2.83
C PRO H 52 8.87 -32.94 1.81
N ASN H 53 7.95 -32.05 2.22
CA ASN H 53 7.19 -31.27 1.25
C ASN H 53 8.10 -30.34 0.45
N SER H 54 9.06 -29.69 1.11
CA SER H 54 9.92 -28.73 0.44
C SER H 54 11.32 -29.26 0.18
N GLY H 55 11.76 -30.25 0.95
CA GLY H 55 13.10 -30.76 0.83
C GLY H 55 14.16 -30.02 1.62
N ASN H 56 13.78 -28.97 2.34
CA ASN H 56 14.73 -28.24 3.16
C ASN H 56 15.23 -29.11 4.30
N THR H 57 16.45 -28.85 4.73
CA THR H 57 17.07 -29.64 5.80
C THR H 57 17.68 -28.73 6.85
N GLY H 58 17.68 -29.22 8.07
CA GLY H 58 18.40 -28.55 9.16
C GLY H 58 19.19 -29.56 9.96
N TYR H 59 20.47 -29.28 10.12
CA TYR H 59 21.38 -30.20 10.78
C TYR H 59 21.92 -29.57 12.06
N ALA H 60 22.22 -30.40 13.05
CA ALA H 60 22.76 -29.92 14.30
C ALA H 60 24.20 -29.43 14.11
N GLN H 61 24.65 -28.58 15.03
CA GLN H 61 25.99 -28.01 14.93
C GLN H 61 27.06 -29.09 15.04
N LYS H 62 26.88 -30.04 15.94
CA LYS H 62 27.90 -31.07 16.15
C LYS H 62 28.05 -32.00 14.94
N PHE H 63 27.04 -32.06 14.08
CA PHE H 63 27.07 -32.93 12.92
C PHE H 63 27.14 -32.18 11.60
N GLN H 64 27.40 -30.87 11.64
CA GLN H 64 27.39 -30.08 10.41
C GLN H 64 28.47 -30.55 9.45
N GLY H 65 28.12 -30.60 8.16
CA GLY H 65 29.06 -30.95 7.12
C GLY H 65 29.31 -32.44 6.94
N ARG H 66 28.64 -33.30 7.70
CA ARG H 66 28.86 -34.73 7.63
C ARG H 66 27.61 -35.53 7.32
N VAL H 67 26.43 -34.97 7.55
CA VAL H 67 25.18 -35.69 7.41
C VAL H 67 24.40 -35.13 6.22
N THR H 68 23.67 -36.00 5.52
CA THR H 68 22.82 -35.59 4.41
C THR H 68 21.49 -36.33 4.52
N MET H 69 20.39 -35.59 4.46
CA MET H 69 19.06 -36.17 4.53
C MET H 69 18.34 -35.96 3.21
N THR H 70 17.81 -37.06 2.65
CA THR H 70 17.16 -37.03 1.35
C THR H 70 15.79 -37.68 1.46
N ARG H 71 15.00 -37.50 0.41
CA ARG H 71 13.59 -37.88 0.42
C ARG H 71 13.21 -38.49 -0.92
N GLN H 72 12.25 -39.41 -0.89
CA GLN H 72 11.67 -40.02 -2.08
C GLN H 72 10.17 -40.04 -1.88
N THR H 73 9.47 -39.05 -2.45
CA THR H 73 8.03 -38.96 -2.26
C THR H 73 7.31 -40.13 -2.91
N SER H 74 7.74 -40.53 -4.10
CA SER H 74 7.11 -41.66 -4.78
C SER H 74 7.17 -42.94 -3.95
N ARG H 75 8.26 -43.15 -3.23
CA ARG H 75 8.35 -44.24 -2.26
C ARG H 75 8.02 -43.78 -0.84
N SER H 76 7.84 -42.49 -0.63
CA SER H 76 7.54 -41.93 0.69
C SER H 76 8.55 -42.39 1.73
N THR H 77 9.82 -42.38 1.33
CA THR H 77 10.89 -42.93 2.16
C THR H 77 12.00 -41.89 2.30
N ALA H 78 12.49 -41.72 3.53
CA ALA H 78 13.59 -40.80 3.80
C ALA H 78 14.89 -41.58 3.96
N TYR H 79 16.00 -40.90 3.69
CA TYR H 79 17.32 -41.50 3.80
C TYR H 79 18.24 -40.58 4.58
N MET H 80 19.01 -41.15 5.49
CA MET H 80 20.02 -40.41 6.25
C MET H 80 21.38 -41.02 5.93
N GLU H 81 22.26 -40.22 5.32
CA GLU H 81 23.59 -40.66 4.93
C GLU H 81 24.62 -39.96 5.79
N LEU H 82 25.42 -40.75 6.50
CA LEU H 82 26.47 -40.24 7.37
C LEU H 82 27.82 -40.60 6.77
N SER H 83 28.66 -39.59 6.57
CA SER H 83 29.98 -39.78 5.99
C SER H 83 31.06 -39.56 7.04
N SER H 84 32.25 -40.08 6.76
CA SER H 84 33.41 -39.94 7.64
C SER H 84 33.10 -40.47 9.04
N LEU H 85 32.44 -41.62 9.09
CA LEU H 85 32.06 -42.22 10.36
C LEU H 85 33.30 -42.56 11.18
N ARG H 86 33.26 -42.23 12.47
CA ARG H 86 34.35 -42.48 13.38
C ARG H 86 33.97 -43.61 14.33
N SER H 87 34.92 -44.00 15.18
CA SER H 87 34.69 -45.11 16.09
C SER H 87 33.57 -44.80 17.08
N GLU H 88 33.53 -43.56 17.58
CA GLU H 88 32.55 -43.19 18.59
C GLU H 88 31.12 -43.18 18.09
N ASP H 89 30.90 -43.28 16.78
CA ASP H 89 29.56 -43.23 16.21
C ASP H 89 28.81 -44.53 16.34
N THR H 90 29.37 -45.53 17.02
CA THR H 90 28.70 -46.82 17.20
C THR H 90 27.49 -46.67 18.12
N ALA H 91 26.29 -46.74 17.55
CA ALA H 91 25.07 -46.58 18.33
C ALA H 91 23.88 -47.07 17.51
N VAL H 92 22.69 -46.75 17.99
CA VAL H 92 21.45 -47.08 17.30
C VAL H 92 20.75 -45.79 16.88
N TYR H 93 20.18 -45.79 15.68
CA TYR H 93 19.54 -44.61 15.12
C TYR H 93 18.05 -44.84 15.00
N TYR H 94 17.26 -43.81 15.28
CA TYR H 94 15.81 -43.84 15.17
C TYR H 94 15.34 -42.81 14.16
N CYS H 95 14.27 -43.12 13.45
CA CYS H 95 13.57 -42.14 12.64
C CYS H 95 12.17 -41.92 13.21
N ALA H 96 11.81 -40.66 13.44
CA ALA H 96 10.60 -40.33 14.15
C ALA H 96 9.86 -39.20 13.45
N ARG H 97 8.56 -39.10 13.72
CA ARG H 97 7.70 -38.09 13.13
C ARG H 97 7.35 -37.04 14.19
N GLU H 98 7.46 -35.77 13.82
CA GLU H 98 7.09 -34.66 14.69
C GLU H 98 5.76 -34.09 14.23
N ASP H 99 4.94 -33.70 15.19
CA ASP H 99 3.62 -33.18 14.89
C ASP H 99 3.48 -31.73 15.05
N TRP H 100 3.09 -31.04 14.00
CA TRP H 100 2.96 -29.60 14.05
C TRP H 100 1.93 -29.05 14.97
N GLY H 101 0.95 -29.81 15.36
CA GLY H 101 -0.04 -29.28 16.25
C GLY H 101 0.29 -29.62 17.66
N SER H 102 1.41 -30.26 17.92
CA SER H 102 1.64 -30.63 19.29
C SER H 102 3.02 -30.61 19.89
N ALA H 103 4.03 -30.16 19.17
CA ALA H 103 5.39 -30.14 19.70
C ALA H 103 5.89 -31.44 20.27
N ALA H 104 5.70 -32.56 19.61
CA ALA H 104 6.18 -33.80 20.23
C ALA H 104 6.43 -34.86 19.17
N PHE H 105 7.10 -35.94 19.57
CA PHE H 105 7.39 -37.05 18.66
C PHE H 105 6.41 -38.17 18.95
N ASP H 106 5.48 -38.39 18.01
CA ASP H 106 4.39 -39.32 18.25
C ASP H 106 4.69 -40.75 17.78
N SER H 107 5.53 -40.94 16.77
CA SER H 107 5.74 -42.27 16.22
C SER H 107 7.24 -42.53 16.08
N TRP H 108 7.66 -43.73 16.47
CA TRP H 108 9.06 -44.13 16.41
C TRP H 108 9.18 -45.48 15.74
N GLY H 109 10.26 -45.66 14.99
CA GLY H 109 10.49 -46.93 14.33
C GLY H 109 11.09 -47.96 15.25
N GLN H 110 11.45 -49.11 14.67
CA GLN H 110 12.06 -50.18 15.43
C GLN H 110 13.51 -49.89 15.79
N GLY H 111 14.19 -49.06 15.04
CA GLY H 111 15.59 -48.77 15.34
C GLY H 111 16.54 -49.65 14.55
N THR H 112 17.70 -49.07 14.24
CA THR H 112 18.75 -49.76 13.49
C THR H 112 20.08 -49.55 14.19
N MET H 113 20.78 -50.65 14.49
CA MET H 113 22.09 -50.55 15.09
C MET H 113 23.16 -50.68 14.00
N VAL H 114 24.17 -49.81 14.05
CA VAL H 114 25.26 -49.83 13.09
C VAL H 114 26.56 -49.94 13.86
N THR H 115 27.43 -50.86 13.44
CA THR H 115 28.70 -51.11 14.10
C THR H 115 29.83 -50.69 13.17
N VAL H 116 30.72 -49.84 13.66
CA VAL H 116 31.90 -49.41 12.93
C VAL H 116 33.10 -50.04 13.64
N SER H 117 33.94 -50.73 12.86
CA SER H 117 35.12 -51.38 13.41
C SER H 117 36.04 -51.88 12.30
N SER H 118 37.34 -51.73 12.50
CA SER H 118 38.33 -52.17 11.52
C SER H 118 38.28 -53.67 11.31
N ALA H 119 38.11 -54.42 12.41
CA ALA H 119 38.03 -55.87 12.34
C ALA H 119 36.93 -56.33 11.40
#